data_6TY9
#
_entry.id   6TY9
#
_cell.length_a   1.00
_cell.length_b   1.00
_cell.length_c   1.00
_cell.angle_alpha   90.00
_cell.angle_beta   90.00
_cell.angle_gamma   90.00
#
_symmetry.space_group_name_H-M   'P 1'
#
loop_
_entity.id
_entity.type
_entity.pdbx_description
1 polymer 'RNA-dependent RNA Polymerase'
2 polymer 'Viral structural protein 4'
3 polymer Transcript
4 polymer "Non-template RNA (5'-D(*(GTA))-R(P*GP*UP*AP*AP*UP*UP*UP*UP*UP*UP*UP*UP*UP*UP*UP*UP*UP*U)-3')"
5 polymer "Template RNA (5'-R(P*AP*AP*AP*AP*AP*AP*AP*AP*AP*AP*AP*AP*AP*AP*UP*UP*AP*CP*U)-3')"
6 non-polymer 'MAGNESIUM ION'
#
loop_
_entity_poly.entity_id
_entity_poly.type
_entity_poly.pdbx_seq_one_letter_code
_entity_poly.pdbx_strand_id
1 'polypeptide(L)'
;MLPNTELYNTIFSETRKFTRESFKEIEHLTAKLANDRVARHDFLFNNSIALISDYSGEDSNGNQLQATVTIPNEITNPKE
YDPSDYPLAEDESFFKQGHKYDYLVTFRAGSLTNTYEPKTKMYKLHAALDKLMHVKQRKSRFADLWRELCAVIASLDVWY
QTTNYPLRTYVKLLFHKGDEFPFYESPSQDKIIFNDKSVASILPTFVYTCCQVGTAIMSGILTHVESIVAMNHFLHCAKD
SYIDEKLKIKGIGRSWYQEALHNVGRATVPVWSQFNEVIGHRTKTTSEPHFVSSTFISLRAKRAELLYPEFNEYINRALR
LSKTQNDVANYYAACRAMTNDGTFLATLTELSLDAAVFPRIEQRLVTRPAVLMSNTRHESLKQKYANGVGSIAQSYLSSF
TDEIAKRVNGIHHDEAWLNFLTTSSPGRKLTEIEKLEVGGDVAAWSNSRIVMQAVFAREYRTPERIFKSLKAPIKLVERQ
QSDRRQRAISGLDNDRLFLSFMPYTIGKQIYDLNDNAAQGKQAGNAFDIGEMLYWTSQRNVLLSSIDVAGMDASVTTNTK
DIYNTFVLDVASKCTVPRFGPYYAKNMEVFEVGKRQSQVKYVNAAWQACALEAANSQTSTSYESEIFGQVKNAEGTYPSG
RADTSTHHTVLLQGLVRGNELKRASDGKNSCLTTIKILGDDIMEIFQGNENDTHDHAVSNASILNESGFATTAELSQNSI
VLLQQLVVNGTFWGFADRISLWTREDTKDIGRLNLAMMELNALIDDLLFRVRRPEGLKMLGFFCGAICLRRFTLSVDNKL
YDSTYNNLSKYMTLVKYDKNPDFDSTLMSLILPLAWLFMPRGGEYPAYPFERRDGTFTEDESMFTARGAYKRRLLYDVSN
IREMIQQNSMVLDDDLLHEYGFTGALLLIDLNILDLIDEVKKEDISPVKVNELATSLEQLGKLGEREKSRRAASDLKIRG
HALSNDIVYGYGLQEKIQKSAMATKETTVQSKRVSSRLHEVIVAKTRDYKIPTMPADALHLYEFEVEDVTVDLLPHAKHT
SYSNLAYNMSFGSDGWFAFALLGGLDRSANLLRLDVASIRGNYHKFSYDDPVFKQGYKIYKSDATLLNDFFVAISAGPKE
QGILLRAFAYYSLYGNVEYHYVLSPRQLFFLSDNPVSAERLVRIPPSYYVSTQCRALYNIFSYLHILRSITSNQGKRLGM
VLHPGLIAYVRGTSQGAILPEADNV
;
A
2 'polypeptide(L)'
;MFAIDPLKHSKLYEEYGLYLRPHQINQEIKPTTIKKKELAPTIRSIKYASLIHSMLAKHAARHNGTLINPRMYADMITLG
NTKVTVTKGTPKAQIDTLKMNGLTVVSKSRRNNKKKPVSDTTATIDENTDDIVTYKALTEMSTLIESFRLPSGLALIIFD
DEKYQSLIPNYINQLIAYTQPHIIPTWQGIADFSDTYLRSYFKRPFELTASNLAAPQKYNLSPMTRSIFNNTGREDAVIR
KLYGYGEYVFIRYEGCLITWTGIYGEVTMMVNLSKRDLGLDVGDDYLKEYKKLLFYGVITDAIPSGISARSTIMKISPHK
MMNPSGGALAVLSKFLEAVVSTNVINATLVVYAEKGAGKTSFLSTYAEQLSLASGQVVGHLSSDAYGRWLAKNKDVEEPS
FAYDYVLSLDTDDNESYYEQKASELLISHGISEVAQYELLSVRKKIKMMDEMNEVLIAQLENADTHSERNFYYMVSTGKT
TPRTLIVEGHFNAQDATIARTDTTVLLRTINDTTQAMRDRQRGGVVQLFLRDTYYRLLPALHTTVYPFEMLESIRRWKWV
H
;
B
3 'polyribonucleotide' A(GTP) M
4 'polyribonucleotide' (GTA)GUAAUUUUUUUUUUUUUU N
5 'polyribonucleotide' AAAAAAAAAAAAAAUUACU T
#
# COMPACT_ATOMS: atom_id res chain seq x y z
N THR A 5 12.95 48.43 -14.08
CA THR A 5 12.48 48.45 -12.70
C THR A 5 11.32 47.46 -12.50
N GLU A 6 10.68 47.10 -13.61
CA GLU A 6 9.58 46.15 -13.60
C GLU A 6 9.91 44.96 -14.49
N LEU A 7 9.46 43.77 -14.07
CA LEU A 7 9.95 42.54 -14.68
C LEU A 7 9.57 42.42 -16.15
N TYR A 8 8.44 42.99 -16.56
CA TYR A 8 8.02 42.91 -17.94
C TYR A 8 8.65 43.98 -18.82
N ASN A 9 9.34 44.94 -18.23
CA ASN A 9 10.04 45.99 -18.97
C ASN A 9 11.54 45.74 -19.06
N THR A 10 12.03 44.64 -18.50
CA THR A 10 13.43 44.33 -18.56
C THR A 10 13.85 43.98 -19.99
N ILE A 11 15.16 43.97 -20.22
CA ILE A 11 15.69 43.59 -21.52
C ILE A 11 15.81 42.08 -21.67
N PHE A 12 15.78 41.32 -20.58
CA PHE A 12 15.62 39.88 -20.70
C PHE A 12 14.22 39.53 -21.16
N SER A 13 13.24 40.40 -20.90
CA SER A 13 11.88 40.15 -21.33
C SER A 13 11.67 40.41 -22.81
N GLU A 14 12.62 41.06 -23.48
CA GLU A 14 12.49 41.32 -24.90
C GLU A 14 13.49 40.53 -25.74
N THR A 15 14.59 40.08 -25.16
CA THR A 15 15.57 39.27 -25.86
C THR A 15 15.58 37.81 -25.43
N ARG A 16 15.26 37.53 -24.17
CA ARG A 16 15.32 36.18 -23.62
C ARG A 16 16.73 35.60 -23.72
N LYS A 17 17.72 36.45 -23.41
CA LYS A 17 19.13 36.05 -23.43
C LYS A 17 19.81 36.61 -22.19
N PHE A 18 20.97 36.07 -21.88
CA PHE A 18 21.72 36.48 -20.70
C PHE A 18 23.00 37.17 -21.15
N THR A 19 22.97 38.50 -21.17
CA THR A 19 24.18 39.28 -21.33
C THR A 19 24.70 39.63 -19.93
N ARG A 20 25.83 40.31 -19.85
CA ARG A 20 26.37 40.68 -18.54
C ARG A 20 25.52 41.71 -17.83
N GLU A 21 24.63 42.40 -18.54
CA GLU A 21 23.70 43.33 -17.92
C GLU A 21 22.29 42.79 -17.78
N SER A 22 21.82 41.98 -18.74
CA SER A 22 20.52 41.34 -18.58
C SER A 22 20.52 40.36 -17.42
N PHE A 23 21.65 39.70 -17.18
CA PHE A 23 21.72 38.71 -16.12
C PHE A 23 21.79 39.34 -14.75
N LYS A 24 22.57 40.42 -14.59
CA LYS A 24 22.65 41.08 -13.30
C LYS A 24 21.34 41.79 -12.96
N GLU A 25 20.62 42.25 -13.98
CA GLU A 25 19.35 42.93 -13.73
C GLU A 25 18.30 41.96 -13.24
N ILE A 26 18.14 40.82 -13.92
CA ILE A 26 17.16 39.83 -13.51
C ILE A 26 17.55 39.21 -12.17
N GLU A 27 18.85 39.13 -11.90
CA GLU A 27 19.31 38.58 -10.63
C GLU A 27 18.86 39.44 -9.46
N HIS A 28 18.93 40.76 -9.62
CA HIS A 28 18.60 41.66 -8.52
C HIS A 28 17.09 41.82 -8.38
N LEU A 29 16.35 41.77 -9.49
CA LEU A 29 14.90 41.94 -9.42
C LEU A 29 14.22 40.69 -8.85
N THR A 30 14.82 39.52 -9.03
CA THR A 30 14.23 38.30 -8.49
C THR A 30 14.59 38.09 -7.04
N ALA A 31 15.80 38.49 -6.64
CA ALA A 31 16.17 38.38 -5.23
C ALA A 31 15.36 39.33 -4.38
N LYS A 32 14.93 40.45 -4.96
CA LYS A 32 14.07 41.38 -4.24
C LYS A 32 12.70 40.78 -3.98
N LEU A 33 12.24 39.90 -4.88
CA LEU A 33 10.95 39.26 -4.69
C LEU A 33 11.01 38.08 -3.72
N ALA A 34 12.19 37.52 -3.50
CA ALA A 34 12.30 36.36 -2.64
C ALA A 34 12.55 36.72 -1.18
N ASN A 35 13.01 37.94 -0.90
CA ASN A 35 13.47 38.26 0.45
C ASN A 35 12.39 38.94 1.30
N ASP A 36 11.88 40.09 0.87
CA ASP A 36 10.93 40.85 1.67
C ASP A 36 9.54 40.77 1.05
N ARG A 37 8.51 40.83 1.90
CA ARG A 37 7.14 40.70 1.46
C ARG A 37 6.49 42.03 1.11
N VAL A 38 7.14 43.15 1.43
CA VAL A 38 6.62 44.44 0.98
C VAL A 38 6.77 44.55 -0.54
N ALA A 39 7.86 44.02 -1.09
CA ALA A 39 8.03 44.02 -2.53
C ALA A 39 7.08 43.05 -3.22
N ARG A 40 6.77 41.92 -2.57
CA ARG A 40 5.82 40.97 -3.13
C ARG A 40 4.42 41.57 -3.18
N HIS A 41 3.98 42.18 -2.08
CA HIS A 41 2.68 42.85 -2.06
C HIS A 41 2.65 43.98 -3.09
N ASP A 42 3.76 44.69 -3.26
CA ASP A 42 3.85 45.71 -4.29
C ASP A 42 3.79 45.09 -5.68
N PHE A 43 4.45 43.95 -5.88
CA PHE A 43 4.49 43.33 -7.19
C PHE A 43 3.11 42.80 -7.59
N LEU A 44 2.40 42.18 -6.66
CA LEU A 44 1.12 41.56 -6.99
C LEU A 44 -0.01 42.58 -7.10
N PHE A 45 0.00 43.59 -6.23
CA PHE A 45 -1.15 44.49 -6.11
C PHE A 45 -0.80 45.93 -6.45
N ASN A 46 -0.03 46.14 -7.51
CA ASN A 46 0.31 47.49 -7.92
C ASN A 46 -0.90 48.16 -8.56
N ASN A 47 -1.02 49.46 -8.37
CA ASN A 47 -2.18 50.19 -8.87
C ASN A 47 -2.10 50.46 -10.36
N SER A 48 -0.98 50.19 -11.01
CA SER A 48 -0.88 50.38 -12.45
C SER A 48 -1.68 49.34 -13.22
N ILE A 49 -1.98 48.20 -12.61
CA ILE A 49 -2.77 47.15 -13.24
C ILE A 49 -4.22 47.65 -13.32
N ALA A 50 -4.70 47.91 -14.54
CA ALA A 50 -6.07 48.34 -14.74
C ALA A 50 -6.97 47.12 -14.86
N LEU A 51 -8.00 47.06 -14.02
CA LEU A 51 -8.89 45.91 -14.01
C LEU A 51 -9.69 45.83 -15.30
N ILE A 52 -9.74 44.63 -15.86
CA ILE A 52 -10.51 44.39 -17.08
C ILE A 52 -11.63 43.42 -16.76
N SER A 53 -12.77 43.64 -17.42
CA SER A 53 -13.93 42.77 -17.24
C SER A 53 -14.27 41.98 -18.48
N ASP A 54 -14.51 42.64 -19.61
CA ASP A 54 -14.74 41.97 -20.87
C ASP A 54 -13.41 41.69 -21.56
N TYR A 55 -13.30 40.49 -22.13
CA TYR A 55 -12.11 40.09 -22.84
C TYR A 55 -12.52 39.38 -24.11
N SER A 56 -11.59 39.32 -25.06
CA SER A 56 -11.83 38.60 -26.30
C SER A 56 -10.50 38.11 -26.84
N GLY A 57 -10.48 36.88 -27.31
CA GLY A 57 -9.27 36.31 -27.87
C GLY A 57 -9.59 35.06 -28.64
N GLU A 58 -8.55 34.25 -28.85
CA GLU A 58 -8.69 32.98 -29.53
C GLU A 58 -8.69 31.84 -28.51
N ASP A 59 -9.47 30.81 -28.80
CA ASP A 59 -9.51 29.64 -27.95
C ASP A 59 -8.29 28.76 -28.27
N SER A 60 -8.27 27.54 -27.74
CA SER A 60 -7.12 26.67 -27.91
C SER A 60 -6.92 26.22 -29.35
N ASN A 61 -7.93 26.37 -30.21
CA ASN A 61 -7.83 25.93 -31.60
C ASN A 61 -7.90 27.09 -32.58
N GLY A 62 -7.79 28.32 -32.10
CA GLY A 62 -7.69 29.47 -32.96
C GLY A 62 -9.00 30.13 -33.31
N ASN A 63 -10.10 29.75 -32.68
CA ASN A 63 -11.39 30.38 -32.93
C ASN A 63 -11.62 31.50 -31.94
N GLN A 64 -12.53 32.41 -32.28
CA GLN A 64 -12.76 33.59 -31.44
C GLN A 64 -13.68 33.25 -30.28
N LEU A 65 -13.37 33.80 -29.11
CA LEU A 65 -14.15 33.58 -27.90
C LEU A 65 -14.22 34.87 -27.09
N GLN A 66 -15.35 35.09 -26.44
CA GLN A 66 -15.57 36.26 -25.59
C GLN A 66 -16.01 35.82 -24.21
N ALA A 67 -15.43 36.42 -23.18
CA ALA A 67 -15.75 36.08 -21.80
C ALA A 67 -15.77 37.34 -20.96
N THR A 68 -16.36 37.24 -19.77
CA THR A 68 -16.43 38.33 -18.82
C THR A 68 -16.02 37.83 -17.45
N VAL A 69 -15.17 38.59 -16.76
CA VAL A 69 -14.77 38.23 -15.40
C VAL A 69 -15.98 38.30 -14.49
N THR A 70 -16.21 37.23 -13.73
CA THR A 70 -17.36 37.14 -12.83
C THR A 70 -16.89 36.53 -11.53
N ILE A 71 -17.07 37.25 -10.43
CA ILE A 71 -16.75 36.77 -9.09
C ILE A 71 -18.04 36.70 -8.29
N PRO A 72 -18.48 35.51 -7.88
CA PRO A 72 -19.75 35.41 -7.16
C PRO A 72 -19.75 36.19 -5.85
N ASN A 73 -20.96 36.49 -5.38
CA ASN A 73 -21.10 37.29 -4.17
C ASN A 73 -20.77 36.49 -2.91
N GLU A 74 -20.89 35.17 -2.96
CA GLU A 74 -20.60 34.33 -1.80
C GLU A 74 -19.12 34.29 -1.45
N ILE A 75 -18.25 34.77 -2.32
CA ILE A 75 -16.81 34.79 -2.07
C ILE A 75 -16.37 36.16 -1.58
N THR A 76 -16.97 37.23 -2.10
CA THR A 76 -16.63 38.57 -1.62
C THR A 76 -17.31 38.86 -0.29
N ASN A 77 -18.56 38.45 -0.13
CA ASN A 77 -19.32 38.60 1.11
C ASN A 77 -19.76 37.22 1.57
N PRO A 78 -18.90 36.49 2.27
CA PRO A 78 -19.27 35.14 2.70
C PRO A 78 -20.36 35.17 3.76
N LYS A 79 -20.99 34.01 3.94
CA LYS A 79 -22.05 33.89 4.93
C LYS A 79 -21.43 33.63 6.31
N GLU A 80 -22.30 33.60 7.32
CA GLU A 80 -21.85 33.25 8.65
C GLU A 80 -21.72 31.74 8.78
N TYR A 81 -20.84 31.31 9.67
CA TYR A 81 -20.60 29.88 9.84
C TYR A 81 -21.86 29.22 10.36
N ASP A 82 -22.40 28.28 9.59
CA ASP A 82 -23.60 27.55 9.97
C ASP A 82 -23.19 26.25 10.67
N PRO A 83 -23.47 26.09 11.96
CA PRO A 83 -23.07 24.85 12.64
C PRO A 83 -23.84 23.62 12.20
N SER A 84 -24.89 23.78 11.42
CA SER A 84 -25.65 22.65 10.89
C SER A 84 -25.04 22.06 9.64
N ASP A 85 -23.91 22.59 9.18
CA ASP A 85 -23.25 22.03 8.00
C ASP A 85 -22.38 20.84 8.36
N TYR A 86 -22.15 20.61 9.65
CA TYR A 86 -21.39 19.47 10.15
C TYR A 86 -22.15 18.87 11.32
N PRO A 87 -23.22 18.13 11.06
CA PRO A 87 -24.04 17.60 12.15
C PRO A 87 -23.38 16.42 12.85
N LEU A 88 -24.02 15.93 13.92
CA LEU A 88 -23.54 14.76 14.63
C LEU A 88 -24.71 13.82 14.86
N ALA A 89 -24.39 12.59 15.25
CA ALA A 89 -25.42 11.63 15.61
C ALA A 89 -26.02 11.98 16.96
N GLU A 90 -27.23 11.46 17.21
CA GLU A 90 -27.91 11.77 18.46
C GLU A 90 -27.09 11.35 19.68
N ASP A 91 -26.31 10.28 19.56
CA ASP A 91 -25.36 9.93 20.61
C ASP A 91 -24.11 10.80 20.58
N GLU A 92 -23.91 11.56 19.50
CA GLU A 92 -22.71 12.40 19.32
C GLU A 92 -21.43 11.57 19.33
N SER A 93 -21.55 10.31 18.93
CA SER A 93 -20.40 9.42 18.85
C SER A 93 -19.66 9.54 17.52
N PHE A 94 -20.30 10.10 16.50
CA PHE A 94 -19.67 10.31 15.21
C PHE A 94 -20.51 11.31 14.43
N PHE A 95 -20.00 11.73 13.29
CA PHE A 95 -20.76 12.57 12.39
C PHE A 95 -22.02 11.85 11.92
N LYS A 96 -23.00 12.63 11.50
CA LYS A 96 -24.26 12.07 11.00
C LYS A 96 -24.00 11.12 9.84
N GLN A 97 -24.94 10.21 9.62
CA GLN A 97 -24.75 9.15 8.64
C GLN A 97 -24.59 9.73 7.23
N GLY A 98 -25.64 10.32 6.69
CA GLY A 98 -25.50 10.98 5.41
C GLY A 98 -25.38 12.47 5.58
N HIS A 99 -24.16 12.99 5.53
CA HIS A 99 -23.92 14.42 5.71
C HIS A 99 -23.39 14.99 4.41
N LYS A 100 -23.82 16.22 4.09
CA LYS A 100 -23.65 16.76 2.76
C LYS A 100 -22.20 17.12 2.46
N TYR A 101 -21.48 17.64 3.44
CA TYR A 101 -20.17 18.22 3.21
C TYR A 101 -19.10 17.38 3.90
N ASP A 102 -18.14 16.90 3.11
CA ASP A 102 -16.94 16.26 3.62
C ASP A 102 -15.74 17.17 3.60
N TYR A 103 -15.88 18.39 3.09
CA TYR A 103 -14.74 19.29 2.94
C TYR A 103 -15.07 20.67 3.48
N LEU A 104 -14.16 21.62 3.29
CA LEU A 104 -14.32 22.95 3.86
C LEU A 104 -15.41 23.71 3.12
N VAL A 105 -16.39 24.19 3.88
CA VAL A 105 -17.48 24.98 3.35
C VAL A 105 -17.06 26.45 3.32
N THR A 106 -17.65 27.22 2.41
CA THR A 106 -17.31 28.63 2.25
C THR A 106 -18.13 29.45 3.24
N PHE A 107 -17.45 30.05 4.20
CA PHE A 107 -18.07 30.96 5.16
C PHE A 107 -17.05 32.03 5.53
N ARG A 108 -17.49 33.01 6.31
CA ARG A 108 -16.60 34.08 6.73
C ARG A 108 -15.55 33.55 7.69
N ALA A 109 -14.30 33.99 7.50
CA ALA A 109 -13.19 33.41 8.26
C ALA A 109 -13.34 33.66 9.76
N GLY A 110 -13.70 34.86 10.17
CA GLY A 110 -13.88 35.14 11.58
C GLY A 110 -15.18 34.66 12.17
N SER A 111 -16.05 34.09 11.35
CA SER A 111 -17.34 33.60 11.81
C SER A 111 -17.25 32.32 12.63
N LEU A 112 -16.09 31.66 12.63
CA LEU A 112 -15.91 30.41 13.36
C LEU A 112 -15.25 30.71 14.70
N THR A 113 -16.05 30.68 15.77
CA THR A 113 -15.58 30.97 17.10
C THR A 113 -15.86 29.79 18.02
N ASN A 114 -14.98 29.59 18.99
CA ASN A 114 -15.03 28.43 19.88
C ASN A 114 -15.31 28.94 21.29
N THR A 115 -16.59 29.09 21.61
CA THR A 115 -17.04 29.65 22.88
C THR A 115 -17.59 28.57 23.81
N TYR A 116 -16.99 27.39 23.81
CA TYR A 116 -17.42 26.29 24.64
C TYR A 116 -16.37 26.00 25.69
N GLU A 117 -16.79 25.34 26.76
CA GLU A 117 -15.85 24.94 27.80
C GLU A 117 -14.95 23.82 27.28
N PRO A 118 -13.65 23.87 27.57
CA PRO A 118 -12.75 22.82 27.09
C PRO A 118 -13.14 21.44 27.62
N LYS A 119 -12.58 20.42 26.98
CA LYS A 119 -12.84 19.01 27.33
C LYS A 119 -14.30 18.65 27.14
N THR A 120 -14.95 19.29 26.17
CA THR A 120 -16.35 19.07 25.87
C THR A 120 -16.49 18.72 24.40
N LYS A 121 -17.58 18.04 24.05
CA LYS A 121 -17.75 17.56 22.68
C LYS A 121 -17.79 18.71 21.68
N MET A 122 -18.62 19.72 21.91
CA MET A 122 -18.73 20.81 20.96
C MET A 122 -17.46 21.67 20.94
N TYR A 123 -16.69 21.65 22.02
CA TYR A 123 -15.39 22.31 22.00
C TYR A 123 -14.42 21.56 21.10
N LYS A 124 -14.41 20.23 21.18
CA LYS A 124 -13.53 19.44 20.33
C LYS A 124 -13.91 19.57 18.87
N LEU A 125 -15.22 19.56 18.58
CA LEU A 125 -15.66 19.70 17.20
C LEU A 125 -15.21 21.02 16.60
N HIS A 126 -15.13 22.07 17.41
CA HIS A 126 -14.72 23.37 16.91
C HIS A 126 -13.21 23.55 16.93
N ALA A 127 -12.52 22.90 17.86
CA ALA A 127 -11.06 22.92 17.83
C ALA A 127 -10.53 22.15 16.64
N ALA A 128 -11.31 21.21 16.13
CA ALA A 128 -10.92 20.47 14.93
C ALA A 128 -11.36 21.17 13.67
N LEU A 129 -12.58 21.73 13.65
CA LEU A 129 -13.02 22.52 12.51
C LEU A 129 -12.14 23.75 12.29
N ASP A 130 -11.49 24.23 13.35
CA ASP A 130 -10.52 25.30 13.22
C ASP A 130 -9.27 24.80 12.50
N LYS A 131 -8.85 23.57 12.80
CA LYS A 131 -7.66 23.01 12.14
C LYS A 131 -7.94 22.70 10.68
N LEU A 132 -9.21 22.50 10.32
CA LEU A 132 -9.57 22.27 8.93
C LEU A 132 -9.31 23.51 8.08
N MET A 133 -9.54 24.69 8.67
CA MET A 133 -9.34 25.93 7.94
C MET A 133 -7.92 26.47 8.02
N HIS A 134 -7.20 26.20 9.12
CA HIS A 134 -5.91 26.82 9.35
C HIS A 134 -4.72 25.91 9.11
N VAL A 135 -4.90 24.60 9.12
CA VAL A 135 -3.79 23.66 9.02
C VAL A 135 -3.90 22.78 7.78
N LYS A 136 -5.07 22.22 7.51
CA LYS A 136 -5.24 21.35 6.35
C LYS A 136 -5.18 22.09 5.03
N GLN A 137 -5.09 23.42 5.04
CA GLN A 137 -5.04 24.20 3.82
C GLN A 137 -3.64 24.60 3.40
N ARG A 138 -2.68 24.67 4.33
CA ARG A 138 -1.33 25.04 3.96
C ARG A 138 -0.63 23.81 3.41
N LYS A 139 -0.60 23.73 2.07
CA LYS A 139 0.07 22.64 1.36
C LYS A 139 0.82 23.27 0.20
N SER A 140 2.07 23.66 0.44
CA SER A 140 2.91 24.25 -0.58
C SER A 140 4.13 23.35 -0.79
N ARG A 141 4.56 23.25 -2.04
CA ARG A 141 5.63 22.30 -2.35
C ARG A 141 7.00 22.89 -2.07
N PHE A 142 7.24 24.12 -2.52
CA PHE A 142 8.59 24.68 -2.52
C PHE A 142 8.81 25.76 -1.48
N ALA A 143 7.92 26.75 -1.40
CA ALA A 143 8.12 27.88 -0.52
C ALA A 143 6.76 28.37 -0.02
N ASP A 144 6.75 29.56 0.55
CA ASP A 144 5.51 30.24 0.92
C ASP A 144 4.60 30.37 -0.29
N LEU A 145 3.30 30.45 -0.02
CA LEU A 145 2.33 30.47 -1.11
C LEU A 145 2.30 31.80 -1.84
N TRP A 146 2.61 32.89 -1.15
CA TRP A 146 2.70 34.18 -1.83
C TRP A 146 3.98 34.28 -2.66
N ARG A 147 5.01 33.53 -2.30
CA ARG A 147 6.19 33.45 -3.15
C ARG A 147 5.91 32.64 -4.40
N GLU A 148 5.11 31.58 -4.28
CA GLU A 148 4.81 30.74 -5.43
C GLU A 148 3.87 31.46 -6.39
N LEU A 149 3.00 32.32 -5.89
CA LEU A 149 2.17 33.11 -6.78
C LEU A 149 3.00 34.16 -7.50
N CYS A 150 3.99 34.73 -6.81
CA CYS A 150 4.89 35.69 -7.45
C CYS A 150 5.66 35.03 -8.59
N ALA A 151 6.01 33.75 -8.44
CA ALA A 151 6.78 33.06 -9.47
C ALA A 151 5.96 32.83 -10.73
N VAL A 152 4.66 32.54 -10.57
CA VAL A 152 3.81 32.33 -11.73
C VAL A 152 3.50 33.64 -12.42
N ILE A 153 3.35 34.71 -11.64
CA ILE A 153 3.01 36.00 -12.23
C ILE A 153 4.24 36.64 -12.84
N ALA A 154 5.43 36.36 -12.30
CA ALA A 154 6.66 36.88 -12.91
C ALA A 154 6.86 36.29 -14.29
N SER A 155 6.62 34.99 -14.44
CA SER A 155 6.86 34.35 -15.73
C SER A 155 5.81 34.77 -16.76
N LEU A 156 4.58 34.98 -16.31
CA LEU A 156 3.55 35.44 -17.24
C LEU A 156 3.82 36.87 -17.69
N ASP A 157 4.59 37.62 -16.91
CA ASP A 157 4.94 38.99 -17.28
C ASP A 157 6.13 39.00 -18.23
N VAL A 158 7.17 38.25 -17.91
CA VAL A 158 8.36 38.21 -18.74
C VAL A 158 8.08 37.56 -20.08
N TRP A 159 7.13 36.64 -20.15
CA TRP A 159 6.84 35.95 -21.41
C TRP A 159 6.02 36.83 -22.33
N TYR A 160 5.02 37.51 -21.78
CA TYR A 160 4.11 38.30 -22.60
C TYR A 160 4.49 39.77 -22.69
N GLN A 161 5.54 40.19 -22.00
CA GLN A 161 6.08 41.54 -21.99
C GLN A 161 5.02 42.58 -21.62
N THR A 162 3.89 42.17 -21.05
CA THR A 162 2.84 43.08 -20.66
C THR A 162 2.30 42.69 -19.29
N THR A 163 1.41 43.50 -18.75
CA THR A 163 0.71 43.19 -17.52
C THR A 163 -0.79 43.06 -17.70
N ASN A 164 -1.33 43.39 -18.88
CA ASN A 164 -2.77 43.38 -19.11
C ASN A 164 -3.21 42.00 -19.59
N TYR A 165 -3.29 41.07 -18.65
CA TYR A 165 -3.93 39.81 -18.93
C TYR A 165 -4.92 39.47 -17.83
N PRO A 166 -5.93 38.62 -18.12
CA PRO A 166 -7.02 38.45 -17.17
C PRO A 166 -6.62 37.88 -15.82
N LEU A 167 -5.47 37.20 -15.70
CA LEU A 167 -5.15 36.60 -14.42
C LEU A 167 -4.67 37.63 -13.42
N ARG A 168 -4.15 38.77 -13.87
CA ARG A 168 -3.74 39.80 -12.93
C ARG A 168 -4.94 40.40 -12.20
N THR A 169 -6.07 40.60 -12.90
CA THR A 169 -7.22 41.18 -12.24
C THR A 169 -7.87 40.22 -11.26
N TYR A 170 -7.82 38.91 -11.54
CA TYR A 170 -8.30 37.93 -10.58
C TYR A 170 -7.49 37.97 -9.30
N VAL A 171 -6.17 38.09 -9.41
CA VAL A 171 -5.32 38.16 -8.23
C VAL A 171 -5.63 39.42 -7.43
N LYS A 172 -5.86 40.53 -8.12
CA LYS A 172 -6.12 41.79 -7.42
C LYS A 172 -7.53 41.84 -6.87
N LEU A 173 -8.50 41.29 -7.59
CA LEU A 173 -9.89 41.30 -7.13
C LEU A 173 -10.16 40.27 -6.04
N LEU A 174 -9.23 39.36 -5.76
CA LEU A 174 -9.45 38.30 -4.79
C LEU A 174 -8.70 38.50 -3.49
N PHE A 175 -7.44 38.95 -3.56
CA PHE A 175 -6.57 38.96 -2.39
C PHE A 175 -6.13 40.35 -1.96
N HIS A 176 -6.52 41.40 -2.66
CA HIS A 176 -6.10 42.75 -2.29
C HIS A 176 -7.12 43.31 -1.32
N LYS A 177 -6.91 43.04 -0.04
CA LYS A 177 -7.76 43.52 1.04
C LYS A 177 -6.87 44.32 1.99
N GLY A 178 -6.68 45.60 1.68
CA GLY A 178 -5.87 46.46 2.53
C GLY A 178 -4.46 46.65 2.03
N ASP A 179 -3.55 46.93 2.96
CA ASP A 179 -2.15 47.22 2.64
C ASP A 179 -1.23 46.08 3.02
N GLU A 180 -1.80 44.97 3.47
CA GLU A 180 -1.02 43.76 3.73
C GLU A 180 -1.76 42.59 3.09
N PHE A 181 -1.18 41.40 3.26
CA PHE A 181 -1.82 40.22 2.73
C PHE A 181 -3.00 39.83 3.62
N PRO A 182 -4.06 39.26 3.05
CA PRO A 182 -5.18 38.79 3.88
C PRO A 182 -4.79 37.70 4.84
N PHE A 183 -3.76 36.94 4.53
CA PHE A 183 -3.31 35.85 5.38
C PHE A 183 -1.87 35.52 5.02
N TYR A 184 -1.19 34.87 5.94
CA TYR A 184 0.14 34.34 5.69
C TYR A 184 0.24 32.98 6.37
N GLU A 185 1.37 32.31 6.19
CA GLU A 185 1.61 31.05 6.86
C GLU A 185 2.89 31.15 7.67
N SER A 186 2.77 30.85 8.96
CA SER A 186 3.93 30.90 9.84
C SER A 186 4.54 29.52 9.93
N PRO A 187 5.76 29.32 9.41
CA PRO A 187 6.40 28.00 9.52
C PRO A 187 6.69 27.58 10.96
N SER A 188 6.69 28.52 11.90
CA SER A 188 6.93 28.19 13.30
C SER A 188 5.72 27.53 13.93
N GLN A 189 4.55 28.15 13.80
CA GLN A 189 3.32 27.57 14.32
C GLN A 189 2.73 26.51 13.42
N ASP A 190 3.27 26.35 12.21
CA ASP A 190 2.74 25.38 11.23
C ASP A 190 1.27 25.65 10.97
N LYS A 191 0.94 26.91 10.72
CA LYS A 191 -0.44 27.36 10.69
C LYS A 191 -0.58 28.52 9.71
N ILE A 192 -1.82 28.77 9.29
CA ILE A 192 -2.13 29.93 8.48
C ILE A 192 -2.79 30.98 9.37
N ILE A 193 -2.18 32.17 9.46
CA ILE A 193 -2.77 33.25 10.23
C ILE A 193 -3.53 34.18 9.31
N PHE A 194 -4.74 34.55 9.72
CA PHE A 194 -5.56 35.47 8.96
C PHE A 194 -5.37 36.89 9.50
N ASN A 195 -4.92 37.79 8.63
CA ASN A 195 -4.89 39.20 8.99
C ASN A 195 -6.25 39.85 8.81
N ASP A 196 -6.91 39.57 7.69
CA ASP A 196 -8.27 40.00 7.45
C ASP A 196 -9.21 38.85 7.82
N LYS A 197 -10.00 39.04 8.87
CA LYS A 197 -10.94 38.01 9.29
C LYS A 197 -12.26 38.09 8.54
N SER A 198 -12.50 39.17 7.79
CA SER A 198 -13.75 39.37 7.06
C SER A 198 -13.72 38.68 5.71
N VAL A 199 -12.80 37.72 5.55
CA VAL A 199 -12.47 37.15 4.26
C VAL A 199 -13.04 35.74 4.21
N ALA A 200 -13.07 35.17 3.01
CA ALA A 200 -13.63 33.84 2.83
C ALA A 200 -12.70 32.78 3.40
N SER A 201 -13.30 31.74 3.96
CA SER A 201 -12.51 30.68 4.58
C SER A 201 -11.75 29.86 3.55
N ILE A 202 -12.17 29.91 2.29
CA ILE A 202 -11.67 29.02 1.26
C ILE A 202 -10.58 29.70 0.44
N LEU A 203 -10.32 30.98 0.69
CA LEU A 203 -9.38 31.71 -0.15
C LEU A 203 -7.95 31.21 -0.09
N PRO A 204 -7.40 30.74 1.03
CA PRO A 204 -6.01 30.24 1.00
C PRO A 204 -5.76 29.18 -0.06
N THR A 205 -6.77 28.43 -0.46
CA THR A 205 -6.57 27.44 -1.53
C THR A 205 -6.59 28.10 -2.90
N PHE A 206 -7.36 29.18 -3.05
CA PHE A 206 -7.49 29.80 -4.37
C PHE A 206 -6.20 30.49 -4.79
N VAL A 207 -5.22 30.56 -3.89
CA VAL A 207 -3.90 31.06 -4.24
C VAL A 207 -3.19 29.99 -5.05
N TYR A 208 -3.50 28.73 -4.75
CA TYR A 208 -2.95 27.63 -5.54
C TYR A 208 -3.69 27.47 -6.86
N THR A 209 -4.99 27.74 -6.88
CA THR A 209 -5.73 27.65 -8.12
C THR A 209 -5.21 28.65 -9.15
N CYS A 210 -4.86 29.85 -8.69
CA CYS A 210 -4.25 30.83 -9.59
C CYS A 210 -2.89 30.35 -10.07
N CYS A 211 -2.13 29.70 -9.19
CA CYS A 211 -0.85 29.13 -9.61
C CYS A 211 -1.04 28.06 -10.68
N GLN A 212 -2.06 27.23 -10.53
CA GLN A 212 -2.29 26.15 -11.48
C GLN A 212 -2.85 26.68 -12.80
N VAL A 213 -3.76 27.65 -12.73
CA VAL A 213 -4.36 28.19 -13.95
C VAL A 213 -3.31 28.96 -14.75
N GLY A 214 -2.42 29.68 -14.06
CA GLY A 214 -1.34 30.34 -14.76
C GLY A 214 -0.30 29.37 -15.27
N THR A 215 -0.20 28.19 -14.64
CA THR A 215 0.71 27.16 -15.13
C THR A 215 0.22 26.56 -16.44
N ALA A 216 -1.10 26.48 -16.62
CA ALA A 216 -1.63 25.94 -17.87
C ALA A 216 -1.52 26.94 -19.01
N ILE A 217 -1.52 28.24 -18.70
CA ILE A 217 -1.33 29.24 -19.75
C ILE A 217 0.10 29.22 -20.27
N MET A 218 1.07 29.16 -19.36
CA MET A 218 2.47 29.02 -19.77
C MET A 218 2.70 27.75 -20.57
N SER A 219 1.83 26.75 -20.37
CA SER A 219 2.00 25.44 -20.99
C SER A 219 1.40 25.36 -22.38
N GLY A 220 0.63 26.37 -22.78
CA GLY A 220 -0.06 26.33 -24.05
C GLY A 220 -1.40 25.65 -24.01
N ILE A 221 -1.81 25.13 -22.86
CA ILE A 221 -3.07 24.39 -22.77
C ILE A 221 -4.26 25.36 -22.76
N LEU A 222 -4.19 26.37 -21.91
CA LEU A 222 -5.20 27.41 -21.89
C LEU A 222 -4.67 28.66 -22.57
N THR A 223 -5.58 29.45 -23.11
CA THR A 223 -5.28 30.79 -23.59
C THR A 223 -5.61 31.79 -22.49
N HIS A 224 -5.54 33.07 -22.81
CA HIS A 224 -5.88 34.08 -21.81
C HIS A 224 -7.38 34.18 -21.62
N VAL A 225 -8.16 34.03 -22.70
CA VAL A 225 -9.61 34.12 -22.57
C VAL A 225 -10.16 32.84 -21.96
N GLU A 226 -9.49 31.70 -22.17
CA GLU A 226 -9.92 30.46 -21.56
C GLU A 226 -9.59 30.43 -20.08
N SER A 227 -8.59 31.20 -19.64
CA SER A 227 -8.31 31.33 -18.21
C SER A 227 -9.46 32.01 -17.49
N ILE A 228 -10.26 32.81 -18.20
CA ILE A 228 -11.46 33.39 -17.59
C ILE A 228 -12.51 32.31 -17.38
N VAL A 229 -12.81 31.56 -18.44
CA VAL A 229 -13.77 30.47 -18.35
C VAL A 229 -13.37 29.48 -17.27
N ALA A 230 -12.07 29.28 -17.07
CA ALA A 230 -11.61 28.34 -16.05
C ALA A 230 -11.72 28.93 -14.65
N MET A 231 -11.33 30.19 -14.48
CA MET A 231 -11.43 30.81 -13.15
C MET A 231 -12.87 31.11 -12.77
N ASN A 232 -13.72 31.42 -13.76
CA ASN A 232 -15.13 31.64 -13.46
C ASN A 232 -15.80 30.34 -13.04
N HIS A 233 -15.32 29.22 -13.58
CA HIS A 233 -15.92 27.93 -13.25
C HIS A 233 -15.49 27.47 -11.86
N PHE A 234 -14.25 27.77 -11.49
CA PHE A 234 -13.77 27.39 -10.16
C PHE A 234 -14.46 28.20 -9.08
N LEU A 235 -14.67 29.50 -9.31
CA LEU A 235 -15.35 30.33 -8.33
C LEU A 235 -16.82 30.00 -8.22
N HIS A 236 -17.42 29.44 -9.27
CA HIS A 236 -18.80 29.01 -9.19
C HIS A 236 -18.95 27.77 -8.32
N CYS A 237 -17.94 26.92 -8.27
CA CYS A 237 -18.02 25.76 -7.39
C CYS A 237 -17.80 26.14 -5.94
N ALA A 238 -17.04 27.20 -5.68
CA ALA A 238 -16.74 27.62 -4.32
C ALA A 238 -17.90 28.35 -3.66
N LYS A 239 -19.06 28.41 -4.30
CA LYS A 239 -20.19 29.13 -3.72
C LYS A 239 -20.71 28.43 -2.47
N ASP A 240 -20.87 27.11 -2.53
CA ASP A 240 -21.26 26.34 -1.35
C ASP A 240 -20.07 25.61 -0.73
N SER A 241 -19.43 24.73 -1.48
CA SER A 241 -18.24 24.04 -1.01
C SER A 241 -17.40 23.67 -2.23
N TYR A 242 -16.14 24.10 -2.22
CA TYR A 242 -15.29 23.96 -3.40
C TYR A 242 -15.08 22.50 -3.79
N ILE A 243 -14.55 21.70 -2.86
CA ILE A 243 -14.14 20.35 -3.21
C ILE A 243 -15.34 19.44 -3.45
N ASP A 244 -16.46 19.69 -2.76
CA ASP A 244 -17.62 18.84 -2.94
C ASP A 244 -18.24 19.03 -4.32
N GLU A 245 -18.17 20.24 -4.86
CA GLU A 245 -18.74 20.49 -6.17
C GLU A 245 -17.81 20.05 -7.29
N LYS A 246 -16.50 20.12 -7.08
CA LYS A 246 -15.56 19.70 -8.10
C LYS A 246 -15.60 18.20 -8.32
N LEU A 247 -15.66 17.43 -7.23
CA LEU A 247 -15.74 15.98 -7.34
C LEU A 247 -17.04 15.53 -8.00
N LYS A 248 -18.07 16.35 -7.96
CA LYS A 248 -19.38 15.97 -8.46
C LYS A 248 -19.53 16.19 -9.96
N ILE A 249 -18.62 16.92 -10.58
CA ILE A 249 -18.70 17.23 -12.00
C ILE A 249 -17.38 16.88 -12.67
N LYS A 250 -16.50 16.21 -11.93
CA LYS A 250 -15.19 15.86 -12.46
C LYS A 250 -15.30 15.05 -13.74
N GLY A 251 -16.12 14.01 -13.73
CA GLY A 251 -16.23 13.14 -14.89
C GLY A 251 -17.17 13.64 -15.97
N ILE A 252 -18.20 14.41 -15.60
CA ILE A 252 -19.17 14.86 -16.57
C ILE A 252 -18.58 15.94 -17.48
N GLY A 253 -17.69 16.75 -16.93
CA GLY A 253 -17.01 17.75 -17.73
C GLY A 253 -15.87 17.22 -18.56
N ARG A 254 -15.58 15.93 -18.48
CA ARG A 254 -14.50 15.33 -19.23
C ARG A 254 -14.96 14.31 -20.26
N SER A 255 -16.06 13.60 -20.02
CA SER A 255 -16.47 12.50 -20.87
C SER A 255 -17.23 12.95 -22.11
N TRP A 256 -17.17 14.24 -22.45
CA TRP A 256 -17.82 14.72 -23.66
C TRP A 256 -17.00 14.45 -24.91
N TYR A 257 -15.70 14.16 -24.78
CA TYR A 257 -14.81 14.12 -25.93
C TYR A 257 -15.09 12.96 -26.86
N GLN A 258 -15.74 11.91 -26.37
CA GLN A 258 -16.04 10.78 -27.24
C GLN A 258 -17.15 11.13 -28.21
N GLU A 259 -18.06 12.03 -27.81
CA GLU A 259 -19.07 12.51 -28.74
C GLU A 259 -18.48 13.49 -29.75
N ALA A 260 -17.57 14.35 -29.30
CA ALA A 260 -16.95 15.32 -30.21
C ALA A 260 -16.10 14.62 -31.25
N LEU A 261 -15.43 13.53 -30.89
CA LEU A 261 -14.64 12.75 -31.83
C LEU A 261 -15.51 11.99 -32.82
N HIS A 262 -16.72 11.62 -32.43
CA HIS A 262 -17.64 10.95 -33.35
C HIS A 262 -18.08 11.89 -34.46
N ASN A 263 -18.30 13.17 -34.13
CA ASN A 263 -18.77 14.15 -35.09
C ASN A 263 -17.69 14.59 -36.07
N VAL A 264 -16.41 14.36 -35.74
CA VAL A 264 -15.34 14.70 -36.67
C VAL A 264 -15.47 13.89 -37.95
N GLY A 265 -15.82 12.61 -37.81
CA GLY A 265 -16.09 11.75 -38.95
C GLY A 265 -14.92 10.96 -39.48
N ARG A 266 -13.91 11.65 -39.99
CA ARG A 266 -12.72 11.03 -40.54
C ARG A 266 -11.51 11.53 -39.78
N ALA A 267 -10.43 10.75 -39.79
CA ALA A 267 -9.18 11.16 -39.18
C ALA A 267 -8.03 10.42 -39.84
N THR A 268 -6.97 11.14 -40.16
CA THR A 268 -5.72 10.54 -40.64
C THR A 268 -4.84 10.35 -39.42
N VAL A 269 -4.48 9.10 -39.13
CA VAL A 269 -3.83 8.75 -37.88
C VAL A 269 -2.62 7.89 -38.20
N PRO A 270 -1.63 7.85 -37.32
CA PRO A 270 -0.48 6.98 -37.54
C PRO A 270 -0.81 5.53 -37.22
N VAL A 271 -0.03 4.63 -37.82
CA VAL A 271 -0.23 3.20 -37.69
C VAL A 271 1.02 2.61 -37.06
N TRP A 272 0.83 1.79 -36.03
CA TRP A 272 1.95 1.23 -35.27
C TRP A 272 2.15 -0.24 -35.57
N SER A 273 3.40 -0.62 -35.73
CA SER A 273 3.79 -2.01 -35.91
C SER A 273 3.68 -2.74 -34.57
N GLN A 274 3.95 -4.04 -34.61
CA GLN A 274 3.96 -4.86 -33.41
C GLN A 274 5.24 -4.70 -32.62
N PHE A 275 6.24 -4.05 -33.21
CA PHE A 275 7.56 -3.94 -32.62
C PHE A 275 7.91 -2.48 -32.37
N ASN A 276 6.90 -1.69 -32.01
CA ASN A 276 7.08 -0.32 -31.50
C ASN A 276 7.65 0.60 -32.58
N GLU A 277 7.04 0.56 -33.76
CA GLU A 277 7.47 1.39 -34.87
C GLU A 277 6.26 1.92 -35.61
N VAL A 278 6.34 3.16 -36.05
CA VAL A 278 5.32 3.78 -36.87
C VAL A 278 5.61 3.41 -38.32
N ILE A 279 4.70 2.64 -38.92
CA ILE A 279 4.96 2.04 -40.23
C ILE A 279 4.10 2.62 -41.33
N GLY A 280 3.12 3.46 -41.01
CA GLY A 280 2.29 4.06 -42.03
C GLY A 280 1.29 4.99 -41.41
N HIS A 281 0.33 5.41 -42.22
CA HIS A 281 -0.78 6.21 -41.76
C HIS A 281 -2.00 5.90 -42.61
N ARG A 282 -3.17 6.05 -42.03
CA ARG A 282 -4.42 5.72 -42.69
C ARG A 282 -5.48 6.74 -42.32
N THR A 283 -6.50 6.83 -43.16
CA THR A 283 -7.69 7.61 -42.86
C THR A 283 -8.79 6.63 -42.46
N LYS A 284 -9.30 6.76 -41.25
CA LYS A 284 -10.35 5.90 -40.74
C LYS A 284 -11.60 6.71 -40.44
N THR A 285 -12.64 6.01 -40.00
CA THR A 285 -13.85 6.68 -39.54
C THR A 285 -13.88 6.68 -38.02
N THR A 286 -14.31 7.79 -37.46
CA THR A 286 -14.36 7.96 -36.01
C THR A 286 -15.77 7.79 -35.48
N SER A 287 -16.70 7.31 -36.30
CA SER A 287 -18.08 7.08 -35.87
C SER A 287 -18.12 5.93 -34.88
N GLU A 288 -18.82 6.13 -33.78
CA GLU A 288 -18.97 5.09 -32.78
C GLU A 288 -20.10 4.15 -33.15
N PRO A 289 -20.14 2.95 -32.55
CA PRO A 289 -21.25 2.02 -32.83
C PRO A 289 -22.57 2.54 -32.30
N HIS A 290 -23.65 1.76 -32.50
CA HIS A 290 -24.97 2.23 -32.10
C HIS A 290 -25.15 2.18 -30.60
N PHE A 291 -24.44 1.30 -29.90
CA PHE A 291 -24.56 1.21 -28.46
C PHE A 291 -23.73 2.26 -27.74
N VAL A 292 -22.85 2.96 -28.43
CA VAL A 292 -22.14 4.09 -27.85
C VAL A 292 -22.90 5.38 -28.07
N SER A 293 -23.52 5.54 -29.24
CA SER A 293 -24.34 6.71 -29.52
C SER A 293 -25.57 6.78 -28.63
N SER A 294 -25.90 5.71 -27.92
CA SER A 294 -27.04 5.73 -27.03
C SER A 294 -26.70 6.39 -25.69
N THR A 295 -25.43 6.39 -25.31
CA THR A 295 -25.01 7.06 -24.09
C THR A 295 -24.80 8.55 -24.27
N PHE A 296 -24.82 9.04 -25.52
CA PHE A 296 -24.70 10.47 -25.74
C PHE A 296 -25.94 11.20 -25.25
N ILE A 297 -27.07 10.48 -25.17
CA ILE A 297 -28.32 11.12 -24.77
C ILE A 297 -28.31 11.43 -23.28
N SER A 298 -27.97 10.43 -22.46
CA SER A 298 -28.00 10.63 -21.01
C SER A 298 -26.95 11.63 -20.57
N LEU A 299 -25.81 11.68 -21.26
CA LEU A 299 -24.74 12.58 -20.86
C LEU A 299 -25.04 14.02 -21.28
N ARG A 300 -25.79 14.20 -22.36
CA ARG A 300 -26.21 15.54 -22.76
C ARG A 300 -27.11 16.17 -21.71
N ALA A 301 -28.01 15.38 -21.13
CA ALA A 301 -28.94 15.92 -20.16
C ALA A 301 -28.27 16.23 -18.82
N LYS A 302 -27.27 15.42 -18.43
CA LYS A 302 -26.57 15.69 -17.19
C LYS A 302 -25.76 16.98 -17.26
N ARG A 303 -25.08 17.22 -18.40
CA ARG A 303 -24.32 18.45 -18.55
C ARG A 303 -25.24 19.66 -18.57
N ALA A 304 -26.45 19.50 -19.11
CA ALA A 304 -27.35 20.63 -19.28
C ALA A 304 -27.86 21.18 -17.95
N GLU A 305 -27.79 20.40 -16.87
CA GLU A 305 -28.35 20.84 -15.60
C GLU A 305 -27.36 20.86 -14.44
N LEU A 306 -26.26 20.13 -14.52
CA LEU A 306 -25.31 20.12 -13.40
C LEU A 306 -24.14 21.06 -13.61
N LEU A 307 -23.86 21.43 -14.86
CA LEU A 307 -22.66 22.19 -15.17
C LEU A 307 -22.91 23.69 -15.14
N TYR A 308 -21.86 24.41 -14.80
CA TYR A 308 -21.89 25.87 -14.85
C TYR A 308 -22.24 26.33 -16.26
N PRO A 309 -23.35 27.04 -16.46
CA PRO A 309 -23.83 27.28 -17.82
C PRO A 309 -22.84 27.98 -18.72
N GLU A 310 -21.85 28.68 -18.19
CA GLU A 310 -20.81 29.24 -19.07
C GLU A 310 -19.80 28.16 -19.46
N PHE A 311 -19.59 27.18 -18.57
CA PHE A 311 -18.71 26.07 -18.90
C PHE A 311 -19.36 25.13 -19.90
N ASN A 312 -20.68 24.95 -19.81
CA ASN A 312 -21.38 24.07 -20.73
C ASN A 312 -21.34 24.57 -22.16
N GLU A 313 -21.45 25.89 -22.35
CA GLU A 313 -21.39 26.43 -23.71
C GLU A 313 -20.00 26.33 -24.31
N TYR A 314 -18.98 26.16 -23.47
CA TYR A 314 -17.65 25.88 -24.00
C TYR A 314 -17.58 24.46 -24.54
N ILE A 315 -18.20 23.51 -23.85
CA ILE A 315 -18.20 22.13 -24.31
C ILE A 315 -19.04 21.98 -25.57
N ASN A 316 -20.22 22.58 -25.59
CA ASN A 316 -21.04 22.55 -26.79
C ASN A 316 -20.31 23.20 -27.97
N ARG A 317 -19.52 24.23 -27.69
CA ARG A 317 -18.74 24.85 -28.75
C ARG A 317 -17.57 23.96 -29.18
N ALA A 318 -16.88 23.35 -28.21
CA ALA A 318 -15.83 22.40 -28.53
C ALA A 318 -16.36 21.23 -29.33
N LEU A 319 -17.63 20.89 -29.14
CA LEU A 319 -18.18 19.69 -29.74
C LEU A 319 -18.69 19.95 -31.16
N ARG A 320 -18.90 21.21 -31.53
CA ARG A 320 -19.38 21.56 -32.86
C ARG A 320 -18.30 22.21 -33.72
N LEU A 321 -17.25 22.77 -33.11
CA LEU A 321 -16.21 23.49 -33.84
C LEU A 321 -14.98 22.63 -34.08
N SER A 322 -15.03 21.35 -33.78
CA SER A 322 -13.89 20.46 -33.97
C SER A 322 -13.99 19.85 -35.37
N LYS A 323 -12.89 19.91 -36.12
CA LYS A 323 -12.85 19.37 -37.46
C LYS A 323 -11.86 18.24 -37.65
N THR A 324 -10.83 18.15 -36.82
CA THR A 324 -9.84 17.09 -36.88
C THR A 324 -9.77 16.40 -35.53
N GLN A 325 -8.92 15.37 -35.43
CA GLN A 325 -8.68 14.75 -34.14
C GLN A 325 -7.78 15.62 -33.27
N ASN A 326 -6.95 16.46 -33.88
CA ASN A 326 -6.13 17.38 -33.11
C ASN A 326 -6.97 18.49 -32.49
N ASP A 327 -8.16 18.73 -33.04
CA ASP A 327 -9.04 19.71 -32.43
C ASP A 327 -9.62 19.18 -31.13
N VAL A 328 -10.13 17.95 -31.15
CA VAL A 328 -10.70 17.35 -29.95
C VAL A 328 -9.64 17.17 -28.89
N ALA A 329 -8.40 16.91 -29.29
CA ALA A 329 -7.34 16.70 -28.33
C ALA A 329 -6.98 18.01 -27.62
N ASN A 330 -7.12 19.14 -28.31
CA ASN A 330 -6.77 20.42 -27.70
C ASN A 330 -7.89 20.93 -26.80
N TYR A 331 -9.14 20.80 -27.26
CA TYR A 331 -10.27 21.17 -26.43
C TYR A 331 -10.36 20.29 -25.19
N TYR A 332 -9.97 19.02 -25.31
CA TYR A 332 -10.03 18.12 -24.17
C TYR A 332 -8.94 18.44 -23.15
N ALA A 333 -7.75 18.83 -23.61
CA ALA A 333 -6.71 19.23 -22.70
C ALA A 333 -7.10 20.45 -21.89
N ALA A 334 -7.93 21.33 -22.47
CA ALA A 334 -8.34 22.54 -21.78
C ALA A 334 -9.38 22.22 -20.72
N CYS A 335 -10.30 21.30 -21.00
CA CYS A 335 -11.35 20.97 -20.03
C CYS A 335 -10.81 20.17 -18.85
N ARG A 336 -9.62 19.58 -18.98
CA ARG A 336 -8.98 19.02 -17.81
C ARG A 336 -8.44 20.12 -16.91
N ALA A 337 -7.91 21.18 -17.51
CA ALA A 337 -7.43 22.32 -16.75
C ALA A 337 -8.58 23.11 -16.14
N MET A 338 -9.80 22.95 -16.67
CA MET A 338 -10.93 23.69 -16.15
C MET A 338 -11.63 22.95 -15.02
N THR A 339 -11.42 21.65 -14.89
CA THR A 339 -12.08 20.85 -13.87
C THR A 339 -11.13 20.30 -12.82
N ASN A 340 -9.82 20.46 -13.01
CA ASN A 340 -8.83 20.00 -12.04
C ASN A 340 -8.14 21.21 -11.45
N ASP A 341 -8.36 21.46 -10.16
CA ASP A 341 -7.78 22.61 -9.49
C ASP A 341 -6.27 22.52 -9.38
N GLY A 342 -5.72 21.31 -9.37
CA GLY A 342 -4.30 21.11 -9.27
C GLY A 342 -3.81 20.74 -7.88
N THR A 343 -4.55 21.10 -6.84
CA THR A 343 -4.14 20.88 -5.48
C THR A 343 -4.26 19.40 -5.10
N PHE A 344 -3.88 19.08 -3.87
CA PHE A 344 -4.17 17.78 -3.29
C PHE A 344 -5.34 17.97 -2.33
N LEU A 345 -6.37 17.15 -2.49
CA LEU A 345 -7.64 17.34 -1.81
C LEU A 345 -7.53 16.77 -0.39
N ALA A 346 -7.57 17.66 0.60
CA ALA A 346 -7.38 17.25 1.99
C ALA A 346 -8.51 17.80 2.86
N THR A 347 -8.86 17.05 3.89
CA THR A 347 -9.92 17.43 4.81
C THR A 347 -9.64 16.75 6.15
N LEU A 348 -10.61 16.80 7.05
CA LEU A 348 -10.54 15.97 8.24
C LEU A 348 -10.73 14.51 7.85
N THR A 349 -9.92 13.64 8.45
CA THR A 349 -10.05 12.21 8.17
C THR A 349 -11.29 11.60 8.79
N GLU A 350 -11.96 12.29 9.72
CA GLU A 350 -13.26 11.83 10.19
C GLU A 350 -14.35 12.20 9.20
N LEU A 351 -14.10 13.20 8.36
CA LEU A 351 -15.15 13.67 7.44
C LEU A 351 -15.14 12.87 6.15
N SER A 352 -13.98 12.38 5.75
CA SER A 352 -13.84 11.58 4.55
C SER A 352 -13.89 10.09 4.82
N LEU A 353 -14.09 9.67 6.06
CA LEU A 353 -13.95 8.27 6.43
C LEU A 353 -15.03 7.41 5.77
N ASP A 354 -16.30 7.77 5.97
CA ASP A 354 -17.39 6.95 5.49
C ASP A 354 -17.46 6.89 3.97
N ALA A 355 -16.98 7.91 3.28
CA ALA A 355 -17.02 7.93 1.83
C ALA A 355 -15.81 7.26 1.19
N ALA A 356 -14.80 6.91 1.96
CA ALA A 356 -13.57 6.33 1.43
C ALA A 356 -13.39 4.87 1.80
N VAL A 357 -13.79 4.46 3.01
CA VAL A 357 -13.45 3.15 3.53
C VAL A 357 -14.66 2.40 4.07
N PHE A 358 -15.85 2.90 3.89
CA PHE A 358 -17.00 2.15 4.38
C PHE A 358 -17.36 1.05 3.38
N PRO A 359 -17.70 -0.15 3.85
CA PRO A 359 -18.06 -1.22 2.94
C PRO A 359 -19.38 -0.96 2.24
N ARG A 360 -19.50 -1.51 1.04
CA ARG A 360 -20.70 -1.35 0.24
C ARG A 360 -21.08 -2.67 -0.39
N ILE A 361 -22.37 -2.83 -0.66
CA ILE A 361 -22.94 -4.10 -1.11
C ILE A 361 -23.68 -3.87 -2.41
N GLU A 362 -23.13 -4.36 -3.51
CA GLU A 362 -23.61 -4.15 -4.86
C GLU A 362 -24.55 -5.28 -5.29
N GLN A 363 -24.78 -5.39 -6.60
CA GLN A 363 -25.93 -6.12 -7.17
C GLN A 363 -26.25 -7.41 -6.44
N ARG A 364 -25.29 -8.32 -6.32
CA ARG A 364 -25.58 -9.67 -5.89
C ARG A 364 -24.69 -10.07 -4.72
N LEU A 365 -25.21 -10.97 -3.90
CA LEU A 365 -24.45 -11.56 -2.81
C LEU A 365 -23.66 -12.77 -3.31
N VAL A 366 -22.42 -12.87 -2.88
CA VAL A 366 -21.53 -13.96 -3.27
C VAL A 366 -21.67 -15.08 -2.25
N THR A 367 -21.90 -16.29 -2.71
CA THR A 367 -22.13 -17.44 -1.85
C THR A 367 -20.85 -18.25 -1.69
N ARG A 368 -20.83 -19.07 -0.70
CA ARG A 368 -19.70 -19.86 -0.20
C ARG A 368 -19.40 -21.04 -1.12
N PRO A 369 -18.18 -21.55 -1.07
CA PRO A 369 -17.90 -22.84 -1.71
C PRO A 369 -18.04 -23.99 -0.72
N ALA A 370 -18.32 -25.16 -1.28
CA ALA A 370 -18.45 -26.35 -0.45
C ALA A 370 -17.13 -26.69 0.20
N VAL A 371 -17.15 -26.91 1.52
CA VAL A 371 -15.95 -27.30 2.25
C VAL A 371 -15.78 -28.80 2.07
N LEU A 372 -14.58 -29.22 1.69
CA LEU A 372 -14.29 -30.63 1.49
C LEU A 372 -13.43 -31.22 2.60
N MET A 373 -12.42 -30.49 3.05
CA MET A 373 -11.56 -30.94 4.12
C MET A 373 -11.49 -29.82 5.16
N SER A 374 -11.62 -30.21 6.42
CA SER A 374 -11.89 -29.24 7.47
C SER A 374 -10.88 -29.45 8.59
N ASN A 375 -11.10 -28.74 9.69
CA ASN A 375 -10.19 -28.69 10.82
C ASN A 375 -10.84 -29.38 12.00
N THR A 376 -10.12 -29.44 13.12
CA THR A 376 -10.78 -29.83 14.36
C THR A 376 -11.72 -28.75 14.85
N ARG A 377 -11.52 -27.50 14.40
CA ARG A 377 -12.39 -26.38 14.70
C ARG A 377 -13.30 -26.03 13.55
N HIS A 378 -13.38 -26.89 12.54
CA HIS A 378 -14.25 -26.72 11.37
C HIS A 378 -13.88 -25.45 10.58
N GLU A 379 -12.59 -25.28 10.38
CA GLU A 379 -12.06 -24.21 9.56
C GLU A 379 -11.50 -24.80 8.27
N SER A 380 -12.00 -24.31 7.14
CA SER A 380 -11.79 -24.96 5.85
C SER A 380 -10.31 -25.08 5.53
N LEU A 381 -9.87 -26.32 5.28
CA LEU A 381 -8.56 -26.60 4.72
C LEU A 381 -8.59 -26.78 3.21
N LYS A 382 -9.74 -27.10 2.65
CA LYS A 382 -9.87 -27.37 1.22
C LYS A 382 -11.33 -27.21 0.85
N GLN A 383 -11.59 -26.50 -0.24
CA GLN A 383 -12.97 -26.22 -0.63
C GLN A 383 -13.07 -26.19 -2.14
N LYS A 384 -14.30 -26.14 -2.63
CA LYS A 384 -14.58 -26.20 -4.06
C LYS A 384 -15.94 -25.58 -4.30
N TYR A 385 -16.09 -24.95 -5.46
CA TYR A 385 -17.33 -24.24 -5.77
C TYR A 385 -18.29 -25.14 -6.54
N ALA A 386 -19.56 -25.12 -6.13
CA ALA A 386 -20.57 -25.89 -6.83
C ALA A 386 -21.03 -25.16 -8.10
N ASN A 387 -21.33 -23.87 -7.97
CA ASN A 387 -21.65 -23.06 -9.13
C ASN A 387 -21.61 -21.59 -8.71
N GLY A 388 -21.82 -20.72 -9.70
CA GLY A 388 -21.75 -19.28 -9.50
C GLY A 388 -20.51 -18.70 -10.13
N VAL A 389 -20.13 -17.52 -9.64
CA VAL A 389 -18.91 -16.87 -10.13
C VAL A 389 -17.65 -17.50 -9.56
N GLY A 390 -17.72 -18.12 -8.38
CA GLY A 390 -16.56 -18.82 -7.88
C GLY A 390 -16.21 -20.02 -8.73
N SER A 391 -17.21 -20.68 -9.29
CA SER A 391 -16.96 -21.80 -10.18
C SER A 391 -16.38 -21.33 -11.50
N ILE A 392 -16.77 -20.14 -11.95
CA ILE A 392 -16.27 -19.62 -13.22
C ILE A 392 -14.83 -19.17 -13.07
N ALA A 393 -14.49 -18.53 -11.95
CA ALA A 393 -13.12 -18.07 -11.76
C ALA A 393 -12.16 -19.25 -11.57
N GLN A 394 -12.56 -20.26 -10.81
CA GLN A 394 -11.66 -21.38 -10.57
C GLN A 394 -11.48 -22.27 -11.78
N SER A 395 -12.41 -22.24 -12.74
CA SER A 395 -12.24 -23.04 -13.94
C SER A 395 -11.02 -22.62 -14.73
N TYR A 396 -10.64 -21.36 -14.64
CA TYR A 396 -9.41 -20.86 -15.23
C TYR A 396 -8.23 -20.96 -14.28
N LEU A 397 -8.45 -20.72 -12.99
CA LEU A 397 -7.36 -20.60 -12.04
C LEU A 397 -6.84 -21.94 -11.56
N SER A 398 -7.68 -22.96 -11.49
CA SER A 398 -7.27 -24.26 -10.99
C SER A 398 -6.30 -24.96 -11.93
N SER A 399 -6.09 -24.42 -13.12
CA SER A 399 -5.16 -24.98 -14.07
C SER A 399 -3.75 -24.40 -13.93
N PHE A 400 -3.52 -23.56 -12.94
CA PHE A 400 -2.19 -23.08 -12.59
C PHE A 400 -1.72 -23.58 -11.24
N THR A 401 -2.55 -24.36 -10.53
CA THR A 401 -2.25 -24.67 -9.14
C THR A 401 -1.09 -25.66 -9.00
N ASP A 402 -0.76 -26.40 -10.05
CA ASP A 402 0.31 -27.38 -9.94
C ASP A 402 1.66 -26.76 -10.29
N GLU A 403 1.70 -25.91 -11.31
CA GLU A 403 2.95 -25.24 -11.66
C GLU A 403 3.32 -24.19 -10.63
N ILE A 404 2.33 -23.55 -10.01
CA ILE A 404 2.64 -22.60 -8.94
C ILE A 404 3.15 -23.34 -7.71
N ALA A 405 2.59 -24.51 -7.43
CA ALA A 405 2.95 -25.23 -6.21
C ALA A 405 4.40 -25.68 -6.22
N LYS A 406 4.98 -25.89 -7.40
CA LYS A 406 6.38 -26.27 -7.49
C LYS A 406 7.33 -25.08 -7.49
N ARG A 407 6.88 -23.93 -7.99
CA ARG A 407 7.67 -22.71 -7.85
C ARG A 407 7.72 -22.23 -6.42
N VAL A 408 6.70 -22.56 -5.63
CA VAL A 408 6.70 -22.18 -4.22
C VAL A 408 7.67 -23.04 -3.42
N ASN A 409 7.83 -24.30 -3.82
CA ASN A 409 8.74 -25.20 -3.10
C ASN A 409 10.18 -24.76 -3.19
N GLY A 410 10.57 -24.07 -4.26
CA GLY A 410 11.95 -23.70 -4.46
C GLY A 410 12.28 -22.32 -3.94
N ILE A 411 11.63 -21.91 -2.85
CA ILE A 411 11.84 -20.60 -2.24
C ILE A 411 12.13 -20.82 -0.77
N HIS A 412 13.11 -20.07 -0.25
CA HIS A 412 13.35 -19.99 1.19
C HIS A 412 12.48 -18.85 1.72
N HIS A 413 11.34 -19.21 2.31
CA HIS A 413 10.34 -18.22 2.67
C HIS A 413 10.70 -17.42 3.92
N ASP A 414 11.65 -17.89 4.71
CA ASP A 414 12.08 -17.12 5.87
C ASP A 414 13.03 -16.00 5.46
N GLU A 415 13.91 -16.28 4.49
CA GLU A 415 14.77 -15.22 3.98
C GLU A 415 13.99 -14.27 3.10
N ALA A 416 12.95 -14.75 2.43
CA ALA A 416 12.13 -13.88 1.60
C ALA A 416 11.38 -12.86 2.44
N TRP A 417 10.98 -13.24 3.66
CA TRP A 417 10.28 -12.32 4.54
C TRP A 417 11.21 -11.26 5.09
N LEU A 418 12.50 -11.57 5.22
CA LEU A 418 13.45 -10.58 5.71
C LEU A 418 13.74 -9.53 4.64
N ASN A 419 13.71 -9.93 3.37
CA ASN A 419 13.86 -8.97 2.29
C ASN A 419 12.58 -8.20 2.02
N PHE A 420 11.43 -8.77 2.38
CA PHE A 420 10.18 -8.04 2.26
C PHE A 420 10.11 -6.90 3.26
N LEU A 421 10.90 -6.97 4.33
CA LEU A 421 10.89 -5.97 5.37
C LEU A 421 11.88 -4.84 5.11
N THR A 422 12.19 -4.55 3.85
CA THR A 422 13.04 -3.41 3.52
C THR A 422 12.39 -2.08 3.83
N THR A 423 11.22 -2.11 4.44
CA THR A 423 10.47 -0.90 4.76
C THR A 423 10.77 -0.44 6.18
N SER A 424 11.03 0.85 6.31
CA SER A 424 11.13 1.52 7.61
C SER A 424 9.78 2.18 7.84
N SER A 425 8.78 1.36 8.14
CA SER A 425 7.41 1.77 8.36
C SER A 425 7.02 1.35 9.76
N PRO A 426 6.15 2.10 10.43
CA PRO A 426 6.03 1.95 11.89
C PRO A 426 5.57 0.60 12.40
N GLY A 427 4.38 0.17 11.99
CA GLY A 427 3.75 -0.94 12.65
C GLY A 427 2.93 -0.50 13.86
N ARG A 428 3.51 -0.61 15.04
CA ARG A 428 2.82 -0.24 16.27
C ARG A 428 3.69 0.63 17.18
N LYS A 429 3.32 0.68 18.45
CA LYS A 429 4.04 1.47 19.44
C LYS A 429 4.60 0.60 20.57
N LEU A 430 5.86 0.80 20.90
CA LEU A 430 6.51 0.03 21.96
C LEU A 430 5.91 0.32 23.33
N THR A 431 6.04 -0.67 24.21
CA THR A 431 5.56 -0.60 25.60
C THR A 431 6.72 -0.24 26.55
N GLU A 432 6.40 0.57 27.56
CA GLU A 432 7.41 1.06 28.50
C GLU A 432 8.10 -0.10 29.18
N ILE A 433 7.37 -1.14 29.58
CA ILE A 433 8.02 -2.29 30.20
C ILE A 433 8.95 -2.90 29.16
N GLU A 434 8.46 -3.07 27.94
CA GLU A 434 9.24 -3.59 26.83
C GLU A 434 10.35 -2.60 26.46
N LYS A 435 10.02 -1.32 26.49
CA LYS A 435 10.96 -0.26 26.15
C LYS A 435 12.15 -0.24 27.09
N LEU A 436 11.89 -0.45 28.37
CA LEU A 436 12.94 -0.46 29.36
C LEU A 436 13.95 -1.57 29.11
N GLU A 437 13.45 -2.73 28.68
CA GLU A 437 14.29 -3.90 28.42
C GLU A 437 15.33 -3.72 27.32
N VAL A 438 14.94 -3.11 26.20
CA VAL A 438 15.90 -2.85 25.13
C VAL A 438 16.81 -1.69 25.53
N GLY A 439 16.19 -0.63 26.02
CA GLY A 439 16.87 0.54 26.53
C GLY A 439 17.37 1.55 25.50
N GLY A 440 17.31 2.83 25.84
CA GLY A 440 17.87 3.88 25.01
C GLY A 440 17.61 4.01 23.52
N ASP A 441 18.73 4.15 22.83
CA ASP A 441 18.90 4.31 21.39
C ASP A 441 18.01 3.41 20.53
N VAL A 442 17.86 2.15 20.94
CA VAL A 442 17.10 1.17 20.16
C VAL A 442 15.64 1.58 20.06
N ALA A 443 15.04 2.03 21.16
CA ALA A 443 13.64 2.43 21.12
C ALA A 443 13.44 3.71 20.30
N ALA A 444 14.46 4.55 20.19
CA ALA A 444 14.39 5.73 19.35
C ALA A 444 14.33 5.37 17.87
N TRP A 445 14.65 4.13 17.52
CA TRP A 445 14.69 3.68 16.13
C TRP A 445 13.53 2.75 15.77
N SER A 446 12.60 2.53 16.69
CA SER A 446 11.59 1.48 16.53
C SER A 446 10.39 1.90 15.70
N ASN A 447 10.51 2.94 14.88
CA ASN A 447 9.45 3.27 13.93
C ASN A 447 9.64 2.56 12.60
N SER A 448 10.30 1.42 12.61
CA SER A 448 10.62 0.66 11.40
C SER A 448 10.21 -0.79 11.57
N ARG A 449 9.88 -1.41 10.44
CA ARG A 449 9.51 -2.83 10.48
C ARG A 449 10.73 -3.72 10.65
N ILE A 450 11.86 -3.30 10.11
CA ILE A 450 13.06 -4.13 10.21
C ILE A 450 13.66 -4.06 11.60
N VAL A 451 13.41 -2.99 12.34
CA VAL A 451 13.95 -2.87 13.68
C VAL A 451 13.01 -3.50 14.71
N MET A 452 11.70 -3.41 14.47
CA MET A 452 10.76 -4.11 15.34
C MET A 452 10.92 -5.61 15.21
N GLN A 453 11.35 -6.08 14.03
CA GLN A 453 11.60 -7.51 13.86
C GLN A 453 12.88 -7.92 14.57
N ALA A 454 13.87 -7.03 14.63
CA ALA A 454 15.12 -7.36 15.30
C ALA A 454 14.97 -7.38 16.81
N VAL A 455 14.15 -6.48 17.36
CA VAL A 455 13.94 -6.46 18.80
C VAL A 455 13.22 -7.73 19.24
N PHE A 456 12.17 -8.10 18.53
CA PHE A 456 11.37 -9.27 18.86
C PHE A 456 11.79 -10.51 18.09
N ALA A 457 13.07 -10.62 17.75
CA ALA A 457 13.59 -11.78 17.05
C ALA A 457 13.56 -13.04 17.90
N ARG A 458 13.46 -12.93 19.22
CA ARG A 458 13.50 -14.12 20.07
C ARG A 458 12.24 -14.96 19.91
N GLU A 459 11.15 -14.37 19.42
CA GLU A 459 9.87 -15.05 19.36
C GLU A 459 9.37 -15.16 17.92
N TYR A 460 10.31 -15.20 16.98
CA TYR A 460 9.93 -15.36 15.58
C TYR A 460 9.29 -16.71 15.32
N ARG A 461 9.77 -17.77 15.98
CA ARG A 461 9.25 -19.11 15.79
C ARG A 461 8.21 -19.49 16.84
N THR A 462 7.75 -18.55 17.62
CA THR A 462 6.76 -18.83 18.66
C THR A 462 5.36 -18.67 18.11
N PRO A 463 4.48 -19.66 18.24
CA PRO A 463 3.16 -19.56 17.63
C PRO A 463 2.23 -18.58 18.33
N GLU A 464 2.41 -18.34 19.64
CA GLU A 464 1.61 -17.38 20.36
C GLU A 464 1.77 -15.96 19.80
N ARG A 465 2.89 -15.69 19.14
CA ARG A 465 3.10 -14.40 18.48
C ARG A 465 1.94 -14.03 17.57
N ILE A 466 1.30 -15.01 16.94
CA ILE A 466 0.23 -14.72 16.00
C ILE A 466 -1.04 -14.34 16.74
N PHE A 467 -1.41 -15.11 17.76
CA PHE A 467 -2.63 -14.85 18.49
C PHE A 467 -2.59 -13.53 19.24
N LYS A 468 -1.40 -13.08 19.64
CA LYS A 468 -1.30 -11.79 20.31
C LYS A 468 -1.56 -10.64 19.37
N SER A 469 -1.44 -10.87 18.06
CA SER A 469 -1.70 -9.82 17.09
C SER A 469 -3.17 -9.64 16.80
N LEU A 470 -3.96 -10.71 16.93
CA LEU A 470 -5.41 -10.60 16.77
C LEU A 470 -6.03 -9.76 17.87
N LYS A 471 -5.25 -9.43 18.91
CA LYS A 471 -5.74 -8.59 19.99
C LYS A 471 -5.42 -7.12 19.76
N ALA A 472 -4.46 -6.82 18.89
CA ALA A 472 -4.07 -5.46 18.59
C ALA A 472 -4.94 -4.88 17.48
N PRO A 473 -5.21 -3.58 17.51
CA PRO A 473 -6.02 -2.97 16.45
C PRO A 473 -5.19 -2.58 15.25
N ILE A 474 -5.87 -2.45 14.12
CA ILE A 474 -5.26 -2.03 12.86
C ILE A 474 -5.34 -0.52 12.78
N LYS A 475 -4.19 0.15 12.83
CA LYS A 475 -4.18 1.60 12.80
C LYS A 475 -4.46 2.12 11.39
N LEU A 476 -5.43 3.02 11.28
CA LEU A 476 -5.80 3.62 10.02
C LEU A 476 -4.88 4.80 9.70
N VAL A 477 -4.52 4.92 8.43
CA VAL A 477 -3.64 5.98 7.98
C VAL A 477 -4.00 6.34 6.54
N GLU A 478 -4.11 7.63 6.26
CA GLU A 478 -4.62 8.11 4.99
C GLU A 478 -3.54 8.83 4.20
N ARG A 479 -3.81 8.99 2.91
CA ARG A 479 -2.90 9.69 2.01
C ARG A 479 -3.73 10.65 1.16
N GLN A 480 -3.06 11.60 0.50
CA GLN A 480 -3.75 12.56 -0.35
C GLN A 480 -3.40 12.29 -1.81
N GLN A 481 -4.24 12.83 -2.69
CA GLN A 481 -4.04 12.73 -4.12
C GLN A 481 -4.86 13.81 -4.79
N SER A 482 -4.34 14.32 -5.90
CA SER A 482 -5.07 15.33 -6.67
C SER A 482 -6.26 14.69 -7.36
N ASP A 483 -7.41 15.35 -7.29
CA ASP A 483 -8.59 15.03 -8.08
C ASP A 483 -9.35 13.80 -7.55
N ARG A 484 -9.10 13.39 -6.31
CA ARG A 484 -9.77 12.23 -5.74
C ARG A 484 -9.97 12.42 -4.25
N ARG A 485 -10.67 11.46 -3.64
CA ARG A 485 -10.94 11.44 -2.20
C ARG A 485 -9.68 11.17 -1.40
N GLN A 486 -9.82 11.06 -0.06
CA GLN A 486 -8.65 10.88 0.79
C GLN A 486 -8.20 9.43 0.87
N ARG A 487 -9.14 8.48 0.88
CA ARG A 487 -8.82 7.05 0.81
C ARG A 487 -7.87 6.59 1.92
N ALA A 488 -8.37 6.57 3.16
CA ALA A 488 -7.62 5.99 4.26
C ALA A 488 -7.12 4.58 3.93
N ILE A 489 -5.99 4.21 4.53
CA ILE A 489 -5.34 2.93 4.30
C ILE A 489 -5.06 2.30 5.65
N SER A 490 -4.83 0.98 5.63
CA SER A 490 -4.56 0.26 6.87
C SER A 490 -3.07 0.04 7.06
N GLY A 491 -2.61 0.25 8.29
CA GLY A 491 -1.24 -0.05 8.65
C GLY A 491 -1.17 -1.22 9.61
N LEU A 492 -0.68 -2.36 9.12
CA LEU A 492 -0.63 -3.59 9.89
C LEU A 492 0.67 -3.67 10.67
N ASP A 493 0.63 -4.40 11.78
CA ASP A 493 1.85 -4.66 12.54
C ASP A 493 2.58 -5.83 11.90
N ASN A 494 3.83 -6.06 12.33
CA ASN A 494 4.67 -7.06 11.68
C ASN A 494 4.05 -8.45 11.72
N ASP A 495 3.13 -8.69 12.64
CA ASP A 495 2.56 -10.02 12.80
C ASP A 495 1.34 -10.24 11.92
N ARG A 496 0.45 -9.25 11.85
CA ARG A 496 -0.67 -9.37 10.93
C ARG A 496 -0.23 -9.23 9.48
N LEU A 497 0.83 -8.44 9.23
CA LEU A 497 1.41 -8.39 7.91
C LEU A 497 2.08 -9.70 7.53
N PHE A 498 2.48 -10.50 8.53
CA PHE A 498 3.09 -11.78 8.28
C PHE A 498 2.08 -12.81 7.79
N LEU A 499 0.85 -12.74 8.31
CA LEU A 499 -0.14 -13.73 7.93
C LEU A 499 -0.58 -13.55 6.49
N SER A 500 -0.30 -12.39 5.91
CA SER A 500 -0.63 -12.14 4.52
C SER A 500 0.57 -12.30 3.58
N PHE A 501 1.66 -12.87 4.07
CA PHE A 501 2.85 -12.98 3.25
C PHE A 501 2.84 -14.25 2.39
N MET A 502 2.23 -15.32 2.88
CA MET A 502 2.18 -16.53 2.07
C MET A 502 1.09 -16.42 1.01
N PRO A 503 -0.11 -15.90 1.32
CA PRO A 503 -1.05 -15.61 0.23
C PRO A 503 -0.49 -14.67 -0.82
N TYR A 504 0.45 -13.79 -0.45
CA TYR A 504 1.07 -12.91 -1.42
C TYR A 504 2.09 -13.67 -2.27
N THR A 505 2.93 -14.48 -1.63
CA THR A 505 3.95 -15.22 -2.34
C THR A 505 3.34 -16.19 -3.34
N ILE A 506 2.21 -16.79 -3.01
CA ILE A 506 1.58 -17.75 -3.90
C ILE A 506 1.01 -17.06 -5.13
N GLY A 507 0.13 -16.07 -4.91
CA GLY A 507 -0.51 -15.39 -6.03
C GLY A 507 0.41 -14.54 -6.87
N LYS A 508 1.64 -14.31 -6.41
CA LYS A 508 2.62 -13.59 -7.21
C LYS A 508 3.21 -14.45 -8.31
N GLN A 509 3.21 -15.78 -8.14
CA GLN A 509 3.79 -16.66 -9.12
C GLN A 509 3.01 -16.72 -10.42
N ILE A 510 1.70 -16.43 -10.39
CA ILE A 510 0.91 -16.54 -11.61
C ILE A 510 1.27 -15.44 -12.61
N TYR A 511 1.94 -14.38 -12.16
CA TYR A 511 2.38 -13.34 -13.09
C TYR A 511 3.38 -13.87 -14.10
N ASP A 512 4.00 -15.01 -13.83
CA ASP A 512 5.01 -15.59 -14.70
C ASP A 512 4.44 -16.60 -15.67
N LEU A 513 3.16 -16.97 -15.53
CA LEU A 513 2.54 -17.97 -16.36
C LEU A 513 1.51 -17.41 -17.32
N ASN A 514 1.17 -16.14 -17.22
CA ASN A 514 0.26 -15.47 -18.11
C ASN A 514 0.93 -14.27 -18.77
N ASP A 515 0.15 -13.56 -19.58
CA ASP A 515 0.52 -12.24 -20.06
C ASP A 515 -0.63 -11.26 -19.92
N ASN A 516 -1.47 -11.40 -18.91
CA ASN A 516 -2.62 -10.54 -18.73
C ASN A 516 -2.53 -9.72 -17.44
N ALA A 517 -1.34 -9.52 -16.91
CA ALA A 517 -1.10 -8.63 -15.80
C ALA A 517 -0.17 -7.52 -16.25
N ALA A 518 -0.64 -6.28 -16.18
CA ALA A 518 0.18 -5.15 -16.59
C ALA A 518 1.38 -4.99 -15.66
N GLN A 519 2.57 -4.89 -16.24
CA GLN A 519 3.78 -4.68 -15.43
C GLN A 519 3.72 -3.36 -14.69
N GLY A 520 2.86 -2.44 -15.13
CA GLY A 520 2.81 -1.10 -14.60
C GLY A 520 3.46 -0.12 -15.54
N LYS A 521 3.63 1.10 -15.05
CA LYS A 521 4.41 2.10 -15.77
C LYS A 521 5.88 2.02 -15.34
N GLN A 522 6.45 0.83 -15.58
CA GLN A 522 7.81 0.55 -15.16
C GLN A 522 8.83 1.28 -16.05
N ALA A 523 8.65 1.19 -17.36
CA ALA A 523 9.66 1.71 -18.27
C ALA A 523 9.78 3.23 -18.19
N GLY A 524 8.65 3.92 -18.07
CA GLY A 524 8.66 5.37 -17.98
C GLY A 524 8.62 6.08 -19.31
N ASN A 525 8.64 5.35 -20.42
CA ASN A 525 8.58 5.94 -21.76
C ASN A 525 7.43 5.29 -22.52
N ALA A 526 7.41 5.53 -23.83
CA ALA A 526 6.33 5.02 -24.67
C ALA A 526 6.29 3.50 -24.74
N PHE A 527 7.21 2.79 -24.08
CA PHE A 527 7.14 1.34 -24.08
C PHE A 527 6.02 0.80 -23.21
N ASP A 528 5.47 1.63 -22.33
CA ASP A 528 4.35 1.23 -21.50
C ASP A 528 3.04 1.20 -22.26
N ILE A 529 2.93 1.98 -23.33
CA ILE A 529 1.69 2.12 -24.08
C ILE A 529 1.85 1.40 -25.42
N GLY A 530 2.92 0.62 -25.56
CA GLY A 530 3.21 -0.01 -26.83
C GLY A 530 2.12 -0.94 -27.31
N GLU A 531 1.46 -1.64 -26.39
CA GLU A 531 0.36 -2.51 -26.79
C GLU A 531 -0.85 -1.70 -27.22
N MET A 532 -1.18 -0.64 -26.47
CA MET A 532 -2.31 0.20 -26.83
C MET A 532 -2.09 0.90 -28.15
N LEU A 533 -0.88 1.43 -28.37
CA LEU A 533 -0.57 2.09 -29.62
C LEU A 533 -0.73 1.15 -30.80
N TYR A 534 -0.48 -0.14 -30.61
CA TYR A 534 -0.65 -1.12 -31.67
C TYR A 534 -2.11 -1.50 -31.88
N TRP A 535 -2.80 -1.88 -30.80
CA TRP A 535 -4.18 -2.33 -30.94
C TRP A 535 -5.14 -1.21 -31.31
N THR A 536 -4.77 0.04 -31.07
CA THR A 536 -5.62 1.13 -31.51
C THR A 536 -5.30 1.53 -32.94
N SER A 537 -4.38 0.81 -33.58
CA SER A 537 -4.05 0.99 -34.99
C SER A 537 -4.68 -0.07 -35.88
N GLN A 538 -5.45 -0.99 -35.30
CA GLN A 538 -6.09 -2.05 -36.04
C GLN A 538 -7.53 -1.66 -36.35
N ARG A 539 -8.17 -2.47 -37.18
CA ARG A 539 -9.55 -2.24 -37.56
C ARG A 539 -10.43 -3.36 -37.05
N ASN A 540 -11.73 -3.08 -36.97
CA ASN A 540 -12.74 -4.02 -36.49
C ASN A 540 -12.44 -4.44 -35.06
N VAL A 541 -12.05 -3.46 -34.24
CA VAL A 541 -11.66 -3.71 -32.87
C VAL A 541 -12.54 -2.87 -31.96
N LEU A 542 -12.93 -3.46 -30.82
CA LEU A 542 -13.70 -2.76 -29.79
C LEU A 542 -12.84 -2.66 -28.55
N LEU A 543 -12.70 -1.45 -28.03
CA LEU A 543 -11.83 -1.18 -26.90
C LEU A 543 -12.68 -0.94 -25.66
N SER A 544 -12.37 -1.65 -24.58
CA SER A 544 -13.10 -1.55 -23.32
C SER A 544 -12.13 -1.22 -22.20
N SER A 545 -12.24 -0.02 -21.64
CA SER A 545 -11.49 0.37 -20.46
C SER A 545 -12.50 0.47 -19.33
N ILE A 546 -12.79 -0.66 -18.73
CA ILE A 546 -13.85 -0.78 -17.73
C ILE A 546 -13.25 -0.52 -16.36
N ASP A 547 -14.04 0.09 -15.48
CA ASP A 547 -13.56 0.53 -14.17
C ASP A 547 -14.49 0.00 -13.09
N VAL A 548 -13.91 -0.63 -12.08
CA VAL A 548 -14.67 -1.11 -10.93
C VAL A 548 -14.77 0.02 -9.93
N ALA A 549 -16.00 0.46 -9.64
CA ALA A 549 -16.23 1.64 -8.80
C ALA A 549 -16.07 1.24 -7.35
N GLY A 550 -14.96 1.67 -6.74
CA GLY A 550 -14.70 1.38 -5.35
C GLY A 550 -14.56 -0.10 -5.08
N MET A 551 -13.59 -0.74 -5.73
CA MET A 551 -13.41 -2.18 -5.56
C MET A 551 -12.96 -2.54 -4.16
N ASP A 552 -12.11 -1.71 -3.55
CA ASP A 552 -11.56 -2.01 -2.24
C ASP A 552 -12.66 -2.18 -1.20
N ALA A 553 -13.70 -1.37 -1.28
CA ALA A 553 -14.85 -1.48 -0.38
C ALA A 553 -15.88 -2.50 -0.85
N SER A 554 -15.94 -2.77 -2.15
CA SER A 554 -16.92 -3.71 -2.69
C SER A 554 -16.56 -5.16 -2.42
N VAL A 555 -15.29 -5.45 -2.14
CA VAL A 555 -14.89 -6.82 -1.79
C VAL A 555 -15.48 -7.16 -0.44
N THR A 556 -16.37 -8.14 -0.42
CA THR A 556 -17.04 -8.53 0.82
C THR A 556 -16.27 -9.68 1.47
N THR A 557 -16.78 -10.20 2.57
CA THR A 557 -16.12 -11.32 3.24
C THR A 557 -16.21 -12.60 2.41
N ASN A 558 -17.31 -12.81 1.71
CA ASN A 558 -17.45 -14.01 0.89
C ASN A 558 -16.78 -13.86 -0.46
N THR A 559 -16.60 -12.64 -0.94
CA THR A 559 -15.85 -12.45 -2.18
C THR A 559 -14.38 -12.79 -1.98
N LYS A 560 -13.84 -12.54 -0.78
CA LYS A 560 -12.45 -12.85 -0.49
C LYS A 560 -12.21 -14.36 -0.54
N ASP A 561 -13.27 -15.14 -0.38
CA ASP A 561 -13.15 -16.60 -0.39
C ASP A 561 -12.81 -17.16 -1.77
N ILE A 562 -13.08 -16.41 -2.83
CA ILE A 562 -12.74 -16.88 -4.18
C ILE A 562 -11.23 -16.93 -4.35
N TYR A 563 -10.51 -16.02 -3.70
CA TYR A 563 -9.06 -16.05 -3.72
C TYR A 563 -8.51 -17.03 -2.71
N ASN A 564 -9.23 -17.25 -1.61
CA ASN A 564 -8.83 -18.26 -0.63
C ASN A 564 -8.84 -19.64 -1.24
N THR A 565 -9.84 -19.94 -2.07
CA THR A 565 -9.93 -21.25 -2.70
C THR A 565 -8.76 -21.49 -3.63
N PHE A 566 -8.24 -20.41 -4.23
CA PHE A 566 -7.06 -20.53 -5.09
C PHE A 566 -5.80 -20.77 -4.27
N VAL A 567 -5.66 -20.05 -3.16
CA VAL A 567 -4.44 -20.14 -2.37
C VAL A 567 -4.38 -21.45 -1.60
N LEU A 568 -5.54 -21.94 -1.14
CA LEU A 568 -5.56 -23.20 -0.40
C LEU A 568 -5.34 -24.40 -1.32
N ASP A 569 -5.68 -24.26 -2.60
CA ASP A 569 -5.38 -25.32 -3.55
C ASP A 569 -3.88 -25.47 -3.77
N VAL A 570 -3.19 -24.34 -3.93
CA VAL A 570 -1.74 -24.38 -4.13
C VAL A 570 -1.03 -24.89 -2.88
N ALA A 571 -1.43 -24.39 -1.71
CA ALA A 571 -0.77 -24.75 -0.47
C ALA A 571 -0.89 -26.23 -0.14
N SER A 572 -1.92 -26.90 -0.65
CA SER A 572 -2.10 -28.31 -0.33
C SER A 572 -1.26 -29.21 -1.22
N LYS A 573 -0.77 -28.70 -2.35
CA LYS A 573 0.03 -29.48 -3.28
C LYS A 573 1.52 -29.17 -3.15
N CYS A 574 1.92 -28.34 -2.22
CA CYS A 574 3.31 -28.00 -2.04
C CYS A 574 3.87 -28.76 -0.84
N THR A 575 5.19 -28.72 -0.71
CA THR A 575 5.89 -29.41 0.37
C THR A 575 6.80 -28.37 1.03
N VAL A 576 6.23 -27.61 1.96
CA VAL A 576 6.98 -26.53 2.62
C VAL A 576 7.02 -26.81 4.11
N PRO A 577 8.15 -27.23 4.65
CA PRO A 577 8.30 -27.28 6.10
C PRO A 577 8.90 -25.99 6.63
N ARG A 578 8.52 -25.66 7.86
CA ARG A 578 9.16 -24.58 8.61
C ARG A 578 9.04 -23.24 7.87
N PHE A 579 7.80 -22.75 7.79
CA PHE A 579 7.61 -21.42 7.21
C PHE A 579 7.91 -20.33 8.25
N GLY A 580 7.10 -20.24 9.29
CA GLY A 580 7.29 -19.25 10.32
C GLY A 580 7.50 -19.90 11.66
N PRO A 581 6.49 -19.81 12.53
CA PRO A 581 6.40 -20.70 13.68
C PRO A 581 5.70 -22.02 13.40
N TYR A 582 5.52 -22.39 12.14
CA TYR A 582 4.81 -23.59 11.75
C TYR A 582 5.80 -24.63 11.23
N TYR A 583 5.42 -25.90 11.36
CA TYR A 583 6.16 -27.01 10.80
C TYR A 583 5.19 -28.05 10.30
N ALA A 584 5.62 -28.81 9.29
CA ALA A 584 4.78 -29.86 8.73
C ALA A 584 4.61 -30.98 9.75
N LYS A 585 3.39 -31.51 9.85
CA LYS A 585 3.12 -32.54 10.83
C LYS A 585 1.80 -33.21 10.50
N ASN A 586 1.59 -34.38 11.08
CA ASN A 586 0.32 -35.09 10.98
C ASN A 586 -0.72 -34.33 11.79
N MET A 587 -1.90 -34.16 11.22
CA MET A 587 -2.94 -33.32 11.82
C MET A 587 -4.28 -34.03 11.76
N GLU A 588 -5.03 -33.96 12.84
CA GLU A 588 -6.39 -34.50 12.86
C GLU A 588 -7.31 -33.60 12.03
N VAL A 589 -8.16 -34.24 11.24
CA VAL A 589 -8.85 -33.56 10.13
C VAL A 589 -10.22 -34.19 9.93
N PHE A 590 -11.19 -33.35 9.56
CA PHE A 590 -12.53 -33.80 9.19
C PHE A 590 -12.67 -33.77 7.67
N GLU A 591 -13.43 -34.72 7.15
CA GLU A 591 -13.69 -34.81 5.71
C GLU A 591 -15.18 -34.95 5.48
N VAL A 592 -15.59 -34.64 4.26
CA VAL A 592 -17.00 -34.69 3.89
C VAL A 592 -17.35 -36.10 3.45
N GLY A 593 -18.54 -36.55 3.83
CA GLY A 593 -18.95 -37.91 3.57
C GLY A 593 -18.56 -38.83 4.71
N LYS A 594 -17.33 -38.68 5.20
CA LYS A 594 -16.84 -39.49 6.30
C LYS A 594 -17.35 -38.92 7.62
N ARG A 595 -17.69 -39.80 8.54
CA ARG A 595 -18.42 -39.38 9.73
C ARG A 595 -17.49 -39.09 10.90
N GLN A 596 -16.39 -39.80 11.01
CA GLN A 596 -15.39 -39.55 12.05
C GLN A 596 -14.23 -38.74 11.50
N SER A 597 -13.21 -38.55 12.33
CA SER A 597 -12.08 -37.73 11.96
C SER A 597 -10.99 -38.57 11.31
N GLN A 598 -10.26 -37.97 10.38
CA GLN A 598 -9.13 -38.61 9.72
C GLN A 598 -7.83 -37.99 10.19
N VAL A 599 -6.72 -38.40 9.57
CA VAL A 599 -5.41 -37.83 9.87
C VAL A 599 -4.69 -37.61 8.55
N LYS A 600 -4.20 -36.40 8.33
CA LYS A 600 -3.48 -36.03 7.12
C LYS A 600 -2.16 -35.39 7.49
N TYR A 601 -1.27 -35.32 6.51
CA TYR A 601 0.01 -34.64 6.67
C TYR A 601 -0.12 -33.24 6.08
N VAL A 602 -0.09 -32.24 6.93
CA VAL A 602 -0.28 -30.85 6.53
C VAL A 602 1.06 -30.13 6.67
N ASN A 603 1.48 -29.43 5.62
CA ASN A 603 2.76 -28.75 5.62
C ASN A 603 2.60 -27.36 6.24
N ALA A 604 3.70 -26.60 6.30
CA ALA A 604 3.69 -25.31 6.98
C ALA A 604 2.98 -24.23 6.19
N ALA A 605 3.08 -24.26 4.86
CA ALA A 605 2.40 -23.25 4.05
C ALA A 605 0.89 -23.42 4.15
N TRP A 606 0.42 -24.66 4.28
CA TRP A 606 -1.00 -24.92 4.43
C TRP A 606 -1.53 -24.45 5.79
N GLN A 607 -0.74 -24.59 6.85
CA GLN A 607 -1.19 -24.18 8.17
C GLN A 607 -1.26 -22.67 8.28
N ALA A 608 -0.33 -21.96 7.65
CA ALA A 608 -0.35 -20.51 7.69
C ALA A 608 -1.52 -19.95 6.91
N CYS A 609 -1.74 -20.45 5.69
CA CYS A 609 -2.82 -19.93 4.85
C CYS A 609 -4.18 -20.31 5.41
N ALA A 610 -4.28 -21.45 6.08
CA ALA A 610 -5.57 -21.87 6.61
C ALA A 610 -5.96 -21.08 7.84
N LEU A 611 -4.97 -20.72 8.67
CA LEU A 611 -5.25 -19.90 9.84
C LEU A 611 -5.61 -18.48 9.45
N GLU A 612 -4.93 -17.93 8.44
CA GLU A 612 -5.21 -16.56 8.02
C GLU A 612 -6.59 -16.44 7.40
N ALA A 613 -7.01 -17.43 6.63
CA ALA A 613 -8.28 -17.33 5.93
C ALA A 613 -9.47 -17.50 6.86
N ALA A 614 -9.25 -18.02 8.06
CA ALA A 614 -10.35 -18.27 8.98
C ALA A 614 -10.39 -17.30 10.14
N ASN A 615 -9.41 -16.40 10.25
CA ASN A 615 -9.39 -15.35 11.26
C ASN A 615 -9.22 -14.04 10.52
N SER A 616 -10.31 -13.58 9.95
CA SER A 616 -10.25 -12.35 9.21
C SER A 616 -11.06 -11.23 9.84
N GLN A 617 -10.33 -10.24 10.29
CA GLN A 617 -10.90 -9.00 10.80
C GLN A 617 -10.32 -7.86 9.97
N THR A 618 -11.14 -7.26 9.13
CA THR A 618 -10.66 -6.21 8.24
C THR A 618 -10.95 -4.81 8.73
N SER A 619 -11.64 -4.65 9.84
CA SER A 619 -12.02 -3.34 10.32
C SER A 619 -10.83 -2.60 10.91
N THR A 620 -10.61 -1.38 10.43
CA THR A 620 -9.54 -0.52 10.89
C THR A 620 -10.07 0.41 11.99
N SER A 621 -9.16 1.12 12.64
CA SER A 621 -9.52 1.93 13.80
C SER A 621 -8.70 3.21 13.77
N TYR A 622 -9.38 4.35 13.87
CA TYR A 622 -8.74 5.66 13.85
C TYR A 622 -9.01 6.34 15.18
N GLU A 623 -7.96 6.87 15.80
CA GLU A 623 -8.10 7.58 17.07
C GLU A 623 -8.31 9.06 16.79
N SER A 624 -9.54 9.52 16.99
CA SER A 624 -9.94 10.87 16.65
C SER A 624 -9.87 11.79 17.86
N GLU A 625 -9.51 13.05 17.61
CA GLU A 625 -9.44 14.03 18.68
C GLU A 625 -10.84 14.41 19.16
N ILE A 626 -11.85 14.24 18.31
CA ILE A 626 -13.21 14.60 18.68
C ILE A 626 -13.90 13.45 19.39
N PHE A 627 -13.90 12.27 18.77
CA PHE A 627 -14.73 11.16 19.22
C PHE A 627 -13.96 10.05 19.90
N GLY A 628 -12.66 10.16 20.05
CA GLY A 628 -11.88 9.11 20.66
C GLY A 628 -11.46 8.06 19.66
N GLN A 629 -11.81 6.80 19.90
CA GLN A 629 -11.47 5.72 18.98
C GLN A 629 -12.66 5.42 18.08
N VAL A 630 -12.46 5.53 16.78
CA VAL A 630 -13.51 5.29 15.78
C VAL A 630 -13.15 4.04 15.00
N LYS A 631 -14.11 3.14 14.84
CA LYS A 631 -13.91 1.89 14.13
C LYS A 631 -14.81 1.83 12.91
N ASN A 632 -14.34 1.17 11.87
CA ASN A 632 -15.10 1.01 10.64
C ASN A 632 -16.01 -0.19 10.74
N ALA A 633 -16.90 -0.32 9.76
CA ALA A 633 -17.65 -1.56 9.59
C ALA A 633 -16.78 -2.60 8.90
N GLU A 634 -17.20 -3.86 8.99
CA GLU A 634 -16.41 -4.98 8.51
C GLU A 634 -16.67 -5.29 7.04
N GLY A 635 -15.61 -5.66 6.33
CA GLY A 635 -15.74 -6.10 4.96
C GLY A 635 -14.74 -5.50 3.98
N THR A 636 -14.38 -4.25 4.18
CA THR A 636 -13.47 -3.56 3.26
C THR A 636 -12.11 -4.24 3.28
N TYR A 637 -11.58 -4.54 2.08
CA TYR A 637 -10.24 -5.10 2.01
C TYR A 637 -9.24 -4.12 2.62
N PRO A 638 -8.30 -4.58 3.44
CA PRO A 638 -7.47 -3.62 4.19
C PRO A 638 -6.66 -2.71 3.30
N SER A 639 -6.10 -3.22 2.21
CA SER A 639 -5.37 -2.45 1.21
C SER A 639 -4.00 -1.99 1.69
N GLY A 640 -3.71 -2.15 2.98
CA GLY A 640 -2.33 -2.15 3.39
C GLY A 640 -1.96 -3.56 3.79
N ARG A 641 -1.33 -4.30 2.89
CA ARG A 641 -1.08 -5.73 3.03
C ARG A 641 -0.06 -6.10 1.97
N ALA A 642 0.42 -7.33 2.06
CA ALA A 642 1.36 -7.80 1.05
C ALA A 642 0.62 -8.16 -0.24
N ASP A 643 -0.53 -8.82 -0.12
CA ASP A 643 -1.27 -9.34 -1.26
C ASP A 643 -2.48 -8.50 -1.62
N THR A 644 -2.48 -7.21 -1.29
CA THR A 644 -3.62 -6.38 -1.59
C THR A 644 -3.80 -6.15 -3.09
N SER A 645 -2.71 -6.04 -3.84
CA SER A 645 -2.80 -5.84 -5.28
C SER A 645 -2.80 -7.15 -6.06
N THR A 646 -2.12 -8.18 -5.57
CA THR A 646 -2.19 -9.47 -6.25
C THR A 646 -3.55 -10.12 -6.08
N HIS A 647 -4.28 -9.78 -5.02
CA HIS A 647 -5.64 -10.30 -4.87
C HIS A 647 -6.54 -9.76 -5.97
N HIS A 648 -6.61 -8.44 -6.12
CA HIS A 648 -7.47 -7.84 -7.12
C HIS A 648 -7.07 -8.29 -8.51
N THR A 649 -5.78 -8.41 -8.77
CA THR A 649 -5.31 -8.81 -10.10
C THR A 649 -5.68 -10.25 -10.40
N VAL A 650 -5.50 -11.15 -9.44
CA VAL A 650 -5.78 -12.56 -9.69
C VAL A 650 -7.29 -12.80 -9.76
N LEU A 651 -8.05 -12.11 -8.92
CA LEU A 651 -9.49 -12.31 -8.93
C LEU A 651 -10.13 -11.81 -10.22
N LEU A 652 -9.63 -10.69 -10.76
CA LEU A 652 -10.25 -10.12 -11.95
C LEU A 652 -9.87 -10.90 -13.20
N GLN A 653 -8.64 -11.38 -13.28
CA GLN A 653 -8.22 -12.11 -14.47
C GLN A 653 -8.80 -13.52 -14.49
N GLY A 654 -9.20 -14.03 -13.33
CA GLY A 654 -9.87 -15.33 -13.31
C GLY A 654 -11.33 -15.22 -13.68
N LEU A 655 -11.91 -14.05 -13.49
CA LEU A 655 -13.31 -13.84 -13.87
C LEU A 655 -13.43 -13.53 -15.35
N VAL A 656 -12.49 -12.78 -15.90
CA VAL A 656 -12.56 -12.43 -17.32
C VAL A 656 -12.15 -13.62 -18.18
N ARG A 657 -11.07 -14.30 -17.80
CA ARG A 657 -10.60 -15.43 -18.60
C ARG A 657 -11.43 -16.68 -18.36
N GLY A 658 -12.10 -16.77 -17.21
CA GLY A 658 -12.99 -17.88 -16.98
C GLY A 658 -14.32 -17.74 -17.68
N ASN A 659 -14.78 -16.50 -17.87
CA ASN A 659 -15.98 -16.28 -18.67
C ASN A 659 -15.73 -16.59 -20.14
N GLU A 660 -14.45 -16.64 -20.52
CA GLU A 660 -14.11 -17.05 -21.88
C GLU A 660 -14.30 -18.55 -22.06
N LEU A 661 -13.98 -19.33 -21.04
CA LEU A 661 -14.21 -20.77 -21.09
C LEU A 661 -15.68 -21.12 -20.85
N LYS A 662 -16.39 -20.29 -20.09
CA LYS A 662 -17.81 -20.53 -19.89
C LYS A 662 -18.59 -20.33 -21.18
N ARG A 663 -18.26 -19.28 -21.93
CA ARG A 663 -18.95 -19.03 -23.19
C ARG A 663 -18.63 -20.10 -24.22
N ALA A 664 -17.40 -20.62 -24.22
CA ALA A 664 -17.05 -21.66 -25.18
C ALA A 664 -17.79 -22.95 -24.90
N SER A 665 -17.97 -23.28 -23.61
CA SER A 665 -18.73 -24.47 -23.25
C SER A 665 -20.22 -24.30 -23.45
N ASP A 666 -20.67 -23.12 -23.85
CA ASP A 666 -22.07 -22.85 -24.15
C ASP A 666 -22.34 -22.71 -25.64
N GLY A 667 -21.31 -22.87 -26.48
CA GLY A 667 -21.49 -22.73 -27.90
C GLY A 667 -21.27 -21.34 -28.43
N LYS A 668 -20.71 -20.44 -27.65
CA LYS A 668 -20.42 -19.08 -28.08
C LYS A 668 -18.91 -18.89 -28.24
N ASN A 669 -18.54 -18.15 -29.27
CA ASN A 669 -17.16 -17.79 -29.51
C ASN A 669 -16.76 -16.63 -28.62
N SER A 670 -15.45 -16.39 -28.55
CA SER A 670 -14.91 -15.25 -27.83
C SER A 670 -14.14 -14.39 -28.81
N CYS A 671 -14.31 -13.07 -28.72
CA CYS A 671 -13.61 -12.13 -29.57
C CYS A 671 -12.48 -11.45 -28.83
N LEU A 672 -12.10 -11.99 -27.68
CA LEU A 672 -11.16 -11.32 -26.80
C LEU A 672 -9.73 -11.61 -27.23
N THR A 673 -8.96 -10.54 -27.47
CA THR A 673 -7.57 -10.68 -27.88
C THR A 673 -6.61 -10.59 -26.70
N THR A 674 -6.62 -9.46 -25.99
CA THR A 674 -5.77 -9.28 -24.81
C THR A 674 -6.58 -8.64 -23.70
N ILE A 675 -6.12 -8.86 -22.47
CA ILE A 675 -6.56 -8.09 -21.32
C ILE A 675 -5.32 -7.71 -20.52
N LYS A 676 -5.33 -6.49 -19.98
CA LYS A 676 -4.27 -6.02 -19.10
C LYS A 676 -4.92 -5.54 -17.81
N ILE A 677 -4.43 -6.05 -16.69
CA ILE A 677 -5.03 -5.79 -15.39
C ILE A 677 -3.93 -5.41 -14.41
N LEU A 678 -4.17 -4.40 -13.59
CA LEU A 678 -3.29 -4.01 -12.51
C LEU A 678 -4.11 -3.48 -11.36
N GLY A 679 -4.29 -4.30 -10.32
CA GLY A 679 -5.17 -3.90 -9.25
C GLY A 679 -6.61 -3.92 -9.70
N ASP A 680 -7.26 -2.76 -9.63
CA ASP A 680 -8.64 -2.63 -10.08
C ASP A 680 -8.77 -1.99 -11.45
N ASP A 681 -7.66 -1.82 -12.17
CA ASP A 681 -7.72 -1.33 -13.54
C ASP A 681 -7.79 -2.50 -14.51
N ILE A 682 -8.79 -2.50 -15.37
CA ILE A 682 -8.97 -3.54 -16.38
C ILE A 682 -8.92 -2.89 -17.75
N MET A 683 -8.40 -3.62 -18.73
CA MET A 683 -8.34 -3.18 -20.11
C MET A 683 -8.61 -4.37 -21.02
N GLU A 684 -9.73 -4.35 -21.72
CA GLU A 684 -10.13 -5.44 -22.58
C GLU A 684 -10.17 -4.98 -24.03
N ILE A 685 -9.69 -5.83 -24.92
CA ILE A 685 -9.66 -5.53 -26.35
C ILE A 685 -10.29 -6.69 -27.09
N PHE A 686 -11.43 -6.45 -27.71
CA PHE A 686 -12.11 -7.42 -28.55
C PHE A 686 -11.95 -7.05 -30.01
N GLN A 687 -11.72 -8.05 -30.86
CA GLN A 687 -11.65 -7.83 -32.29
C GLN A 687 -12.63 -8.76 -32.99
N GLY A 688 -13.43 -8.22 -33.90
CA GLY A 688 -14.32 -9.06 -34.66
C GLY A 688 -15.54 -8.31 -35.14
N ASN A 689 -16.62 -9.05 -35.32
CA ASN A 689 -17.89 -8.48 -35.75
C ASN A 689 -18.39 -7.48 -34.71
N GLU A 690 -19.24 -6.57 -35.16
CA GLU A 690 -19.78 -5.56 -34.25
C GLU A 690 -20.70 -6.18 -33.21
N ASN A 691 -21.58 -7.08 -33.63
CA ASN A 691 -22.48 -7.71 -32.66
C ASN A 691 -21.77 -8.81 -31.89
N ASP A 692 -20.70 -9.38 -32.46
CA ASP A 692 -19.94 -10.39 -31.74
C ASP A 692 -19.10 -9.76 -30.64
N THR A 693 -18.52 -8.59 -30.90
CA THR A 693 -17.72 -7.92 -29.90
C THR A 693 -18.59 -7.32 -28.80
N HIS A 694 -19.79 -6.87 -29.15
CA HIS A 694 -20.69 -6.33 -28.14
C HIS A 694 -21.26 -7.44 -27.27
N ASP A 695 -21.52 -8.61 -27.85
CA ASP A 695 -22.06 -9.71 -27.07
C ASP A 695 -21.07 -10.15 -26.00
N HIS A 696 -19.79 -10.24 -26.35
CA HIS A 696 -18.79 -10.71 -25.40
C HIS A 696 -18.54 -9.68 -24.31
N ALA A 697 -18.64 -8.39 -24.64
CA ALA A 697 -18.35 -7.36 -23.66
C ALA A 697 -19.47 -7.23 -22.64
N VAL A 698 -20.71 -7.49 -23.05
CA VAL A 698 -21.84 -7.39 -22.13
C VAL A 698 -21.83 -8.54 -21.12
N SER A 699 -21.47 -9.74 -21.56
CA SER A 699 -21.41 -10.86 -20.62
C SER A 699 -20.21 -10.74 -19.69
N ASN A 700 -19.17 -10.04 -20.13
CA ASN A 700 -18.04 -9.76 -19.24
C ASN A 700 -18.44 -8.80 -18.14
N ALA A 701 -19.25 -7.79 -18.46
CA ALA A 701 -19.72 -6.86 -17.45
C ALA A 701 -20.73 -7.52 -16.53
N SER A 702 -21.54 -8.44 -17.07
CA SER A 702 -22.56 -9.10 -16.25
C SER A 702 -21.94 -10.07 -15.26
N ILE A 703 -20.82 -10.69 -15.60
CA ILE A 703 -20.16 -11.57 -14.64
C ILE A 703 -19.46 -10.78 -13.56
N LEU A 704 -19.14 -9.51 -13.80
CA LEU A 704 -18.57 -8.67 -12.75
C LEU A 704 -19.65 -8.16 -11.82
N ASN A 705 -20.87 -7.94 -12.33
CA ASN A 705 -21.97 -7.60 -11.45
C ASN A 705 -22.38 -8.79 -10.59
N GLU A 706 -22.30 -10.00 -11.15
CA GLU A 706 -22.64 -11.20 -10.39
C GLU A 706 -21.69 -11.43 -9.25
N SER A 707 -20.52 -10.80 -9.27
CA SER A 707 -19.54 -10.90 -8.20
C SER A 707 -19.63 -9.76 -7.20
N GLY A 708 -20.69 -8.97 -7.23
CA GLY A 708 -20.85 -7.91 -6.26
C GLY A 708 -20.05 -6.68 -6.53
N PHE A 709 -19.69 -6.44 -7.79
CA PHE A 709 -18.94 -5.25 -8.19
C PHE A 709 -19.83 -4.39 -9.06
N ALA A 710 -19.90 -3.10 -8.75
CA ALA A 710 -20.53 -2.14 -9.64
C ALA A 710 -19.48 -1.58 -10.59
N THR A 711 -19.88 -1.32 -11.82
CA THR A 711 -18.93 -0.85 -12.82
C THR A 711 -19.68 -0.13 -13.93
N THR A 712 -19.01 0.84 -14.52
CA THR A 712 -19.50 1.56 -15.68
C THR A 712 -18.73 1.12 -16.92
N ALA A 713 -19.48 0.84 -17.98
CA ALA A 713 -18.91 0.34 -19.22
C ALA A 713 -18.67 1.51 -20.16
N GLU A 714 -17.42 1.93 -20.30
CA GLU A 714 -17.06 2.90 -21.33
C GLU A 714 -16.41 2.16 -22.48
N LEU A 715 -17.24 1.79 -23.44
CA LEU A 715 -16.78 1.12 -24.66
C LEU A 715 -16.45 2.16 -25.71
N SER A 716 -15.41 1.89 -26.49
CA SER A 716 -15.02 2.84 -27.52
C SER A 716 -14.48 2.08 -28.72
N GLN A 717 -14.61 2.71 -29.87
CA GLN A 717 -13.99 2.22 -31.08
C GLN A 717 -12.57 2.76 -31.25
N ASN A 718 -12.28 3.92 -30.65
CA ASN A 718 -11.04 4.60 -30.95
C ASN A 718 -10.40 5.28 -29.76
N SER A 719 -10.58 4.75 -28.55
CA SER A 719 -9.87 5.28 -27.39
C SER A 719 -9.82 4.24 -26.28
N ILE A 720 -8.76 4.27 -25.49
CA ILE A 720 -8.54 3.28 -24.43
C ILE A 720 -7.69 3.92 -23.34
N VAL A 721 -7.95 3.54 -22.09
CA VAL A 721 -7.26 4.10 -20.93
C VAL A 721 -6.75 2.95 -20.07
N LEU A 722 -5.56 3.13 -19.50
CA LEU A 722 -5.03 2.18 -18.53
C LEU A 722 -3.96 2.88 -17.72
N LEU A 723 -4.15 2.92 -16.40
CA LEU A 723 -3.20 3.52 -15.47
C LEU A 723 -2.98 5.00 -15.78
N GLN A 724 -4.09 5.71 -16.01
CA GLN A 724 -4.08 7.15 -16.26
C GLN A 724 -3.25 7.49 -17.51
N GLN A 725 -3.34 6.65 -18.53
CA GLN A 725 -2.66 6.90 -19.80
C GLN A 725 -3.64 6.67 -20.93
N LEU A 726 -4.03 7.76 -21.60
CA LEU A 726 -5.07 7.73 -22.62
C LEU A 726 -4.43 7.65 -23.99
N VAL A 727 -4.79 6.62 -24.76
CA VAL A 727 -4.33 6.45 -26.13
C VAL A 727 -5.56 6.53 -27.02
N VAL A 728 -5.49 7.36 -28.06
CA VAL A 728 -6.60 7.59 -28.97
C VAL A 728 -6.06 7.47 -30.39
N ASN A 729 -6.34 6.35 -31.05
CA ASN A 729 -6.02 6.13 -32.47
C ASN A 729 -4.53 6.28 -32.74
N GLY A 730 -3.73 5.57 -31.96
CA GLY A 730 -2.30 5.60 -32.16
C GLY A 730 -1.66 6.90 -31.73
N THR A 731 -2.26 7.61 -30.79
CA THR A 731 -1.80 8.92 -30.34
C THR A 731 -1.96 8.99 -28.83
N PHE A 732 -1.01 9.62 -28.16
CA PHE A 732 -0.99 9.66 -26.70
C PHE A 732 -1.45 11.03 -26.21
N TRP A 733 -2.51 11.06 -25.39
CA TRP A 733 -3.02 12.28 -24.79
C TRP A 733 -2.57 12.31 -23.33
N GLY A 734 -1.67 13.24 -23.01
CA GLY A 734 -1.16 13.33 -21.66
C GLY A 734 -2.07 14.11 -20.75
N PHE A 735 -1.96 13.80 -19.46
CA PHE A 735 -2.76 14.42 -18.41
C PHE A 735 -1.84 15.36 -17.63
N ALA A 736 -1.75 16.61 -18.08
CA ALA A 736 -0.79 17.54 -17.51
C ALA A 736 -1.24 18.09 -16.16
N ASP A 737 -2.54 18.08 -15.88
CA ASP A 737 -3.04 18.60 -14.61
C ASP A 737 -2.84 17.62 -13.46
N ARG A 738 -2.52 16.37 -13.74
CA ARG A 738 -2.25 15.37 -12.71
C ARG A 738 -0.93 15.61 -12.01
N ILE A 739 -0.18 16.64 -12.41
CA ILE A 739 1.13 16.94 -11.86
C ILE A 739 1.05 18.32 -11.25
N SER A 740 1.24 18.40 -9.94
CA SER A 740 1.20 19.66 -9.21
C SER A 740 2.62 20.11 -8.95
N LEU A 741 3.00 21.25 -9.53
CA LEU A 741 4.28 21.85 -9.23
C LEU A 741 4.27 22.64 -7.93
N TRP A 742 3.09 23.00 -7.43
CA TRP A 742 2.97 23.98 -6.36
C TRP A 742 2.42 23.42 -5.06
N THR A 743 1.95 22.17 -5.04
CA THR A 743 1.36 21.57 -3.86
C THR A 743 1.97 20.20 -3.64
N ARG A 744 1.96 19.74 -2.39
CA ARG A 744 2.44 18.40 -2.06
C ARG A 744 1.61 17.86 -0.91
N GLU A 745 1.69 16.54 -0.71
CA GLU A 745 0.86 15.84 0.26
C GLU A 745 1.52 15.70 1.61
N ASP A 746 2.80 15.36 1.64
CA ASP A 746 3.50 15.13 2.90
C ASP A 746 3.87 16.46 3.54
N THR A 747 3.71 16.51 4.86
CA THR A 747 4.11 17.70 5.63
C THR A 747 5.56 17.57 6.06
N LYS A 748 6.38 17.24 5.06
CA LYS A 748 7.84 17.14 5.23
C LYS A 748 8.47 17.56 3.91
N ASP A 749 8.85 18.83 3.82
CA ASP A 749 9.39 19.41 2.59
C ASP A 749 10.82 18.94 2.40
N ILE A 750 10.97 17.63 2.18
CA ILE A 750 12.28 17.02 2.01
C ILE A 750 13.02 17.72 0.87
N GLY A 751 14.34 17.69 0.92
CA GLY A 751 15.12 18.41 -0.06
C GLY A 751 15.37 19.85 0.34
N ARG A 752 16.02 20.04 1.49
CA ARG A 752 16.24 21.39 2.00
C ARG A 752 17.12 22.23 1.08
N LEU A 753 17.87 21.59 0.19
CA LEU A 753 18.75 22.28 -0.74
C LEU A 753 19.26 21.28 -1.76
N ASN A 754 19.24 21.68 -3.03
CA ASN A 754 19.88 20.90 -4.09
C ASN A 754 19.17 19.56 -4.31
N LEU A 755 18.26 19.21 -3.41
CA LEU A 755 17.39 18.06 -3.60
C LEU A 755 15.95 18.45 -3.85
N ALA A 756 15.58 19.69 -3.54
CA ALA A 756 14.35 20.25 -4.05
C ALA A 756 14.45 20.56 -5.52
N MET A 757 15.64 20.97 -5.98
CA MET A 757 15.83 21.21 -7.40
C MET A 757 15.77 19.91 -8.19
N MET A 758 16.19 18.79 -7.59
CA MET A 758 16.00 17.49 -8.23
C MET A 758 14.53 17.13 -8.28
N GLU A 759 13.75 17.59 -7.30
CA GLU A 759 12.31 17.34 -7.30
C GLU A 759 11.61 18.18 -8.36
N LEU A 760 12.06 19.41 -8.57
CA LEU A 760 11.48 20.24 -9.61
C LEU A 760 11.90 19.76 -10.99
N ASN A 761 13.15 19.31 -11.12
CA ASN A 761 13.61 18.75 -12.39
C ASN A 761 12.83 17.49 -12.74
N ALA A 762 12.51 16.68 -11.74
CA ALA A 762 11.76 15.44 -12.00
C ALA A 762 10.30 15.74 -12.31
N LEU A 763 9.80 16.88 -11.85
CA LEU A 763 8.42 17.24 -12.12
C LEU A 763 8.28 17.91 -13.48
N ILE A 764 9.29 18.65 -13.92
CA ILE A 764 9.26 19.23 -15.26
C ILE A 764 9.41 18.14 -16.31
N ASP A 765 10.23 17.12 -16.02
CA ASP A 765 10.43 16.03 -16.97
C ASP A 765 9.13 15.27 -17.22
N ASP A 766 8.32 15.07 -16.18
CA ASP A 766 7.06 14.36 -16.35
C ASP A 766 6.05 15.15 -17.17
N LEU A 767 6.32 16.42 -17.45
CA LEU A 767 5.34 17.31 -18.06
C LEU A 767 5.61 17.55 -19.55
N LEU A 768 6.73 17.08 -20.07
CA LEU A 768 7.14 17.48 -21.41
C LEU A 768 6.23 16.89 -22.49
N PHE A 769 6.02 15.59 -22.45
CA PHE A 769 5.24 14.90 -23.48
C PHE A 769 3.75 14.93 -23.17
N ARG A 770 3.35 15.76 -22.22
CA ARG A 770 1.93 15.95 -21.96
C ARG A 770 1.56 17.43 -21.97
N VAL A 771 2.33 18.25 -22.68
CA VAL A 771 2.16 19.70 -22.69
C VAL A 771 2.28 20.18 -24.12
N ARG A 772 1.62 21.30 -24.42
CA ARG A 772 1.61 21.85 -25.78
C ARG A 772 2.72 22.85 -26.03
N ARG A 773 3.48 23.24 -25.01
CA ARG A 773 4.51 24.26 -25.15
C ARG A 773 5.57 24.02 -24.10
N PRO A 774 6.58 23.20 -24.39
CA PRO A 774 7.64 22.95 -23.41
C PRO A 774 8.60 24.11 -23.22
N GLU A 775 8.59 25.09 -24.11
CA GLU A 775 9.48 26.24 -23.92
C GLU A 775 8.88 27.25 -22.94
N GLY A 776 7.57 27.31 -22.84
CA GLY A 776 6.95 28.08 -21.77
C GLY A 776 7.04 27.36 -20.43
N LEU A 777 7.27 26.05 -20.47
CA LEU A 777 7.50 25.29 -19.25
C LEU A 777 8.90 25.53 -18.71
N LYS A 778 9.82 26.00 -19.56
CA LYS A 778 11.17 26.30 -19.09
C LYS A 778 11.22 27.65 -18.40
N MET A 779 10.53 28.65 -18.94
CA MET A 779 10.47 29.94 -18.28
C MET A 779 9.79 29.85 -16.93
N LEU A 780 8.78 28.98 -16.81
CA LEU A 780 8.12 28.78 -15.53
C LEU A 780 9.08 28.23 -14.49
N GLY A 781 9.73 27.11 -14.78
CA GLY A 781 10.60 26.49 -13.80
C GLY A 781 11.81 27.35 -13.46
N PHE A 782 12.26 28.18 -14.40
CA PHE A 782 13.37 29.07 -14.11
C PHE A 782 12.99 30.07 -13.03
N PHE A 783 11.80 30.65 -13.12
CA PHE A 783 11.35 31.60 -12.11
C PHE A 783 10.97 30.92 -10.81
N CYS A 784 10.61 29.63 -10.85
CA CYS A 784 10.38 28.90 -9.62
C CYS A 784 11.67 28.69 -8.86
N GLY A 785 12.76 28.40 -9.57
CA GLY A 785 14.05 28.27 -8.91
C GLY A 785 14.70 29.59 -8.55
N ALA A 786 14.20 30.69 -9.10
CA ALA A 786 14.80 31.99 -8.84
C ALA A 786 14.09 32.73 -7.72
N ILE A 787 12.84 32.39 -7.44
CA ILE A 787 12.06 33.09 -6.42
C ILE A 787 11.69 32.16 -5.27
N CYS A 788 11.24 30.94 -5.57
CA CYS A 788 10.71 30.07 -4.53
C CYS A 788 11.82 29.43 -3.72
N LEU A 789 12.90 29.00 -4.36
CA LEU A 789 14.02 28.38 -3.67
C LEU A 789 15.31 29.09 -4.07
N ARG A 790 15.61 30.17 -3.35
CA ARG A 790 16.84 30.93 -3.53
C ARG A 790 17.47 31.31 -2.20
N ARG A 791 16.82 30.99 -1.09
CA ARG A 791 17.33 31.27 0.23
C ARG A 791 17.57 29.96 0.97
N PHE A 792 18.65 29.92 1.74
CA PHE A 792 19.01 28.73 2.53
C PHE A 792 19.23 29.22 3.96
N THR A 793 18.30 28.90 4.85
CA THR A 793 18.34 29.37 6.22
C THR A 793 18.84 28.27 7.14
N LEU A 794 19.83 28.59 7.96
CA LEU A 794 20.33 27.68 8.99
C LEU A 794 20.73 28.50 10.21
N SER A 795 20.82 27.85 11.35
CA SER A 795 21.19 28.51 12.60
C SER A 795 22.70 28.42 12.79
N VAL A 796 23.33 29.54 13.14
CA VAL A 796 24.77 29.61 13.34
C VAL A 796 25.04 30.04 14.78
N ASP A 797 26.07 29.45 15.39
CA ASP A 797 26.45 29.84 16.74
C ASP A 797 26.95 31.28 16.75
N ASN A 798 26.66 31.98 17.84
CA ASN A 798 26.95 33.40 17.94
C ASN A 798 28.44 33.72 18.02
N LYS A 799 29.26 32.78 18.50
CA LYS A 799 30.70 32.97 18.56
C LYS A 799 31.35 32.79 17.19
N LEU A 800 30.60 32.27 16.21
CA LEU A 800 31.10 32.12 14.84
C LEU A 800 30.20 32.84 13.86
N TYR A 801 29.26 33.65 14.34
CA TYR A 801 28.29 34.30 13.46
C TYR A 801 28.97 35.31 12.55
N ASP A 802 29.85 36.15 13.11
CA ASP A 802 30.51 37.17 12.30
C ASP A 802 31.60 36.59 11.43
N SER A 803 32.18 35.46 11.84
CA SER A 803 33.27 34.87 11.06
C SER A 803 32.75 34.23 9.78
N THR A 804 31.63 33.52 9.86
CA THR A 804 31.06 32.91 8.65
C THR A 804 30.51 33.97 7.71
N TYR A 805 29.91 35.03 8.25
CA TYR A 805 29.40 36.09 7.40
C TYR A 805 30.52 36.80 6.66
N ASN A 806 31.53 37.27 7.38
CA ASN A 806 32.58 38.05 6.75
C ASN A 806 33.35 37.23 5.72
N ASN A 807 33.46 35.92 5.91
CA ASN A 807 34.18 35.06 4.98
C ASN A 807 33.34 34.67 3.77
N LEU A 808 32.03 34.51 3.94
CA LEU A 808 31.16 34.12 2.85
C LEU A 808 30.69 35.30 2.01
N SER A 809 30.74 36.52 2.53
CA SER A 809 30.19 37.67 1.83
C SER A 809 30.98 38.02 0.57
N LYS A 810 32.16 37.45 0.37
CA LYS A 810 32.98 37.77 -0.78
C LYS A 810 32.55 37.03 -2.04
N TYR A 811 31.60 36.10 -1.94
CA TYR A 811 31.20 35.28 -3.07
C TYR A 811 29.70 35.36 -3.30
N MET A 812 28.94 35.59 -2.24
CA MET A 812 27.50 35.57 -2.31
C MET A 812 26.95 36.53 -1.26
N THR A 813 25.68 36.90 -1.41
CA THR A 813 25.06 37.82 -0.48
C THR A 813 24.32 37.05 0.60
N LEU A 814 24.54 37.46 1.84
CA LEU A 814 23.99 36.76 2.98
C LEU A 814 23.02 37.68 3.72
N VAL A 815 22.11 37.05 4.46
CA VAL A 815 21.11 37.77 5.26
C VAL A 815 21.28 37.33 6.70
N LYS A 816 21.20 38.27 7.63
CA LYS A 816 21.28 37.97 9.05
C LYS A 816 20.02 38.45 9.78
N TYR A 817 19.81 37.92 10.97
CA TYR A 817 18.61 38.14 11.75
C TYR A 817 18.98 38.75 13.10
N ASP A 818 17.99 38.80 14.00
CA ASP A 818 18.14 39.48 15.27
C ASP A 818 19.41 39.07 16.00
N LYS A 819 19.95 40.01 16.77
CA LYS A 819 21.22 39.79 17.44
C LYS A 819 21.07 38.82 18.60
N ASN A 820 20.13 39.09 19.51
CA ASN A 820 19.99 38.34 20.74
C ASN A 820 18.56 37.85 20.91
N PRO A 821 18.27 36.59 20.63
CA PRO A 821 16.98 36.03 21.01
C PRO A 821 17.03 35.43 22.41
N ASP A 822 18.13 35.72 23.12
CA ASP A 822 18.45 35.15 24.42
C ASP A 822 18.70 33.66 24.35
N PHE A 823 19.39 33.20 23.33
CA PHE A 823 19.74 31.79 23.15
C PHE A 823 21.22 31.70 22.80
N ASP A 824 21.64 30.49 22.40
CA ASP A 824 23.05 30.27 22.10
C ASP A 824 23.38 30.65 20.67
N SER A 825 22.50 30.30 19.73
CA SER A 825 22.73 30.54 18.32
C SER A 825 21.55 31.32 17.72
N THR A 826 21.82 32.00 16.61
CA THR A 826 20.80 32.69 15.85
C THR A 826 20.85 32.25 14.39
N LEU A 827 19.70 32.27 13.75
CA LEU A 827 19.56 31.73 12.41
C LEU A 827 19.97 32.75 11.36
N MET A 828 20.49 32.25 10.24
CA MET A 828 21.18 33.06 9.25
C MET A 828 20.85 32.54 7.86
N SER A 829 20.18 33.35 7.05
CA SER A 829 19.80 32.93 5.71
C SER A 829 20.97 33.06 4.75
N LEU A 830 20.88 32.33 3.64
CA LEU A 830 21.92 32.32 2.63
C LEU A 830 21.27 32.46 1.26
N ILE A 831 21.66 33.50 0.53
CA ILE A 831 21.08 33.81 -0.78
C ILE A 831 22.06 33.39 -1.85
N LEU A 832 21.72 32.34 -2.58
CA LEU A 832 22.63 31.78 -3.57
C LEU A 832 22.46 32.48 -4.92
N PRO A 833 23.52 32.57 -5.72
CA PRO A 833 23.44 33.28 -7.00
C PRO A 833 22.60 32.51 -8.01
N LEU A 834 22.07 33.26 -8.98
CA LEU A 834 21.29 32.65 -10.05
C LEU A 834 22.09 31.66 -10.88
N ALA A 835 23.40 31.84 -11.01
CA ALA A 835 24.22 30.90 -11.75
C ALA A 835 24.22 29.52 -11.11
N TRP A 836 23.86 29.41 -9.83
CA TRP A 836 23.80 28.11 -9.17
C TRP A 836 22.78 27.19 -9.83
N LEU A 837 21.75 27.75 -10.48
CA LEU A 837 20.71 26.93 -11.08
C LEU A 837 21.22 26.08 -12.23
N PHE A 838 22.20 26.56 -12.98
CA PHE A 838 22.63 25.89 -14.21
C PHE A 838 23.91 25.08 -14.00
N MET A 839 24.35 24.91 -12.76
CA MET A 839 25.64 24.33 -12.47
C MET A 839 25.51 22.86 -12.06
N PRO A 840 26.51 22.05 -12.33
CA PRO A 840 26.44 20.64 -11.92
C PRO A 840 26.59 20.51 -10.42
N ARG A 841 26.02 19.44 -9.88
CA ARG A 841 25.93 19.22 -8.43
C ARG A 841 25.19 20.38 -7.75
N GLY A 842 24.52 21.21 -8.54
CA GLY A 842 23.75 22.33 -8.04
C GLY A 842 22.34 22.28 -8.54
N GLY A 843 21.90 23.31 -9.26
CA GLY A 843 20.55 23.33 -9.77
C GLY A 843 20.35 22.38 -10.94
N GLU A 844 21.31 22.38 -11.87
CA GLU A 844 21.28 21.53 -13.06
C GLU A 844 20.02 21.77 -13.89
N TYR A 845 19.80 23.05 -14.19
CA TYR A 845 18.62 23.45 -14.93
C TYR A 845 19.01 23.91 -16.33
N PRO A 846 18.15 23.68 -17.32
CA PRO A 846 18.44 24.15 -18.68
C PRO A 846 18.64 25.66 -18.71
N ALA A 847 19.65 26.10 -19.45
CA ALA A 847 20.06 27.49 -19.42
C ALA A 847 19.42 28.28 -20.57
N TYR A 848 19.59 29.58 -20.50
CA TYR A 848 19.29 30.51 -21.58
C TYR A 848 20.60 30.95 -22.22
N PRO A 849 20.55 31.52 -23.43
CA PRO A 849 21.80 31.92 -24.09
C PRO A 849 22.58 32.93 -23.26
N PHE A 850 23.74 32.50 -22.77
CA PHE A 850 24.72 33.39 -22.18
C PHE A 850 25.56 34.01 -23.28
N GLU A 851 26.07 35.21 -23.03
CA GLU A 851 26.84 35.92 -24.04
C GLU A 851 28.33 35.74 -23.82
N ARG A 852 29.05 35.37 -24.88
CA ARG A 852 30.49 35.23 -24.79
C ARG A 852 31.15 36.59 -25.00
N ARG A 853 32.47 36.62 -24.76
CA ARG A 853 33.20 37.88 -24.83
C ARG A 853 33.28 38.42 -26.25
N ASP A 854 33.28 37.54 -27.25
CA ASP A 854 33.37 38.01 -28.64
C ASP A 854 32.03 38.49 -29.16
N GLY A 855 30.97 38.30 -28.38
CA GLY A 855 29.69 38.89 -28.75
C GLY A 855 28.66 37.87 -29.19
N THR A 856 29.06 36.62 -29.33
CA THR A 856 28.15 35.56 -29.69
C THR A 856 27.56 34.93 -28.43
N PHE A 857 26.52 34.14 -28.62
CA PHE A 857 25.79 33.52 -27.51
C PHE A 857 25.97 32.01 -27.53
N THR A 858 25.76 31.41 -26.37
CA THR A 858 25.72 29.96 -26.27
C THR A 858 24.37 29.46 -26.78
N GLU A 859 24.13 28.16 -26.57
CA GLU A 859 22.92 27.54 -27.08
C GLU A 859 21.75 27.75 -26.11
N ASP A 860 20.56 27.89 -26.67
CA ASP A 860 19.34 27.90 -25.87
C ASP A 860 18.95 26.47 -25.52
N GLU A 861 19.35 26.02 -24.34
CA GLU A 861 19.25 24.61 -23.98
C GLU A 861 17.78 24.21 -23.85
N SER A 862 17.44 23.06 -24.42
CA SER A 862 16.06 22.61 -24.49
C SER A 862 15.72 21.70 -23.33
N MET A 863 14.52 21.12 -23.38
CA MET A 863 14.06 20.21 -22.35
C MET A 863 14.65 18.82 -22.49
N PHE A 864 15.31 18.53 -23.60
CA PHE A 864 16.00 17.27 -23.80
C PHE A 864 17.47 17.34 -23.44
N THR A 865 17.91 18.46 -22.87
CA THR A 865 19.30 18.65 -22.49
C THR A 865 19.67 17.73 -21.33
N ALA A 866 20.79 17.05 -21.48
CA ALA A 866 21.25 16.06 -20.51
C ALA A 866 21.80 16.76 -19.26
N ARG A 867 21.73 16.05 -18.14
CA ARG A 867 22.23 16.52 -16.86
C ARG A 867 23.37 15.63 -16.40
N GLY A 868 23.86 15.91 -15.21
CA GLY A 868 24.98 15.17 -14.66
C GLY A 868 26.29 15.92 -14.85
N ALA A 869 27.34 15.18 -15.22
CA ALA A 869 28.62 15.81 -15.50
C ALA A 869 28.61 16.57 -16.81
N TYR A 870 27.55 16.46 -17.60
CA TYR A 870 27.46 17.17 -18.88
C TYR A 870 27.24 18.66 -18.70
N LYS A 871 26.54 19.06 -17.63
CA LYS A 871 26.35 20.48 -17.36
C LYS A 871 27.66 21.21 -17.10
N ARG A 872 28.73 20.49 -16.78
CA ARG A 872 30.03 21.11 -16.59
C ARG A 872 30.56 21.77 -17.86
N ARG A 873 30.04 21.34 -19.02
CA ARG A 873 30.51 21.89 -20.29
C ARG A 873 30.16 23.36 -20.47
N LEU A 874 29.11 23.84 -19.80
CA LEU A 874 28.70 25.23 -19.96
C LEU A 874 29.78 26.19 -19.49
N LEU A 875 30.66 25.74 -18.60
CA LEU A 875 31.77 26.58 -18.17
C LEU A 875 32.74 26.89 -19.30
N TYR A 876 33.06 25.90 -20.12
CA TYR A 876 33.90 26.10 -21.29
C TYR A 876 33.15 26.70 -22.46
N ASP A 877 31.84 26.45 -22.54
CA ASP A 877 31.07 26.93 -23.68
C ASP A 877 30.96 28.44 -23.68
N VAL A 878 30.79 29.06 -22.52
CA VAL A 878 30.78 30.52 -22.47
C VAL A 878 32.18 31.07 -22.66
N SER A 879 33.20 30.23 -22.48
CA SER A 879 34.58 30.59 -22.72
C SER A 879 35.02 30.36 -24.15
N ASN A 880 34.06 30.11 -25.06
CA ASN A 880 34.32 29.99 -26.50
C ASN A 880 35.31 28.84 -26.80
N ILE A 881 34.81 27.62 -26.57
CA ILE A 881 35.51 26.41 -27.00
C ILE A 881 36.05 26.56 -28.41
N ARG A 882 35.26 27.13 -29.31
CA ARG A 882 35.68 27.28 -30.70
C ARG A 882 36.97 28.09 -30.80
N GLU A 883 37.03 29.23 -30.13
CA GLU A 883 38.28 29.99 -30.06
C GLU A 883 39.33 29.26 -29.24
N MET A 884 38.90 28.38 -28.34
CA MET A 884 39.82 27.70 -27.46
C MET A 884 40.65 26.65 -28.18
N ILE A 885 40.05 25.92 -29.13
CA ILE A 885 40.82 24.93 -29.88
C ILE A 885 41.69 25.59 -30.94
N GLN A 886 41.34 26.80 -31.37
CA GLN A 886 42.16 27.49 -32.36
C GLN A 886 43.50 27.93 -31.77
N GLN A 887 43.51 28.27 -30.49
CA GLN A 887 44.74 28.68 -29.82
C GLN A 887 45.46 27.53 -29.14
N ASN A 888 44.82 26.36 -29.05
CA ASN A 888 45.37 25.18 -28.40
C ASN A 888 45.72 25.47 -26.93
N SER A 889 44.68 25.93 -26.23
CA SER A 889 44.78 26.20 -24.81
C SER A 889 43.56 25.61 -24.12
N MET A 890 43.74 25.24 -22.85
CA MET A 890 42.64 24.73 -22.04
C MET A 890 42.56 25.62 -20.80
N VAL A 891 41.86 26.75 -20.94
CA VAL A 891 41.76 27.75 -19.89
C VAL A 891 40.32 28.24 -19.84
N LEU A 892 39.91 28.70 -18.66
CA LEU A 892 38.50 28.91 -18.37
C LEU A 892 37.99 30.32 -18.62
N ASP A 893 38.87 31.30 -18.78
CA ASP A 893 38.45 32.70 -18.78
C ASP A 893 37.75 33.05 -17.47
N ASP A 894 38.53 32.95 -16.39
CA ASP A 894 37.98 33.07 -15.05
C ASP A 894 37.38 34.43 -14.78
N ASP A 895 37.77 35.44 -15.55
CA ASP A 895 37.25 36.78 -15.35
C ASP A 895 35.79 36.86 -15.75
N LEU A 896 35.43 36.26 -16.88
CA LEU A 896 34.05 36.31 -17.35
C LEU A 896 33.13 35.44 -16.51
N LEU A 897 33.62 34.28 -16.08
CA LEU A 897 32.82 33.41 -15.23
C LEU A 897 32.55 34.03 -13.86
N HIS A 898 33.34 35.04 -13.49
CA HIS A 898 33.11 35.75 -12.23
C HIS A 898 32.03 36.81 -12.37
N GLU A 899 31.96 37.47 -13.53
CA GLU A 899 30.95 38.51 -13.72
C GLU A 899 29.55 37.93 -13.64
N TYR A 900 29.32 36.78 -14.28
CA TYR A 900 28.01 36.16 -14.20
C TYR A 900 27.75 35.58 -12.82
N GLY A 901 28.80 35.19 -12.12
CA GLY A 901 28.64 34.69 -10.76
C GLY A 901 28.84 33.20 -10.64
N PHE A 902 29.47 32.59 -11.64
CA PHE A 902 29.74 31.15 -11.56
C PHE A 902 30.75 30.82 -10.49
N THR A 903 31.66 31.74 -10.17
CA THR A 903 32.67 31.45 -9.15
C THR A 903 32.03 31.34 -7.77
N GLY A 904 31.11 32.24 -7.44
CA GLY A 904 30.40 32.12 -6.18
C GLY A 904 29.46 30.93 -6.16
N ALA A 905 28.89 30.57 -7.32
CA ALA A 905 27.98 29.43 -7.36
C ALA A 905 28.74 28.12 -7.17
N LEU A 906 29.86 27.96 -7.85
CA LEU A 906 30.62 26.72 -7.73
C LEU A 906 31.25 26.56 -6.36
N LEU A 907 31.56 27.66 -5.69
CA LEU A 907 32.10 27.58 -4.33
C LEU A 907 31.08 27.01 -3.38
N LEU A 908 29.85 27.52 -3.42
CA LEU A 908 28.79 27.03 -2.53
C LEU A 908 28.59 25.53 -2.71
N ILE A 909 28.73 25.03 -3.93
CA ILE A 909 28.65 23.59 -4.15
C ILE A 909 29.79 22.87 -3.44
N ASP A 910 30.96 23.51 -3.37
CA ASP A 910 32.12 22.86 -2.79
C ASP A 910 32.06 22.79 -1.27
N LEU A 911 31.14 23.50 -0.64
CA LEU A 911 30.97 23.38 0.80
C LEU A 911 30.36 22.03 1.17
N ASN A 912 29.51 21.49 0.30
CA ASN A 912 28.85 20.20 0.51
C ASN A 912 28.09 20.19 1.84
N ILE A 913 27.16 21.14 1.94
CA ILE A 913 26.49 21.40 3.21
C ILE A 913 25.63 20.22 3.63
N LEU A 914 24.82 19.70 2.71
CA LEU A 914 23.94 18.59 3.07
C LEU A 914 24.73 17.36 3.45
N ASP A 915 25.76 17.02 2.68
CA ASP A 915 26.64 15.93 3.07
C ASP A 915 27.25 16.20 4.45
N LEU A 916 27.67 17.44 4.69
CA LEU A 916 28.26 17.80 5.98
C LEU A 916 27.27 17.59 7.12
N ILE A 917 25.99 17.84 6.88
CA ILE A 917 25.00 17.73 7.94
C ILE A 917 24.79 16.28 8.34
N ASP A 918 24.79 15.38 7.35
CA ASP A 918 24.50 13.98 7.68
C ASP A 918 25.65 13.30 8.39
N GLU A 919 26.86 13.87 8.32
CA GLU A 919 27.97 13.26 9.04
C GLU A 919 27.84 13.44 10.53
N VAL A 920 27.33 14.60 10.99
CA VAL A 920 27.18 14.78 12.43
C VAL A 920 26.01 13.96 12.95
N LYS A 921 25.10 13.53 12.08
CA LYS A 921 23.97 12.73 12.53
C LYS A 921 24.37 11.27 12.70
N LYS A 922 25.27 10.77 11.85
CA LYS A 922 25.72 9.39 11.97
C LYS A 922 26.71 9.20 13.10
N GLU A 923 27.33 10.26 13.60
CA GLU A 923 28.24 10.13 14.73
C GLU A 923 27.52 9.70 15.99
N ASP A 924 26.22 9.96 16.08
CA ASP A 924 25.44 9.59 17.25
C ASP A 924 24.87 8.18 17.16
N ILE A 925 25.05 7.51 16.03
CA ILE A 925 24.63 6.13 15.87
C ILE A 925 25.70 5.23 16.43
N SER A 926 25.36 4.46 17.46
CA SER A 926 26.32 3.54 18.05
C SER A 926 26.39 2.27 17.22
N PRO A 927 27.53 1.97 16.59
CA PRO A 927 27.61 0.75 15.78
C PRO A 927 27.56 -0.52 16.61
N VAL A 928 27.76 -0.43 17.92
CA VAL A 928 27.62 -1.61 18.77
C VAL A 928 26.17 -2.06 18.81
N LYS A 929 25.24 -1.10 18.81
CA LYS A 929 23.83 -1.46 18.82
C LYS A 929 23.35 -1.91 17.44
N VAL A 930 23.84 -1.27 16.38
CA VAL A 930 23.45 -1.68 15.03
C VAL A 930 23.96 -3.10 14.75
N ASN A 931 25.13 -3.44 15.24
CA ASN A 931 25.68 -4.76 14.97
C ASN A 931 24.96 -5.82 15.81
N GLU A 932 24.69 -5.52 17.08
CA GLU A 932 23.92 -6.45 17.90
C GLU A 932 22.52 -6.66 17.33
N LEU A 933 21.90 -5.60 16.82
CA LEU A 933 20.58 -5.75 16.21
C LEU A 933 20.66 -6.54 14.93
N ALA A 934 21.72 -6.34 14.14
CA ALA A 934 21.86 -7.08 12.89
C ALA A 934 22.20 -8.54 13.15
N THR A 935 22.91 -8.82 14.24
CA THR A 935 23.25 -10.20 14.56
C THR A 935 22.00 -11.03 14.82
N SER A 936 21.03 -10.46 15.51
CA SER A 936 19.82 -11.21 15.85
C SER A 936 18.88 -11.38 14.67
N LEU A 937 18.97 -10.52 13.65
CA LEU A 937 18.17 -10.72 12.46
C LEU A 937 18.75 -11.80 11.55
N GLU A 938 20.04 -12.08 11.68
CA GLU A 938 20.67 -13.10 10.84
C GLU A 938 20.31 -14.51 11.28
N GLN A 939 19.82 -14.69 12.50
CA GLN A 939 19.41 -15.99 13.00
C GLN A 939 18.00 -16.35 12.57
N LEU A 940 17.44 -15.64 11.60
CA LEU A 940 16.08 -15.82 11.16
C LEU A 940 15.96 -16.28 9.72
N GLY A 941 16.97 -16.05 8.89
CA GLY A 941 16.93 -16.51 7.53
C GLY A 941 18.24 -17.03 7.01
N LYS A 942 18.23 -18.28 6.55
CA LYS A 942 19.27 -18.87 5.72
C LYS A 942 20.57 -19.17 6.46
N LEU A 943 20.74 -18.69 7.69
CA LEU A 943 21.89 -19.02 8.51
C LEU A 943 23.20 -18.87 7.72
N GLY A 944 23.48 -17.64 7.35
CA GLY A 944 24.65 -17.33 6.55
C GLY A 944 24.31 -16.35 5.44
N GLU A 945 25.10 -16.36 4.38
CA GLU A 945 24.91 -15.59 3.15
C GLU A 945 24.75 -14.09 3.40
N ARG A 946 24.93 -13.64 4.63
CA ARG A 946 25.24 -12.25 4.92
C ARG A 946 26.73 -12.05 5.12
N GLU A 947 27.34 -12.90 5.96
CA GLU A 947 28.79 -12.88 6.11
C GLU A 947 29.48 -13.22 4.80
N LYS A 948 28.92 -14.15 4.03
CA LYS A 948 29.56 -14.55 2.78
C LYS A 948 29.56 -13.41 1.78
N SER A 949 28.42 -12.73 1.63
CA SER A 949 28.35 -11.62 0.69
C SER A 949 29.10 -10.41 1.20
N ARG A 950 29.18 -10.25 2.53
CA ARG A 950 29.99 -9.17 3.09
C ARG A 950 31.46 -9.40 2.84
N ARG A 951 31.93 -10.64 3.01
CA ARG A 951 33.33 -10.93 2.76
C ARG A 951 33.68 -10.76 1.29
N ALA A 952 32.77 -11.18 0.41
CA ALA A 952 32.99 -10.98 -1.02
C ALA A 952 33.11 -9.50 -1.36
N ALA A 953 32.44 -8.63 -0.60
CA ALA A 953 32.59 -7.20 -0.80
C ALA A 953 33.95 -6.71 -0.31
N SER A 954 34.42 -7.20 0.83
CA SER A 954 35.69 -6.74 1.36
C SER A 954 36.87 -7.32 0.58
N ASP A 955 36.81 -8.61 0.25
CA ASP A 955 37.83 -9.20 -0.62
C ASP A 955 37.84 -8.55 -1.98
N LEU A 956 36.73 -7.90 -2.35
CA LEU A 956 36.71 -7.07 -3.54
C LEU A 956 37.34 -5.71 -3.28
N LYS A 957 37.04 -5.11 -2.12
CA LYS A 957 37.52 -3.76 -1.84
C LYS A 957 39.04 -3.72 -1.70
N ILE A 958 39.65 -4.83 -1.29
CA ILE A 958 41.10 -4.86 -1.14
C ILE A 958 41.78 -4.58 -2.48
N ARG A 959 41.11 -4.90 -3.57
CA ARG A 959 41.60 -4.56 -4.90
C ARG A 959 41.05 -3.22 -5.34
N GLY A 960 41.19 -2.89 -6.62
CA GLY A 960 40.85 -1.55 -7.08
C GLY A 960 39.38 -1.21 -6.92
N HIS A 961 38.51 -2.21 -6.90
CA HIS A 961 37.07 -2.01 -6.99
C HIS A 961 36.44 -2.10 -5.60
N ALA A 962 35.64 -1.09 -5.26
CA ALA A 962 35.01 -0.98 -3.95
C ALA A 962 33.54 -0.62 -4.13
N LEU A 963 32.66 -1.53 -3.76
CA LEU A 963 31.23 -1.31 -3.95
C LEU A 963 30.66 -0.49 -2.80
N SER A 964 29.60 0.25 -3.09
CA SER A 964 28.90 0.97 -2.04
C SER A 964 28.03 0.01 -1.24
N ASN A 965 27.85 0.33 0.05
CA ASN A 965 27.23 -0.61 0.98
C ASN A 965 25.76 -0.88 0.62
N ASP A 966 25.07 0.11 0.07
CA ASP A 966 23.67 -0.10 -0.31
C ASP A 966 23.56 -1.12 -1.43
N ILE A 967 24.64 -1.33 -2.18
CA ILE A 967 24.66 -2.37 -3.21
C ILE A 967 24.91 -3.72 -2.57
N VAL A 968 25.87 -3.79 -1.65
CA VAL A 968 26.25 -5.04 -1.01
C VAL A 968 25.09 -5.59 -0.20
N TYR A 969 24.80 -6.88 -0.39
CA TYR A 969 23.64 -7.49 0.25
C TYR A 969 23.90 -7.80 1.71
N GLY A 970 25.16 -7.96 2.11
CA GLY A 970 25.48 -8.22 3.50
C GLY A 970 25.25 -7.04 4.43
N TYR A 971 25.32 -5.82 3.92
CA TYR A 971 25.00 -4.62 4.70
C TYR A 971 23.56 -4.19 4.49
N GLY A 972 22.72 -5.06 3.94
CA GLY A 972 21.34 -4.71 3.73
C GLY A 972 20.60 -4.46 5.03
N LEU A 973 20.95 -5.21 6.07
CA LEU A 973 20.31 -5.03 7.37
C LEU A 973 20.77 -3.74 8.04
N GLN A 974 22.06 -3.40 7.91
CA GLN A 974 22.56 -2.21 8.58
C GLN A 974 22.03 -0.94 7.93
N GLU A 975 22.11 -0.85 6.59
CA GLU A 975 21.74 0.37 5.90
C GLU A 975 20.33 0.84 6.27
N LYS A 976 19.43 -0.10 6.58
CA LYS A 976 18.10 0.27 7.02
C LYS A 976 18.13 0.80 8.45
N ILE A 977 18.85 0.12 9.34
CA ILE A 977 18.92 0.56 10.73
C ILE A 977 19.65 1.90 10.83
N GLN A 978 20.53 2.20 9.87
CA GLN A 978 21.05 3.56 9.78
C GLN A 978 19.95 4.54 9.40
N LYS A 979 19.17 4.22 8.36
CA LYS A 979 18.04 5.06 7.99
C LYS A 979 17.04 5.17 9.13
N SER A 980 16.82 4.06 9.84
CA SER A 980 15.89 4.08 10.96
C SER A 980 16.41 4.96 12.09
N ALA A 981 17.74 4.99 12.27
CA ALA A 981 18.32 5.81 13.33
C ALA A 981 18.57 7.23 12.86
N MET A 982 18.58 7.45 11.54
CA MET A 982 18.74 8.80 11.01
C MET A 982 17.41 9.46 10.66
N ALA A 983 16.29 8.76 10.78
CA ALA A 983 15.00 9.37 10.47
C ALA A 983 14.67 10.47 11.47
N THR A 984 15.33 10.45 12.63
CA THR A 984 15.10 11.46 13.64
C THR A 984 15.53 12.84 13.14
N LYS A 985 14.85 13.86 13.63
CA LYS A 985 15.18 15.23 13.26
C LYS A 985 16.44 15.68 14.00
N GLU A 986 17.09 16.72 13.47
CA GLU A 986 18.31 17.23 14.06
C GLU A 986 18.04 17.90 15.39
N THR A 987 18.88 17.62 16.39
CA THR A 987 18.72 18.23 17.70
C THR A 987 19.48 19.55 17.78
N THR A 988 19.39 20.20 18.95
CA THR A 988 20.01 21.50 19.12
C THR A 988 21.50 21.37 19.38
N VAL A 989 21.93 20.28 20.03
CA VAL A 989 23.35 20.07 20.25
C VAL A 989 24.05 19.71 18.95
N GLN A 990 23.30 19.17 17.99
CA GLN A 990 23.89 18.81 16.70
C GLN A 990 24.02 20.03 15.81
N SER A 991 23.12 21.00 15.95
CA SER A 991 23.20 22.21 15.15
C SER A 991 24.47 23.00 15.44
N LYS A 992 25.02 22.84 16.65
CA LYS A 992 26.29 23.48 16.95
C LYS A 992 27.43 22.79 16.23
N ARG A 993 27.44 21.46 16.20
CA ARG A 993 28.49 20.74 15.53
C ARG A 993 28.43 20.96 14.03
N VAL A 994 27.22 21.14 13.48
CA VAL A 994 27.08 21.54 12.10
C VAL A 994 27.71 22.92 11.89
N SER A 995 27.33 23.88 12.73
CA SER A 995 27.86 25.24 12.59
C SER A 995 29.37 25.25 12.78
N SER A 996 29.88 24.44 13.71
CA SER A 996 31.32 24.42 13.97
C SER A 996 32.07 23.85 12.78
N ARG A 997 31.59 22.74 12.21
CA ARG A 997 32.28 22.12 11.08
C ARG A 997 32.09 22.94 9.81
N LEU A 998 30.92 23.54 9.62
CA LEU A 998 30.72 24.40 8.44
C LEU A 998 31.63 25.61 8.51
N HIS A 999 31.90 26.13 9.71
CA HIS A 999 32.76 27.29 9.83
C HIS A 999 34.21 26.93 9.49
N GLU A 1000 34.62 25.70 9.77
CA GLU A 1000 35.98 25.30 9.45
C GLU A 1000 36.21 25.25 7.95
N VAL A 1001 35.24 24.74 7.20
CA VAL A 1001 35.45 24.59 5.76
C VAL A 1001 35.37 25.92 5.02
N ILE A 1002 34.68 26.92 5.57
CA ILE A 1002 34.59 28.21 4.89
C ILE A 1002 35.93 28.93 4.95
N VAL A 1003 36.58 28.97 6.11
CA VAL A 1003 37.88 29.62 6.20
C VAL A 1003 38.93 28.78 5.48
N ALA A 1004 38.62 27.55 5.13
CA ALA A 1004 39.59 26.70 4.44
C ALA A 1004 39.50 26.86 2.94
N LYS A 1005 38.29 26.97 2.40
CA LYS A 1005 38.10 27.04 0.95
C LYS A 1005 38.19 28.45 0.41
N THR A 1006 37.65 29.44 1.12
CA THR A 1006 37.51 30.79 0.61
C THR A 1006 38.82 31.58 0.63
N ARG A 1007 39.94 30.93 0.89
CA ARG A 1007 41.21 31.65 0.93
C ARG A 1007 41.55 32.26 -0.42
N ASP A 1008 41.78 31.41 -1.42
CA ASP A 1008 41.96 31.88 -2.79
C ASP A 1008 41.22 30.89 -3.69
N TYR A 1009 39.94 31.13 -3.92
CA TYR A 1009 39.11 30.19 -4.65
C TYR A 1009 39.20 30.48 -6.14
N LYS A 1010 39.77 29.53 -6.88
CA LYS A 1010 39.69 29.51 -8.33
C LYS A 1010 38.92 28.27 -8.76
N ILE A 1011 38.23 28.37 -9.88
CA ILE A 1011 37.47 27.26 -10.41
C ILE A 1011 38.44 26.13 -10.76
N PRO A 1012 38.34 24.98 -10.10
CA PRO A 1012 39.30 23.89 -10.33
C PRO A 1012 39.04 23.16 -11.64
N THR A 1013 40.07 22.49 -12.13
CA THR A 1013 40.00 21.74 -13.37
C THR A 1013 40.64 20.38 -13.18
N MET A 1014 40.07 19.38 -13.83
CA MET A 1014 40.64 18.05 -13.89
C MET A 1014 41.19 17.78 -15.28
N PRO A 1015 42.08 16.81 -15.43
CA PRO A 1015 42.55 16.46 -16.78
C PRO A 1015 41.46 15.91 -17.66
N ALA A 1016 40.46 15.24 -17.08
CA ALA A 1016 39.37 14.65 -17.86
C ALA A 1016 38.47 15.69 -18.51
N ASP A 1017 38.59 16.95 -18.13
CA ASP A 1017 37.76 18.01 -18.70
C ASP A 1017 38.10 18.30 -20.15
N ALA A 1018 39.16 17.72 -20.69
CA ALA A 1018 39.48 17.89 -22.10
C ALA A 1018 38.46 17.24 -23.01
N LEU A 1019 37.65 16.31 -22.50
CA LEU A 1019 36.59 15.70 -23.28
C LEU A 1019 35.44 16.67 -23.57
N HIS A 1020 35.35 17.77 -22.83
CA HIS A 1020 34.33 18.77 -23.07
C HIS A 1020 34.67 19.68 -24.24
N LEU A 1021 35.90 19.64 -24.74
CA LEU A 1021 36.38 20.59 -25.74
C LEU A 1021 36.12 20.01 -27.14
N TYR A 1022 34.87 20.12 -27.56
CA TYR A 1022 34.48 19.70 -28.90
C TYR A 1022 33.37 20.63 -29.39
N GLU A 1023 33.33 20.88 -30.68
CA GLU A 1023 32.34 21.76 -31.26
C GLU A 1023 31.80 21.18 -32.55
N PHE A 1024 30.92 21.94 -33.20
CA PHE A 1024 30.22 21.52 -34.39
C PHE A 1024 30.09 22.69 -35.35
N GLU A 1025 30.10 22.39 -36.64
CA GLU A 1025 29.93 23.38 -37.69
C GLU A 1025 28.80 22.97 -38.60
N VAL A 1026 28.01 23.94 -39.05
CA VAL A 1026 26.85 23.67 -39.88
C VAL A 1026 27.27 23.69 -41.34
N GLU A 1027 27.05 22.58 -42.04
CA GLU A 1027 27.35 22.48 -43.45
C GLU A 1027 26.18 22.99 -44.28
N ASP A 1028 26.32 22.89 -45.59
CA ASP A 1028 25.29 23.34 -46.53
C ASP A 1028 24.47 22.18 -47.08
N VAL A 1029 24.52 21.03 -46.41
CA VAL A 1029 23.87 19.81 -46.86
C VAL A 1029 22.72 19.50 -45.92
N THR A 1030 21.54 19.25 -46.47
CA THR A 1030 20.38 18.93 -45.66
C THR A 1030 20.26 17.43 -45.49
N VAL A 1031 20.24 16.98 -44.24
CA VAL A 1031 20.07 15.56 -43.96
C VAL A 1031 18.65 15.13 -44.26
N ASP A 1032 18.49 13.87 -44.61
CA ASP A 1032 17.19 13.33 -44.94
C ASP A 1032 16.42 12.96 -43.67
N LEU A 1033 15.11 13.07 -43.75
CA LEU A 1033 14.22 12.78 -42.64
C LEU A 1033 13.81 11.32 -42.68
N LEU A 1034 13.56 10.76 -41.51
CA LEU A 1034 13.12 9.38 -41.43
C LEU A 1034 11.73 9.25 -42.05
N PRO A 1035 11.42 8.11 -42.68
CA PRO A 1035 10.12 7.97 -43.34
C PRO A 1035 8.93 8.14 -42.42
N HIS A 1036 9.07 7.90 -41.12
CA HIS A 1036 7.94 8.10 -40.21
C HIS A 1036 7.73 9.57 -39.88
N ALA A 1037 8.33 10.48 -40.64
CA ALA A 1037 8.02 11.89 -40.49
C ALA A 1037 6.73 12.25 -41.24
N LYS A 1038 6.47 11.60 -42.37
CA LYS A 1038 5.22 11.80 -43.08
C LYS A 1038 4.05 11.19 -42.31
N HIS A 1039 4.32 10.14 -41.54
CA HIS A 1039 3.26 9.42 -40.85
C HIS A 1039 2.79 10.13 -39.58
N THR A 1040 3.55 11.11 -39.10
CA THR A 1040 3.21 11.83 -37.88
C THR A 1040 2.83 13.28 -38.15
N SER A 1041 2.71 13.67 -39.41
CA SER A 1041 2.30 15.04 -39.73
C SER A 1041 0.79 15.22 -39.61
N TYR A 1042 0.04 14.12 -39.66
CA TYR A 1042 -1.38 14.16 -39.40
C TYR A 1042 -1.63 13.63 -38.00
N SER A 1043 -2.32 14.40 -37.16
CA SER A 1043 -2.72 13.94 -35.82
C SER A 1043 -1.51 13.50 -35.00
N ASN A 1044 -0.68 14.48 -34.67
CA ASN A 1044 0.52 14.28 -33.89
C ASN A 1044 0.30 13.37 -32.70
N LEU A 1045 1.30 12.56 -32.35
CA LEU A 1045 1.15 11.55 -31.33
C LEU A 1045 1.54 12.04 -29.94
N ALA A 1046 1.67 13.34 -29.75
CA ALA A 1046 1.80 13.92 -28.42
C ALA A 1046 1.44 15.40 -28.52
N TYR A 1047 1.16 16.00 -27.37
CA TYR A 1047 0.78 17.41 -27.35
C TYR A 1047 1.95 18.30 -27.73
N ASN A 1048 3.17 17.87 -27.46
CA ASN A 1048 4.38 18.62 -27.78
C ASN A 1048 5.01 18.18 -29.10
N MET A 1049 4.36 17.30 -29.85
CA MET A 1049 4.91 16.76 -31.08
C MET A 1049 4.09 17.14 -32.30
N SER A 1050 3.47 18.31 -32.28
CA SER A 1050 2.70 18.76 -33.43
C SER A 1050 3.64 19.05 -34.61
N PHE A 1051 3.06 19.06 -35.80
CA PHE A 1051 3.85 19.19 -37.03
C PHE A 1051 4.63 20.50 -37.03
N GLY A 1052 5.93 20.40 -37.25
CA GLY A 1052 6.81 21.54 -37.28
C GLY A 1052 7.50 21.85 -35.97
N SER A 1053 6.97 21.35 -34.85
CA SER A 1053 7.49 21.65 -33.54
C SER A 1053 8.89 21.05 -33.36
N ASP A 1054 9.51 21.34 -32.22
CA ASP A 1054 10.84 20.83 -31.94
C ASP A 1054 10.82 19.37 -31.49
N GLY A 1055 9.73 18.94 -30.85
CA GLY A 1055 9.62 17.54 -30.50
C GLY A 1055 9.29 16.66 -31.68
N TRP A 1056 8.58 17.21 -32.66
CA TRP A 1056 8.31 16.47 -33.89
C TRP A 1056 9.59 16.30 -34.71
N PHE A 1057 10.39 17.36 -34.80
CA PHE A 1057 11.62 17.30 -35.60
C PHE A 1057 12.65 16.38 -34.99
N ALA A 1058 12.72 16.31 -33.65
CA ALA A 1058 13.68 15.42 -33.02
C ALA A 1058 13.33 13.96 -33.26
N PHE A 1059 12.05 13.66 -33.48
CA PHE A 1059 11.64 12.32 -33.87
C PHE A 1059 12.03 12.02 -35.30
N ALA A 1060 11.86 12.99 -36.21
CA ALA A 1060 12.17 12.78 -37.62
C ALA A 1060 13.67 12.64 -37.86
N LEU A 1061 14.49 13.01 -36.87
CA LEU A 1061 15.94 12.92 -37.01
C LEU A 1061 16.51 11.72 -36.27
N LEU A 1062 16.20 11.59 -34.98
CA LEU A 1062 16.79 10.52 -34.18
C LEU A 1062 15.99 9.23 -34.32
N GLY A 1063 14.68 9.33 -34.34
CA GLY A 1063 13.80 8.19 -34.44
C GLY A 1063 13.19 7.82 -33.11
N GLY A 1064 12.65 6.61 -33.05
CA GLY A 1064 11.93 6.14 -31.88
C GLY A 1064 12.78 5.31 -30.96
N LEU A 1065 12.11 4.69 -29.99
CA LEU A 1065 12.79 3.98 -28.92
C LEU A 1065 13.55 2.78 -29.44
N ASP A 1066 14.55 2.35 -28.66
CA ASP A 1066 15.29 1.14 -28.97
C ASP A 1066 14.60 -0.05 -28.31
N ARG A 1067 13.97 -0.89 -29.12
CA ARG A 1067 13.16 -1.98 -28.58
C ARG A 1067 14.03 -3.01 -27.87
N SER A 1068 15.26 -3.24 -28.35
CA SER A 1068 16.12 -4.22 -27.73
C SER A 1068 16.71 -3.73 -26.43
N ALA A 1069 16.86 -2.41 -26.26
CA ALA A 1069 17.38 -1.88 -25.02
C ALA A 1069 16.33 -1.87 -23.93
N ASN A 1070 15.10 -1.50 -24.28
CA ASN A 1070 14.03 -1.46 -23.29
C ASN A 1070 13.66 -2.86 -22.82
N LEU A 1071 13.82 -3.86 -23.68
CA LEU A 1071 13.54 -5.22 -23.26
C LEU A 1071 14.54 -5.70 -22.21
N LEU A 1072 15.82 -5.33 -22.36
CA LEU A 1072 16.81 -5.70 -21.37
C LEU A 1072 16.70 -4.88 -20.10
N ARG A 1073 16.02 -3.74 -20.16
CA ARG A 1073 15.78 -2.96 -18.95
C ARG A 1073 14.64 -3.55 -18.14
N LEU A 1074 13.59 -4.04 -18.81
CA LEU A 1074 12.47 -4.63 -18.09
C LEU A 1074 12.88 -5.91 -17.38
N ASP A 1075 13.96 -6.55 -17.82
CA ASP A 1075 14.44 -7.75 -17.15
C ASP A 1075 15.20 -7.39 -15.88
N VAL A 1076 16.18 -6.50 -15.99
CA VAL A 1076 16.98 -6.11 -14.84
C VAL A 1076 16.14 -5.40 -13.78
N ALA A 1077 14.94 -4.95 -14.14
CA ALA A 1077 14.05 -4.35 -13.16
C ALA A 1077 13.28 -5.40 -12.38
N SER A 1078 13.01 -6.54 -13.01
CA SER A 1078 12.26 -7.60 -12.36
C SER A 1078 13.14 -8.51 -11.51
N ILE A 1079 14.44 -8.21 -11.43
CA ILE A 1079 15.31 -8.97 -10.53
C ILE A 1079 15.37 -8.34 -9.15
N ARG A 1080 14.96 -7.08 -9.02
CA ARG A 1080 15.08 -6.35 -7.76
C ARG A 1080 13.71 -6.22 -7.11
N GLY A 1081 13.61 -6.71 -5.87
CA GLY A 1081 12.39 -6.58 -5.09
C GLY A 1081 12.29 -5.22 -4.42
N ASN A 1082 11.06 -4.78 -4.20
CA ASN A 1082 10.78 -3.43 -3.69
C ASN A 1082 11.51 -2.39 -4.54
N TYR A 1083 11.33 -2.50 -5.85
CA TYR A 1083 12.06 -1.70 -6.83
C TYR A 1083 11.09 -1.25 -7.90
N HIS A 1084 10.81 0.05 -7.94
CA HIS A 1084 9.79 0.59 -8.83
C HIS A 1084 10.30 0.72 -10.26
N LYS A 1085 11.31 1.57 -10.47
CA LYS A 1085 11.82 1.83 -11.80
C LYS A 1085 13.33 1.67 -11.82
N PHE A 1086 13.81 0.98 -12.85
CA PHE A 1086 15.24 0.79 -13.07
C PHE A 1086 15.69 1.64 -14.23
N SER A 1087 16.84 2.28 -14.07
CA SER A 1087 17.47 3.04 -15.13
C SER A 1087 18.93 2.60 -15.23
N TYR A 1088 19.52 2.81 -16.40
CA TYR A 1088 20.91 2.45 -16.62
C TYR A 1088 21.86 3.31 -15.80
N ASP A 1089 21.35 4.24 -15.01
CA ASP A 1089 22.17 5.05 -14.10
C ASP A 1089 22.18 4.49 -12.68
N ASP A 1090 21.49 3.39 -12.43
CA ASP A 1090 21.37 2.83 -11.10
C ASP A 1090 22.73 2.34 -10.58
N PRO A 1091 22.92 2.37 -9.26
CA PRO A 1091 24.23 2.00 -8.72
C PRO A 1091 24.65 0.57 -9.04
N VAL A 1092 23.74 -0.40 -8.95
CA VAL A 1092 24.12 -1.78 -9.17
C VAL A 1092 24.53 -2.01 -10.61
N PHE A 1093 23.85 -1.34 -11.55
CA PHE A 1093 24.24 -1.48 -12.94
C PHE A 1093 25.55 -0.75 -13.22
N LYS A 1094 25.66 0.50 -12.76
CA LYS A 1094 26.86 1.28 -13.03
C LYS A 1094 28.08 0.67 -12.36
N GLN A 1095 27.94 0.22 -11.12
CA GLN A 1095 29.07 -0.39 -10.43
C GLN A 1095 29.42 -1.75 -11.02
N GLY A 1096 28.41 -2.51 -11.46
CA GLY A 1096 28.69 -3.82 -12.03
C GLY A 1096 29.25 -3.72 -13.44
N TYR A 1097 28.79 -2.74 -14.21
CA TYR A 1097 29.31 -2.56 -15.55
C TYR A 1097 30.74 -2.05 -15.53
N LYS A 1098 31.12 -1.32 -14.49
CA LYS A 1098 32.47 -0.76 -14.42
C LYS A 1098 33.51 -1.85 -14.22
N ILE A 1099 33.16 -2.92 -13.51
CA ILE A 1099 34.08 -4.03 -13.35
C ILE A 1099 34.00 -4.98 -14.53
N TYR A 1100 32.83 -5.07 -15.17
CA TYR A 1100 32.70 -5.90 -16.37
C TYR A 1100 33.58 -5.40 -17.49
N LYS A 1101 33.91 -4.11 -17.50
CA LYS A 1101 34.82 -3.57 -18.51
C LYS A 1101 36.26 -3.59 -18.04
N SER A 1102 36.48 -3.37 -16.74
CA SER A 1102 37.85 -3.26 -16.23
C SER A 1102 38.44 -4.63 -15.94
N ASP A 1103 37.84 -5.37 -15.00
CA ASP A 1103 38.33 -6.69 -14.59
C ASP A 1103 37.15 -7.65 -14.60
N ALA A 1104 36.86 -8.24 -15.76
CA ALA A 1104 35.74 -9.16 -15.86
C ALA A 1104 35.95 -10.43 -15.05
N THR A 1105 37.20 -10.80 -14.74
CA THR A 1105 37.46 -12.02 -14.00
C THR A 1105 37.14 -11.91 -12.53
N LEU A 1106 36.76 -10.71 -12.06
CA LEU A 1106 36.32 -10.50 -10.69
C LEU A 1106 34.82 -10.38 -10.60
N LEU A 1107 34.10 -10.72 -11.65
CA LEU A 1107 32.68 -10.48 -11.71
C LEU A 1107 31.88 -11.51 -10.93
N ASN A 1108 32.46 -12.67 -10.62
CA ASN A 1108 31.78 -13.63 -9.78
C ASN A 1108 31.66 -13.14 -8.34
N ASP A 1109 32.75 -12.62 -7.77
CA ASP A 1109 32.68 -12.06 -6.42
C ASP A 1109 31.67 -10.93 -6.34
N PHE A 1110 31.54 -10.14 -7.41
CA PHE A 1110 30.51 -9.10 -7.44
C PHE A 1110 29.12 -9.70 -7.34
N PHE A 1111 28.91 -10.85 -7.99
CA PHE A 1111 27.60 -11.50 -7.94
C PHE A 1111 27.34 -12.11 -6.57
N VAL A 1112 28.39 -12.56 -5.87
CA VAL A 1112 28.21 -13.06 -4.52
C VAL A 1112 27.90 -11.92 -3.56
N ALA A 1113 28.52 -10.76 -3.76
CA ALA A 1113 28.32 -9.64 -2.84
C ALA A 1113 26.90 -9.11 -2.91
N ILE A 1114 26.32 -9.04 -4.11
CA ILE A 1114 24.94 -8.57 -4.26
C ILE A 1114 23.94 -9.71 -4.20
N SER A 1115 24.40 -10.96 -4.05
CA SER A 1115 23.56 -12.15 -3.99
C SER A 1115 22.65 -12.23 -5.23
N ALA A 1116 23.31 -12.39 -6.37
CA ALA A 1116 22.63 -12.60 -7.64
C ALA A 1116 22.63 -14.08 -7.96
N GLY A 1117 21.46 -14.70 -7.97
CA GLY A 1117 21.32 -16.08 -8.33
C GLY A 1117 21.57 -16.28 -9.81
N PRO A 1118 21.63 -17.53 -10.26
CA PRO A 1118 21.95 -17.80 -11.66
C PRO A 1118 20.99 -17.16 -12.65
N LYS A 1119 19.75 -16.86 -12.24
CA LYS A 1119 18.83 -16.19 -13.14
C LYS A 1119 19.19 -14.71 -13.31
N GLU A 1120 19.49 -14.03 -12.20
CA GLU A 1120 19.86 -12.62 -12.29
C GLU A 1120 21.26 -12.43 -12.85
N GLN A 1121 22.14 -13.41 -12.67
CA GLN A 1121 23.47 -13.31 -13.27
C GLN A 1121 23.38 -13.30 -14.79
N GLY A 1122 22.46 -14.09 -15.34
CA GLY A 1122 22.27 -14.06 -16.79
C GLY A 1122 21.59 -12.79 -17.26
N ILE A 1123 20.69 -12.24 -16.43
CA ILE A 1123 19.98 -11.02 -16.82
C ILE A 1123 20.93 -9.82 -16.78
N LEU A 1124 21.86 -9.82 -15.84
CA LEU A 1124 22.84 -8.73 -15.79
C LEU A 1124 23.89 -8.88 -16.86
N LEU A 1125 24.40 -10.09 -17.06
CA LEU A 1125 25.40 -10.32 -18.09
C LEU A 1125 24.84 -10.05 -19.48
N ARG A 1126 23.56 -10.36 -19.70
CA ARG A 1126 22.94 -10.08 -20.98
C ARG A 1126 22.81 -8.59 -21.24
N ALA A 1127 22.63 -7.79 -20.18
CA ALA A 1127 22.51 -6.35 -20.34
C ALA A 1127 23.88 -5.68 -20.40
N PHE A 1128 24.87 -6.21 -19.69
CA PHE A 1128 26.23 -5.69 -19.82
C PHE A 1128 26.73 -5.86 -21.25
N ALA A 1129 26.37 -6.97 -21.89
CA ALA A 1129 26.82 -7.24 -23.25
C ALA A 1129 26.21 -6.28 -24.25
N TYR A 1130 24.98 -5.84 -24.04
CA TYR A 1130 24.34 -4.91 -24.97
C TYR A 1130 24.73 -3.47 -24.70
N TYR A 1131 24.80 -3.08 -23.44
CA TYR A 1131 25.17 -1.70 -23.11
C TYR A 1131 26.58 -1.37 -23.58
N SER A 1132 27.46 -2.36 -23.71
CA SER A 1132 28.82 -2.10 -24.15
C SER A 1132 28.91 -1.78 -25.63
N LEU A 1133 27.84 -1.98 -26.39
CA LEU A 1133 27.84 -1.60 -27.80
C LEU A 1133 27.83 -0.08 -27.97
N TYR A 1134 27.24 0.64 -27.03
CA TYR A 1134 27.12 2.08 -27.12
C TYR A 1134 27.43 2.82 -25.83
N GLY A 1135 27.62 2.13 -24.70
CA GLY A 1135 27.83 2.81 -23.45
C GLY A 1135 29.24 3.35 -23.32
N ASN A 1136 29.41 4.27 -22.38
CA ASN A 1136 30.70 4.84 -22.03
C ASN A 1136 30.73 5.15 -20.53
N VAL A 1137 31.91 5.01 -19.94
CA VAL A 1137 32.05 5.18 -18.50
C VAL A 1137 32.68 6.52 -18.20
N GLU A 1138 33.52 7.00 -19.12
CA GLU A 1138 34.35 8.16 -18.83
C GLU A 1138 33.56 9.46 -18.94
N TYR A 1139 32.58 9.51 -19.83
CA TYR A 1139 31.79 10.71 -20.08
C TYR A 1139 30.37 10.46 -19.59
N HIS A 1140 30.07 10.90 -18.37
CA HIS A 1140 28.81 10.60 -17.71
C HIS A 1140 27.77 11.65 -18.05
N TYR A 1141 26.53 11.20 -18.20
CA TYR A 1141 25.40 12.09 -18.48
C TYR A 1141 24.14 11.39 -18.01
N VAL A 1142 23.06 12.16 -17.86
CA VAL A 1142 21.81 11.67 -17.29
C VAL A 1142 20.65 12.13 -18.15
N LEU A 1143 19.90 11.18 -18.72
CA LEU A 1143 18.63 11.45 -19.36
C LEU A 1143 17.53 10.67 -18.65
N SER A 1144 16.38 11.20 -18.65
CA SER A 1144 15.29 10.50 -17.99
C SER A 1144 14.39 9.81 -19.01
N PRO A 1145 13.79 8.68 -18.64
CA PRO A 1145 12.84 8.04 -19.57
C PRO A 1145 11.60 8.87 -19.81
N ARG A 1146 11.09 9.59 -18.81
CA ARG A 1146 9.98 10.50 -19.03
C ARG A 1146 10.38 11.67 -19.90
N GLN A 1147 11.69 11.95 -19.99
CA GLN A 1147 12.18 13.05 -20.78
C GLN A 1147 12.27 12.68 -22.26
N LEU A 1148 12.82 11.51 -22.56
CA LEU A 1148 12.83 10.97 -23.92
C LEU A 1148 11.71 9.94 -24.07
N PHE A 1149 10.47 10.43 -24.02
CA PHE A 1149 9.32 9.52 -23.99
C PHE A 1149 9.21 8.72 -25.27
N PHE A 1150 9.16 9.39 -26.42
CA PHE A 1150 9.12 8.73 -27.71
C PHE A 1150 10.47 8.67 -28.39
N LEU A 1151 11.44 9.47 -27.94
CA LEU A 1151 12.72 9.63 -28.60
C LEU A 1151 13.66 8.49 -28.27
N SER A 1152 14.73 8.38 -29.04
CA SER A 1152 15.63 7.24 -28.96
C SER A 1152 16.56 7.33 -27.76
N ASP A 1153 16.83 6.18 -27.15
CA ASP A 1153 17.77 6.08 -26.05
C ASP A 1153 19.19 5.85 -26.52
N ASN A 1154 19.36 5.36 -27.72
CA ASN A 1154 20.68 4.95 -28.20
C ASN A 1154 21.38 6.12 -28.87
N PRO A 1155 22.59 6.49 -28.44
CA PRO A 1155 23.31 7.57 -29.11
C PRO A 1155 23.68 7.27 -30.56
N VAL A 1156 23.78 6.00 -30.95
CA VAL A 1156 24.23 5.68 -32.30
C VAL A 1156 23.25 6.17 -33.35
N SER A 1157 22.01 6.47 -32.97
CA SER A 1157 21.05 7.01 -33.94
C SER A 1157 21.42 8.41 -34.40
N ALA A 1158 22.43 9.04 -33.81
CA ALA A 1158 22.83 10.38 -34.18
C ALA A 1158 24.07 10.41 -35.07
N GLU A 1159 24.62 9.25 -35.42
CA GLU A 1159 25.85 9.25 -36.21
C GLU A 1159 25.59 9.42 -37.70
N ARG A 1160 24.34 9.36 -38.13
CA ARG A 1160 24.03 9.64 -39.53
C ARG A 1160 23.89 11.12 -39.81
N LEU A 1161 23.87 11.95 -38.77
CA LEU A 1161 23.62 13.37 -38.92
C LEU A 1161 24.88 14.21 -38.84
N VAL A 1162 26.00 13.63 -38.41
CA VAL A 1162 27.23 14.37 -38.19
C VAL A 1162 28.34 13.70 -39.00
N ARG A 1163 29.22 14.51 -39.58
CA ARG A 1163 30.37 14.01 -40.32
C ARG A 1163 31.63 14.21 -39.50
N ILE A 1164 32.37 13.13 -39.28
CA ILE A 1164 33.58 13.14 -38.48
C ILE A 1164 34.74 12.73 -39.38
N PRO A 1165 35.85 13.47 -39.39
CA PRO A 1165 37.00 13.06 -40.19
C PRO A 1165 37.60 11.77 -39.67
N PRO A 1166 37.93 10.83 -40.56
CA PRO A 1166 38.42 9.52 -40.13
C PRO A 1166 39.78 9.56 -39.45
N SER A 1167 40.51 10.67 -39.52
CA SER A 1167 41.78 10.80 -38.83
C SER A 1167 41.61 10.98 -37.33
N TYR A 1168 40.40 11.27 -36.86
CA TYR A 1168 40.13 11.49 -35.45
C TYR A 1168 39.92 10.21 -34.66
N TYR A 1169 39.79 9.07 -35.34
CA TYR A 1169 39.60 7.79 -34.67
C TYR A 1169 40.96 7.22 -34.33
N VAL A 1170 41.44 7.55 -33.13
CA VAL A 1170 42.77 7.19 -32.69
C VAL A 1170 42.75 6.17 -31.56
N SER A 1171 41.56 5.75 -31.12
CA SER A 1171 41.48 4.83 -29.99
C SER A 1171 40.23 3.98 -30.14
N THR A 1172 40.23 2.86 -29.40
CA THR A 1172 39.14 1.90 -29.47
C THR A 1172 37.83 2.45 -28.95
N GLN A 1173 37.87 3.40 -28.02
CA GLN A 1173 36.67 3.98 -27.43
C GLN A 1173 36.19 5.23 -28.16
N CYS A 1174 36.85 5.60 -29.26
CA CYS A 1174 36.54 6.86 -29.92
C CYS A 1174 35.15 6.85 -30.55
N ARG A 1175 34.75 5.72 -31.12
CA ARG A 1175 33.50 5.69 -31.88
C ARG A 1175 32.30 5.91 -30.97
N ALA A 1176 32.23 5.18 -29.87
CA ALA A 1176 31.13 5.36 -28.93
C ALA A 1176 31.19 6.74 -28.27
N LEU A 1177 32.39 7.24 -28.04
CA LEU A 1177 32.55 8.57 -27.45
C LEU A 1177 32.02 9.66 -28.38
N TYR A 1178 32.35 9.58 -29.67
CA TYR A 1178 31.93 10.61 -30.60
C TYR A 1178 30.43 10.52 -30.89
N ASN A 1179 29.85 9.33 -30.79
CA ASN A 1179 28.41 9.20 -30.98
C ASN A 1179 27.66 9.89 -29.84
N ILE A 1180 28.25 9.92 -28.65
CA ILE A 1180 27.63 10.62 -27.53
C ILE A 1180 27.74 12.13 -27.71
N PHE A 1181 28.92 12.60 -28.15
CA PHE A 1181 29.13 14.03 -28.35
C PHE A 1181 28.08 14.62 -29.28
N SER A 1182 27.67 13.85 -30.28
CA SER A 1182 26.71 14.36 -31.25
C SER A 1182 25.28 14.06 -30.83
N TYR A 1183 25.07 12.99 -30.08
CA TYR A 1183 23.72 12.67 -29.60
C TYR A 1183 23.25 13.67 -28.56
N LEU A 1184 24.17 14.14 -27.71
CA LEU A 1184 23.81 15.11 -26.70
C LEU A 1184 23.68 16.51 -27.28
N HIS A 1185 24.37 16.79 -28.39
CA HIS A 1185 24.33 18.13 -28.96
C HIS A 1185 23.06 18.34 -29.76
N ILE A 1186 22.55 17.29 -30.40
CA ILE A 1186 21.37 17.43 -31.24
C ILE A 1186 20.13 17.55 -30.37
N LEU A 1187 20.13 16.91 -29.21
CA LEU A 1187 19.02 17.07 -28.27
C LEU A 1187 19.06 18.41 -27.56
N ARG A 1188 20.23 18.97 -27.33
CA ARG A 1188 20.35 20.26 -26.64
C ARG A 1188 20.11 21.43 -27.57
N SER A 1189 20.50 21.34 -28.82
CA SER A 1189 20.43 22.46 -29.76
C SER A 1189 19.30 22.24 -30.76
N ILE A 1190 18.24 21.57 -30.33
CA ILE A 1190 17.18 21.20 -31.25
C ILE A 1190 16.30 22.38 -31.65
N THR A 1191 16.34 23.48 -30.89
CA THR A 1191 15.48 24.61 -31.21
C THR A 1191 15.97 25.41 -32.41
N SER A 1192 17.24 25.30 -32.77
CA SER A 1192 17.81 26.02 -33.89
C SER A 1192 18.24 25.09 -35.01
N ASN A 1193 17.76 23.85 -34.96
CA ASN A 1193 18.11 22.81 -35.92
C ASN A 1193 17.17 22.91 -37.11
N GLN A 1194 17.67 23.47 -38.21
CA GLN A 1194 16.88 23.63 -39.42
C GLN A 1194 17.07 22.47 -40.39
N GLY A 1195 17.75 21.41 -39.98
CA GLY A 1195 17.87 20.21 -40.78
C GLY A 1195 19.11 20.11 -41.64
N LYS A 1196 20.21 20.69 -41.18
CA LYS A 1196 21.48 20.66 -41.90
C LYS A 1196 22.44 19.68 -41.23
N ARG A 1197 23.41 19.21 -42.00
CA ARG A 1197 24.40 18.28 -41.48
C ARG A 1197 25.50 19.03 -40.74
N LEU A 1198 26.06 18.38 -39.72
CA LEU A 1198 27.05 18.98 -38.85
C LEU A 1198 28.42 18.36 -39.08
N GLY A 1199 29.45 19.15 -38.83
CA GLY A 1199 30.83 18.67 -38.86
C GLY A 1199 31.50 18.85 -37.53
N MET A 1200 32.08 17.79 -36.98
CA MET A 1200 32.67 17.83 -35.65
C MET A 1200 34.12 18.28 -35.72
N VAL A 1201 34.48 19.21 -34.84
CA VAL A 1201 35.86 19.59 -34.64
C VAL A 1201 36.27 19.20 -33.22
N LEU A 1202 37.55 18.90 -33.05
CA LEU A 1202 38.05 18.41 -31.78
C LEU A 1202 39.29 19.18 -31.37
N HIS A 1203 39.42 19.43 -30.08
CA HIS A 1203 40.60 20.09 -29.54
C HIS A 1203 41.81 19.16 -29.69
N PRO A 1204 42.99 19.71 -29.96
CA PRO A 1204 44.19 18.87 -29.95
C PRO A 1204 44.48 18.26 -28.59
N GLY A 1205 43.96 18.83 -27.52
CA GLY A 1205 44.12 18.26 -26.20
C GLY A 1205 43.11 17.17 -25.90
N LEU A 1206 41.97 17.18 -26.59
CA LEU A 1206 41.03 16.08 -26.48
C LEU A 1206 41.61 14.81 -27.10
N ILE A 1207 42.24 14.97 -28.27
CA ILE A 1207 42.87 13.83 -28.93
C ILE A 1207 43.99 13.27 -28.06
N ALA A 1208 44.72 14.14 -27.36
CA ALA A 1208 45.81 13.67 -26.52
C ALA A 1208 45.30 12.94 -25.29
N TYR A 1209 44.19 13.38 -24.71
CA TYR A 1209 43.66 12.71 -23.53
C TYR A 1209 43.10 11.33 -23.87
N VAL A 1210 42.62 11.14 -25.10
CA VAL A 1210 42.03 9.85 -25.47
C VAL A 1210 43.10 8.85 -25.86
N ARG A 1211 44.19 9.29 -26.51
CA ARG A 1211 45.24 8.39 -26.92
C ARG A 1211 45.82 7.63 -25.74
N GLY A 1212 45.80 8.23 -24.57
CA GLY A 1212 46.27 7.56 -23.37
C GLY A 1212 46.58 8.53 -22.25
N MET B 1 14.68 -35.99 24.85
CA MET B 1 14.65 -34.61 25.33
C MET B 1 13.32 -33.94 25.01
N PHE B 2 12.45 -33.84 26.02
CA PHE B 2 11.15 -33.21 25.86
C PHE B 2 11.29 -31.71 25.69
N ALA B 3 10.34 -31.11 24.99
CA ALA B 3 10.38 -29.66 24.74
C ALA B 3 10.14 -28.86 26.01
N ILE B 4 9.42 -29.42 26.97
CA ILE B 4 9.26 -28.83 28.29
C ILE B 4 9.86 -29.79 29.30
N ASP B 5 10.80 -29.31 30.10
CA ASP B 5 11.54 -30.17 31.01
C ASP B 5 10.59 -30.81 32.02
N PRO B 6 10.45 -32.14 32.03
CA PRO B 6 9.53 -32.76 33.00
C PRO B 6 10.03 -32.73 34.42
N LEU B 7 11.33 -32.49 34.64
CA LEU B 7 11.84 -32.42 36.00
C LEU B 7 11.49 -31.10 36.67
N LYS B 8 11.30 -30.04 35.90
CA LYS B 8 10.86 -28.77 36.43
C LYS B 8 9.35 -28.66 36.47
N HIS B 9 8.69 -28.86 35.33
CA HIS B 9 7.24 -28.75 35.25
C HIS B 9 6.60 -30.15 35.31
N SER B 10 6.79 -30.82 36.43
CA SER B 10 6.20 -32.13 36.60
C SER B 10 4.70 -32.08 36.82
N LYS B 11 4.18 -30.97 37.34
CA LYS B 11 2.74 -30.83 37.52
C LYS B 11 2.03 -30.64 36.19
N LEU B 12 2.72 -30.11 35.18
CA LEU B 12 2.11 -29.92 33.87
C LEU B 12 1.84 -31.27 33.19
N TYR B 13 2.77 -32.20 33.31
CA TYR B 13 2.56 -33.52 32.70
C TYR B 13 1.52 -34.33 33.47
N GLU B 14 1.44 -34.13 34.78
CA GLU B 14 0.41 -34.82 35.56
C GLU B 14 -0.99 -34.45 35.11
N GLU B 15 -1.15 -33.28 34.49
CA GLU B 15 -2.44 -32.92 33.91
C GLU B 15 -2.84 -33.87 32.81
N TYR B 16 -1.86 -34.30 32.00
CA TYR B 16 -2.11 -35.25 30.92
C TYR B 16 -2.20 -36.68 31.42
N GLY B 17 -2.05 -36.91 32.71
CA GLY B 17 -1.99 -38.25 33.24
C GLY B 17 -0.62 -38.88 33.22
N LEU B 18 0.44 -38.10 33.20
CA LEU B 18 1.81 -38.58 33.04
C LEU B 18 2.56 -38.35 34.34
N TYR B 19 2.82 -39.42 35.09
CA TYR B 19 3.53 -39.35 36.35
C TYR B 19 4.91 -39.96 36.18
N LEU B 20 5.93 -39.24 36.64
CA LEU B 20 7.30 -39.65 36.43
C LEU B 20 7.60 -40.94 37.17
N ARG B 21 8.29 -41.85 36.50
CA ARG B 21 8.73 -43.07 37.14
C ARG B 21 9.69 -42.73 38.28
N PRO B 22 9.64 -43.43 39.41
CA PRO B 22 10.46 -43.04 40.56
C PRO B 22 11.94 -43.29 40.31
N HIS B 23 12.74 -42.79 41.24
CA HIS B 23 14.19 -42.94 41.17
C HIS B 23 14.69 -43.81 42.32
N ALA B 40 19.26 -46.70 35.66
CA ALA B 40 18.62 -47.09 34.42
C ALA B 40 19.06 -46.16 33.30
N PRO B 41 19.14 -46.66 32.07
CA PRO B 41 19.55 -45.77 30.96
C PRO B 41 18.57 -44.63 30.74
N THR B 42 17.29 -44.81 31.08
CA THR B 42 16.31 -43.77 30.86
C THR B 42 16.28 -42.76 32.01
N ILE B 43 16.60 -43.20 33.22
CA ILE B 43 16.74 -42.26 34.33
C ILE B 43 17.93 -41.35 34.10
N ARG B 44 18.97 -41.85 33.43
CA ARG B 44 20.14 -41.03 33.15
C ARG B 44 19.86 -40.06 32.01
N SER B 45 18.96 -40.40 31.10
CA SER B 45 18.73 -39.56 29.93
C SER B 45 17.85 -38.37 30.29
N ILE B 46 16.93 -38.54 31.23
CA ILE B 46 16.06 -37.43 31.61
C ILE B 46 16.82 -36.44 32.50
N LYS B 47 17.87 -36.90 33.16
CA LYS B 47 18.73 -35.98 33.91
C LYS B 47 19.67 -35.23 32.99
N TYR B 48 20.09 -35.86 31.90
CA TYR B 48 20.97 -35.18 30.95
C TYR B 48 20.25 -34.05 30.23
N ALA B 49 19.02 -34.32 29.78
CA ALA B 49 18.26 -33.29 29.09
C ALA B 49 17.94 -32.11 29.99
N SER B 50 17.83 -32.35 31.30
CA SER B 50 17.56 -31.26 32.22
C SER B 50 18.76 -30.33 32.36
N LEU B 51 19.97 -30.87 32.18
CA LEU B 51 21.17 -30.05 32.17
C LEU B 51 21.29 -29.26 30.87
N ILE B 52 20.79 -29.81 29.76
CA ILE B 52 20.87 -29.12 28.49
C ILE B 52 19.88 -27.97 28.44
N HIS B 53 18.72 -28.14 29.08
CA HIS B 53 17.75 -27.05 29.17
C HIS B 53 18.32 -25.86 29.93
N SER B 54 18.93 -26.11 31.09
CA SER B 54 19.50 -25.03 31.88
C SER B 54 20.63 -24.34 31.13
N MET B 55 21.42 -25.09 30.38
CA MET B 55 22.50 -24.49 29.61
C MET B 55 21.95 -23.65 28.46
N LEU B 56 20.92 -24.14 27.77
CA LEU B 56 20.36 -23.40 26.65
C LEU B 56 19.70 -22.11 27.10
N ALA B 57 18.99 -22.15 28.22
CA ALA B 57 18.34 -20.94 28.73
C ALA B 57 19.37 -19.92 29.19
N LYS B 58 20.50 -20.39 29.70
CA LYS B 58 21.56 -19.47 30.12
C LYS B 58 22.26 -18.84 28.93
N HIS B 59 22.39 -19.60 27.84
CA HIS B 59 23.01 -19.06 26.63
C HIS B 59 22.08 -18.10 25.92
N ALA B 60 20.78 -18.38 25.89
CA ALA B 60 19.85 -17.53 25.16
C ALA B 60 19.72 -16.17 25.82
N ALA B 61 19.79 -16.10 27.14
CA ALA B 61 19.64 -14.84 27.84
C ALA B 61 20.77 -13.85 27.53
N ARG B 62 21.89 -14.33 26.99
CA ARG B 62 23.07 -13.49 26.81
C ARG B 62 23.09 -12.74 25.49
N HIS B 63 22.25 -13.10 24.53
CA HIS B 63 22.09 -12.32 23.30
C HIS B 63 20.60 -12.12 23.06
N ASN B 64 20.02 -11.13 23.74
CA ASN B 64 18.65 -10.67 23.50
C ASN B 64 17.65 -11.81 23.37
N GLY B 65 17.91 -12.95 24.01
CA GLY B 65 16.96 -14.04 23.98
C GLY B 65 17.08 -15.00 22.83
N THR B 66 18.14 -14.91 22.04
CA THR B 66 18.31 -15.78 20.88
C THR B 66 19.61 -16.57 20.97
N LEU B 67 19.58 -17.78 20.41
CA LEU B 67 20.79 -18.57 20.21
C LEU B 67 21.45 -18.11 18.91
N ILE B 68 22.78 -18.06 18.92
CA ILE B 68 23.51 -17.39 17.85
C ILE B 68 23.69 -18.29 16.64
N ASN B 69 23.70 -19.61 16.84
CA ASN B 69 23.77 -20.55 15.72
C ASN B 69 22.79 -21.68 15.99
N PRO B 70 21.51 -21.46 15.71
CA PRO B 70 20.51 -22.49 16.04
C PRO B 70 20.71 -23.80 15.29
N ARG B 71 21.55 -23.83 14.25
CA ARG B 71 21.75 -25.07 13.53
C ARG B 71 22.86 -25.91 14.16
N MET B 72 23.92 -25.26 14.65
CA MET B 72 24.96 -25.99 15.36
C MET B 72 24.43 -26.55 16.68
N TYR B 73 23.57 -25.78 17.35
CA TYR B 73 22.96 -26.27 18.58
C TYR B 73 22.09 -27.49 18.32
N ALA B 74 21.28 -27.44 17.27
CA ALA B 74 20.39 -28.55 16.97
C ALA B 74 21.16 -29.80 16.58
N ASP B 75 22.29 -29.64 15.89
CA ASP B 75 23.06 -30.79 15.46
C ASP B 75 23.82 -31.42 16.62
N MET B 76 24.29 -30.61 17.55
CA MET B 76 25.02 -31.15 18.71
C MET B 76 24.08 -31.89 19.64
N ILE B 77 22.85 -31.40 19.81
CA ILE B 77 21.94 -31.99 20.77
C ILE B 77 21.20 -33.17 20.16
N THR B 78 20.60 -32.97 18.99
CA THR B 78 19.67 -33.96 18.45
C THR B 78 20.38 -35.02 17.62
N LEU B 79 21.53 -34.70 17.04
CA LEU B 79 22.31 -35.69 16.31
C LEU B 79 23.51 -36.17 17.11
N GLY B 80 24.05 -35.32 17.98
CA GLY B 80 25.18 -35.69 18.80
C GLY B 80 26.46 -35.91 18.02
N ASN B 81 26.58 -35.29 16.86
CA ASN B 81 27.68 -35.56 15.96
C ASN B 81 28.64 -34.41 15.76
N THR B 82 28.64 -33.39 16.62
CA THR B 82 29.48 -32.22 16.46
C THR B 82 30.30 -31.99 17.72
N LYS B 83 31.57 -31.65 17.55
CA LYS B 83 32.45 -31.31 18.65
C LYS B 83 33.15 -29.99 18.35
N VAL B 84 33.09 -29.07 19.30
CA VAL B 84 33.78 -27.79 19.22
C VAL B 84 34.83 -27.74 20.31
N THR B 85 36.07 -27.45 19.92
CA THR B 85 37.20 -27.52 20.84
C THR B 85 38.17 -26.39 20.53
N VAL B 86 38.68 -25.75 21.59
CA VAL B 86 39.73 -24.74 21.43
C VAL B 86 41.08 -25.40 21.65
N THR B 87 42.02 -25.14 20.75
CA THR B 87 43.36 -25.71 20.84
C THR B 87 44.43 -24.62 20.78
N ASP B 131 36.80 -17.56 15.79
CA ASP B 131 37.50 -16.96 16.92
C ASP B 131 37.15 -17.70 18.21
N ILE B 132 37.74 -17.25 19.33
CA ILE B 132 37.53 -17.92 20.59
C ILE B 132 36.33 -17.34 21.33
N VAL B 133 35.95 -16.10 21.01
CA VAL B 133 34.83 -15.48 21.72
C VAL B 133 33.51 -15.75 21.00
N THR B 134 33.55 -16.06 19.71
CA THR B 134 32.31 -16.33 18.99
C THR B 134 31.85 -17.77 19.22
N TYR B 135 32.78 -18.70 19.41
CA TYR B 135 32.46 -20.09 19.69
C TYR B 135 32.63 -20.43 21.17
N LYS B 136 32.48 -19.45 22.06
CA LYS B 136 32.62 -19.71 23.48
C LYS B 136 31.41 -20.47 24.01
N ALA B 137 30.21 -20.14 23.53
CA ALA B 137 29.01 -20.83 23.97
C ALA B 137 28.92 -22.22 23.35
N LEU B 138 29.37 -22.38 22.11
CA LEU B 138 29.31 -23.68 21.47
C LEU B 138 30.38 -24.61 22.00
N THR B 139 31.52 -24.08 22.41
CA THR B 139 32.52 -24.92 23.05
C THR B 139 32.02 -25.41 24.40
N GLU B 140 31.21 -24.61 25.07
CA GLU B 140 30.71 -24.99 26.39
C GLU B 140 29.66 -26.08 26.29
N MET B 141 28.74 -25.96 25.33
CA MET B 141 27.72 -26.98 25.13
C MET B 141 28.35 -28.27 24.60
N SER B 142 29.52 -28.17 23.99
CA SER B 142 30.16 -29.34 23.41
C SER B 142 30.72 -30.26 24.49
N THR B 143 31.43 -29.70 25.47
CA THR B 143 32.02 -30.54 26.52
C THR B 143 30.97 -31.17 27.41
N LEU B 144 29.81 -30.53 27.55
CA LEU B 144 28.73 -31.13 28.34
C LEU B 144 28.21 -32.39 27.67
N ILE B 145 27.96 -32.32 26.36
CA ILE B 145 27.39 -33.45 25.64
C ILE B 145 28.41 -34.55 25.44
N GLU B 146 29.69 -34.21 25.40
CA GLU B 146 30.72 -35.24 25.36
C GLU B 146 30.72 -36.08 26.62
N SER B 147 30.41 -35.48 27.77
CA SER B 147 30.44 -36.17 29.05
C SER B 147 29.27 -37.13 29.22
N PHE B 148 28.28 -37.07 28.35
CA PHE B 148 27.15 -37.99 28.43
C PHE B 148 27.47 -39.35 27.86
N ARG B 149 28.32 -39.37 26.81
CA ARG B 149 28.74 -40.60 26.15
C ARG B 149 27.54 -41.42 25.69
N LEU B 150 26.66 -40.77 24.94
CA LEU B 150 25.49 -41.46 24.42
C LEU B 150 25.81 -42.09 23.07
N PRO B 151 25.17 -43.21 22.74
CA PRO B 151 25.40 -43.82 21.43
C PRO B 151 24.80 -43.03 20.28
N SER B 152 23.85 -42.14 20.55
CA SER B 152 23.27 -41.27 19.54
C SER B 152 22.92 -39.95 20.22
N GLY B 153 22.12 -39.13 19.54
CA GLY B 153 21.70 -37.86 20.08
C GLY B 153 20.29 -37.92 20.64
N LEU B 154 19.96 -36.91 21.45
CA LEU B 154 18.68 -36.84 22.14
C LEU B 154 17.65 -36.23 21.20
N ALA B 155 16.60 -36.99 20.89
CA ALA B 155 15.53 -36.47 20.05
C ALA B 155 14.65 -35.50 20.82
N LEU B 156 14.24 -34.45 20.14
CA LEU B 156 13.38 -33.43 20.73
C LEU B 156 11.93 -33.87 20.56
N ILE B 157 11.19 -33.90 21.67
CA ILE B 157 9.85 -34.49 21.71
C ILE B 157 8.84 -33.38 21.97
N ILE B 158 7.76 -33.38 21.20
CA ILE B 158 6.69 -32.38 21.29
C ILE B 158 5.36 -33.11 21.37
N PHE B 159 4.39 -32.47 22.04
CA PHE B 159 3.02 -32.95 22.01
C PHE B 159 2.25 -32.25 20.90
N ASP B 160 1.11 -32.83 20.54
CA ASP B 160 0.22 -32.25 19.53
C ASP B 160 -0.91 -31.46 20.17
N ASP B 161 -0.63 -30.84 21.31
CA ASP B 161 -1.60 -30.07 22.07
C ASP B 161 -1.33 -28.59 21.82
N GLU B 162 -2.40 -27.79 21.82
CA GLU B 162 -2.18 -26.35 21.71
C GLU B 162 -1.69 -25.75 23.03
N LYS B 163 -2.20 -26.25 24.16
CA LYS B 163 -1.71 -25.78 25.45
C LYS B 163 -0.24 -26.10 25.66
N TYR B 164 0.19 -27.30 25.26
CA TYR B 164 1.59 -27.67 25.40
C TYR B 164 2.48 -26.79 24.53
N GLN B 165 2.07 -26.53 23.30
CA GLN B 165 2.87 -25.71 22.40
C GLN B 165 2.99 -24.28 22.87
N SER B 166 2.00 -23.78 23.62
CA SER B 166 2.05 -22.43 24.13
C SER B 166 3.03 -22.26 25.28
N LEU B 167 3.49 -23.36 25.89
CA LEU B 167 4.38 -23.30 27.03
C LEU B 167 5.81 -23.68 26.69
N ILE B 168 6.10 -24.00 25.44
CA ILE B 168 7.47 -24.32 25.06
C ILE B 168 8.31 -23.05 25.13
N PRO B 169 9.51 -23.10 25.71
CA PRO B 169 10.37 -21.91 25.75
C PRO B 169 10.69 -21.40 24.36
N ASN B 170 11.15 -20.16 24.30
CA ASN B 170 11.46 -19.54 23.03
C ASN B 170 12.69 -20.17 22.38
N TYR B 171 13.71 -20.51 23.17
CA TYR B 171 14.93 -21.04 22.60
C TYR B 171 14.73 -22.44 22.04
N ILE B 172 13.75 -23.19 22.57
CA ILE B 172 13.44 -24.49 22.00
C ILE B 172 12.75 -24.33 20.66
N ASN B 173 11.86 -23.34 20.54
CA ASN B 173 11.19 -23.09 19.28
C ASN B 173 12.17 -22.71 18.18
N GLN B 174 13.32 -22.13 18.54
CA GLN B 174 14.32 -21.79 17.54
C GLN B 174 15.06 -23.02 17.04
N LEU B 175 15.07 -24.09 17.82
CA LEU B 175 15.72 -25.33 17.38
C LEU B 175 14.86 -26.13 16.42
N ILE B 176 13.54 -26.10 16.59
CA ILE B 176 12.64 -26.95 15.81
C ILE B 176 12.82 -26.72 14.32
N ALA B 177 13.26 -25.53 13.92
CA ALA B 177 13.49 -25.27 12.51
C ALA B 177 14.66 -26.04 11.95
N TYR B 178 15.53 -26.61 12.80
CA TYR B 178 16.73 -27.28 12.36
C TYR B 178 16.81 -28.69 12.92
N THR B 179 15.66 -29.28 13.23
CA THR B 179 15.59 -30.63 13.75
C THR B 179 14.45 -31.36 13.07
N GLN B 180 14.38 -32.65 13.28
CA GLN B 180 13.20 -33.43 12.94
C GLN B 180 12.55 -33.86 14.25
N PRO B 181 11.62 -33.09 14.79
CA PRO B 181 11.07 -33.42 16.10
C PRO B 181 10.17 -34.64 16.06
N HIS B 182 9.98 -35.27 17.20
CA HIS B 182 9.13 -36.45 17.34
C HIS B 182 7.83 -35.99 17.97
N ILE B 183 6.77 -35.91 17.18
CA ILE B 183 5.52 -35.30 17.63
C ILE B 183 4.57 -36.40 18.08
N ILE B 184 4.20 -36.36 19.36
CA ILE B 184 3.30 -37.37 19.95
C ILE B 184 1.87 -36.89 19.76
N PRO B 185 1.01 -37.67 19.12
CA PRO B 185 -0.37 -37.22 18.89
C PRO B 185 -1.24 -37.40 20.13
N THR B 186 -2.31 -36.62 20.17
CA THR B 186 -3.31 -36.68 21.22
C THR B 186 -4.65 -37.04 20.60
N TRP B 187 -5.40 -37.93 21.26
CA TRP B 187 -6.69 -38.33 20.72
C TRP B 187 -7.78 -37.32 21.07
N GLN B 188 -8.06 -37.15 22.35
CA GLN B 188 -9.07 -36.21 22.81
C GLN B 188 -8.47 -35.24 23.82
N GLY B 189 -7.28 -34.75 23.52
CA GLY B 189 -6.52 -33.97 24.46
C GLY B 189 -5.57 -34.75 25.32
N ILE B 190 -5.45 -36.06 25.09
CA ILE B 190 -4.61 -36.93 25.89
C ILE B 190 -3.65 -37.65 24.95
N ALA B 191 -2.35 -37.56 25.26
CA ALA B 191 -1.35 -38.21 24.42
C ALA B 191 -1.38 -39.72 24.62
N ASP B 192 -1.12 -40.46 23.55
CA ASP B 192 -1.18 -41.90 23.62
C ASP B 192 -0.04 -42.46 24.47
N PHE B 193 -0.41 -43.23 25.49
CA PHE B 193 0.55 -43.77 26.45
C PHE B 193 1.39 -44.88 25.87
N SER B 194 1.04 -45.40 24.70
CA SER B 194 1.77 -46.48 24.05
C SER B 194 2.98 -46.00 23.28
N ASP B 195 3.29 -44.70 23.34
CA ASP B 195 4.43 -44.15 22.64
C ASP B 195 5.73 -44.69 23.21
N THR B 196 6.78 -44.63 22.40
CA THR B 196 8.09 -45.13 22.83
C THR B 196 8.62 -44.35 24.02
N TYR B 197 8.64 -43.02 23.91
CA TYR B 197 9.23 -42.20 24.97
C TYR B 197 8.30 -42.05 26.17
N LEU B 198 6.99 -42.06 25.95
CA LEU B 198 6.07 -41.93 27.07
C LEU B 198 6.06 -43.18 27.92
N ARG B 199 6.37 -44.33 27.34
CA ARG B 199 6.32 -45.58 28.07
C ARG B 199 7.56 -45.75 28.95
N SER B 200 8.69 -45.21 28.52
CA SER B 200 9.94 -45.42 29.23
C SER B 200 10.17 -44.38 30.33
N TYR B 201 9.58 -43.21 30.22
CA TYR B 201 9.88 -42.12 31.15
C TYR B 201 8.83 -41.93 32.24
N PHE B 202 7.57 -42.26 31.97
CA PHE B 202 6.51 -42.05 32.93
C PHE B 202 5.91 -43.38 33.35
N LYS B 203 5.04 -43.34 34.35
CA LYS B 203 4.29 -44.50 34.76
C LYS B 203 3.24 -44.82 33.70
N ARG B 204 2.86 -46.09 33.60
CA ARG B 204 1.92 -46.51 32.58
C ARG B 204 0.52 -46.67 33.19
N PRO B 205 -0.48 -45.94 32.71
CA PRO B 205 -1.80 -45.99 33.36
C PRO B 205 -2.46 -47.35 33.20
N PHE B 206 -3.27 -47.69 34.21
CA PHE B 206 -4.08 -48.89 34.19
C PHE B 206 -5.51 -48.51 34.53
N GLU B 207 -6.42 -48.68 33.56
CA GLU B 207 -7.79 -48.22 33.71
C GLU B 207 -8.62 -49.26 34.45
N LEU B 208 -9.18 -48.86 35.59
CA LEU B 208 -10.07 -49.70 36.38
C LEU B 208 -11.52 -49.41 36.01
N THR B 209 -12.25 -50.43 35.61
CA THR B 209 -13.65 -50.28 35.26
C THR B 209 -14.51 -51.12 36.20
N ALA B 210 -15.81 -51.20 35.90
CA ALA B 210 -16.72 -51.93 36.76
C ALA B 210 -16.64 -53.44 36.52
N SER B 211 -16.38 -53.86 35.28
CA SER B 211 -16.19 -55.26 34.98
C SER B 211 -14.75 -55.71 35.19
N ASN B 212 -13.94 -54.89 35.85
CA ASN B 212 -12.51 -55.10 35.97
C ASN B 212 -12.03 -54.95 37.40
N LEU B 213 -12.87 -54.48 38.31
CA LEU B 213 -12.45 -54.12 39.65
C LEU B 213 -11.95 -55.35 40.39
N ALA B 214 -10.67 -55.37 40.71
CA ALA B 214 -10.07 -56.43 41.49
C ALA B 214 -8.85 -55.86 42.21
N ALA B 215 -8.30 -56.65 43.13
CA ALA B 215 -7.10 -56.24 43.85
C ALA B 215 -5.96 -56.02 42.86
N PRO B 216 -4.96 -55.21 43.24
CA PRO B 216 -3.84 -54.99 42.32
C PRO B 216 -3.00 -56.23 42.10
N GLN B 217 -3.31 -57.30 42.83
CA GLN B 217 -2.60 -58.56 42.72
C GLN B 217 -3.11 -59.46 41.61
N LYS B 218 -4.38 -59.34 41.24
CA LYS B 218 -4.90 -60.16 40.15
C LYS B 218 -4.13 -59.92 38.85
N TYR B 219 -3.59 -58.72 38.69
CA TYR B 219 -2.69 -58.39 37.60
C TYR B 219 -1.31 -58.13 38.18
N ASN B 220 -0.28 -58.33 37.35
CA ASN B 220 1.08 -58.06 37.81
C ASN B 220 1.35 -56.56 37.80
N LEU B 221 0.62 -55.84 38.65
CA LEU B 221 0.78 -54.40 38.75
C LEU B 221 1.76 -54.07 39.87
N SER B 222 2.67 -53.16 39.59
CA SER B 222 3.61 -52.64 40.57
C SER B 222 3.36 -51.15 40.77
N PRO B 223 3.46 -50.66 42.01
CA PRO B 223 3.24 -49.23 42.24
C PRO B 223 4.34 -48.36 41.66
N MET B 224 5.43 -48.94 41.19
CA MET B 224 6.53 -48.19 40.61
C MET B 224 6.45 -48.08 39.10
N THR B 225 5.49 -48.72 38.47
CA THR B 225 5.40 -48.67 37.02
C THR B 225 4.01 -48.34 36.52
N ARG B 226 3.00 -48.38 37.37
CA ARG B 226 1.62 -48.16 36.96
C ARG B 226 1.00 -47.04 37.77
N SER B 227 0.19 -46.22 37.11
CA SER B 227 -0.75 -45.32 37.76
C SER B 227 -2.16 -45.82 37.50
N ILE B 228 -3.11 -45.32 38.27
CA ILE B 228 -4.47 -45.83 38.27
C ILE B 228 -5.40 -44.77 37.69
N PHE B 229 -6.26 -45.18 36.76
CA PHE B 229 -7.33 -44.34 36.25
C PHE B 229 -8.65 -44.98 36.69
N ASN B 230 -9.22 -44.44 37.77
CA ASN B 230 -10.44 -45.01 38.37
C ASN B 230 -11.63 -44.63 37.51
N ASN B 231 -12.15 -45.61 36.77
CA ASN B 231 -13.34 -45.43 35.94
C ASN B 231 -14.46 -46.35 36.40
N THR B 232 -14.50 -46.64 37.70
CA THR B 232 -15.53 -47.51 38.26
C THR B 232 -16.80 -46.77 38.63
N GLY B 233 -16.79 -45.44 38.61
CA GLY B 233 -17.92 -44.67 39.07
C GLY B 233 -17.98 -44.50 40.56
N ARG B 234 -17.02 -45.03 41.31
CA ARG B 234 -16.98 -44.95 42.75
C ARG B 234 -15.83 -44.06 43.18
N GLU B 235 -15.82 -43.69 44.46
CA GLU B 235 -14.84 -42.75 44.97
C GLU B 235 -13.45 -43.39 44.97
N ASP B 236 -12.43 -42.55 44.80
CA ASP B 236 -11.06 -43.04 44.86
C ASP B 236 -10.70 -43.50 46.26
N ALA B 237 -11.43 -43.04 47.28
CA ALA B 237 -11.16 -43.46 48.64
C ALA B 237 -11.67 -44.87 48.90
N VAL B 238 -12.83 -45.22 48.35
CA VAL B 238 -13.34 -46.58 48.49
C VAL B 238 -12.47 -47.54 47.70
N ILE B 239 -12.13 -47.18 46.47
CA ILE B 239 -11.27 -48.03 45.64
C ILE B 239 -9.92 -48.23 46.29
N ARG B 240 -9.39 -47.20 46.96
CA ARG B 240 -8.04 -47.28 47.50
C ARG B 240 -7.98 -48.12 48.75
N LYS B 241 -9.04 -48.13 49.55
CA LYS B 241 -9.04 -48.83 50.82
C LYS B 241 -9.75 -50.17 50.77
N LEU B 242 -10.86 -50.28 50.05
CA LEU B 242 -11.61 -51.53 49.98
C LEU B 242 -10.97 -52.54 49.03
N TYR B 243 -9.92 -52.15 48.29
CA TYR B 243 -9.28 -53.02 47.32
C TYR B 243 -7.77 -52.96 47.38
N GLY B 244 -7.19 -52.17 48.27
CA GLY B 244 -5.75 -52.22 48.49
C GLY B 244 -4.90 -51.52 47.46
N TYR B 245 -5.31 -50.34 47.01
CA TYR B 245 -4.52 -49.51 46.11
C TYR B 245 -3.91 -48.34 46.87
N GLY B 246 -3.57 -48.57 48.13
CA GLY B 246 -3.11 -47.48 48.98
C GLY B 246 -1.80 -46.87 48.53
N GLU B 247 -0.93 -47.67 47.93
CA GLU B 247 0.39 -47.21 47.54
C GLU B 247 0.44 -46.71 46.11
N TYR B 248 -0.67 -46.71 45.39
CA TYR B 248 -0.69 -46.30 44.00
C TYR B 248 -1.09 -44.84 43.87
N VAL B 249 -0.66 -44.22 42.77
CA VAL B 249 -0.97 -42.83 42.48
C VAL B 249 -2.09 -42.80 41.45
N PHE B 250 -3.18 -42.12 41.80
CA PHE B 250 -4.33 -41.98 40.91
C PHE B 250 -4.16 -40.73 40.05
N ILE B 251 -4.66 -40.80 38.83
CA ILE B 251 -4.64 -39.64 37.94
C ILE B 251 -5.93 -38.87 38.16
N ARG B 252 -5.89 -37.56 37.98
CA ARG B 252 -7.00 -36.68 38.27
C ARG B 252 -7.47 -36.01 36.97
N TYR B 253 -8.68 -36.37 36.54
CA TYR B 253 -9.35 -35.68 35.46
C TYR B 253 -10.56 -34.93 36.00
N GLU B 254 -10.77 -33.72 35.48
CA GLU B 254 -11.80 -32.85 36.00
C GLU B 254 -13.03 -32.72 35.11
N GLY B 255 -12.96 -33.15 33.86
CA GLY B 255 -14.05 -33.02 32.92
C GLY B 255 -14.85 -34.30 32.79
N CYS B 256 -15.62 -34.38 31.70
CA CYS B 256 -16.41 -35.55 31.38
C CYS B 256 -16.23 -35.87 29.90
N LEU B 257 -16.56 -37.10 29.54
CA LEU B 257 -16.60 -37.51 28.14
C LEU B 257 -17.83 -38.39 27.99
N ILE B 258 -18.90 -37.83 27.44
CA ILE B 258 -20.17 -38.52 27.30
C ILE B 258 -20.27 -39.10 25.90
N THR B 259 -20.94 -40.23 25.77
CA THR B 259 -21.24 -40.85 24.49
C THR B 259 -22.75 -41.01 24.40
N TRP B 260 -23.34 -40.44 23.36
CA TRP B 260 -24.79 -40.45 23.19
C TRP B 260 -25.19 -41.36 22.04
N THR B 261 -26.49 -41.49 21.84
CA THR B 261 -27.07 -42.16 20.69
C THR B 261 -27.54 -41.10 19.71
N GLY B 262 -27.07 -41.18 18.46
CA GLY B 262 -27.41 -40.20 17.45
C GLY B 262 -28.32 -40.76 16.37
N ILE B 263 -28.80 -39.85 15.54
CA ILE B 263 -29.61 -40.24 14.40
C ILE B 263 -28.79 -41.11 13.45
N TYR B 264 -27.50 -40.81 13.31
CA TYR B 264 -26.63 -41.51 12.38
C TYR B 264 -25.71 -42.51 13.06
N GLY B 265 -25.55 -42.45 14.37
CA GLY B 265 -24.66 -43.37 15.06
C GLY B 265 -24.56 -43.03 16.52
N GLU B 266 -23.33 -43.01 17.03
CA GLU B 266 -23.08 -42.56 18.39
C GLU B 266 -22.17 -41.34 18.36
N VAL B 267 -22.48 -40.38 19.22
CA VAL B 267 -21.84 -39.06 19.22
C VAL B 267 -21.12 -38.89 20.54
N THR B 268 -19.86 -38.45 20.48
CA THR B 268 -19.12 -38.16 21.69
C THR B 268 -19.11 -36.65 21.95
N MET B 269 -19.11 -36.30 23.23
CA MET B 269 -19.14 -34.91 23.66
C MET B 269 -18.22 -34.75 24.85
N MET B 270 -17.38 -33.73 24.82
CA MET B 270 -16.54 -33.36 25.96
C MET B 270 -17.19 -32.19 26.68
N VAL B 271 -17.30 -32.29 28.00
CA VAL B 271 -17.92 -31.27 28.83
C VAL B 271 -16.90 -30.79 29.84
N ASN B 272 -16.98 -29.51 30.20
CA ASN B 272 -16.05 -28.89 31.13
C ASN B 272 -16.59 -28.88 32.56
N LEU B 273 -17.40 -29.87 32.92
CA LEU B 273 -17.91 -30.02 34.25
C LEU B 273 -17.53 -31.39 34.78
N SER B 274 -17.46 -31.50 36.11
CA SER B 274 -17.21 -32.78 36.74
C SER B 274 -18.45 -33.67 36.63
N LYS B 275 -18.22 -34.98 36.74
CA LYS B 275 -19.33 -35.92 36.70
C LYS B 275 -20.27 -35.75 37.88
N ARG B 276 -19.79 -35.15 38.97
CA ARG B 276 -20.67 -34.86 40.10
C ARG B 276 -21.45 -33.58 39.89
N ASP B 277 -20.78 -32.52 39.42
CA ASP B 277 -21.46 -31.27 39.14
C ASP B 277 -22.53 -31.45 38.09
N LEU B 278 -22.17 -32.05 36.96
CA LEU B 278 -23.13 -32.40 35.93
C LEU B 278 -23.92 -33.62 36.38
N GLY B 279 -25.20 -33.43 36.70
CA GLY B 279 -25.99 -34.51 37.24
C GLY B 279 -26.58 -35.42 36.18
N LEU B 280 -25.75 -36.25 35.57
CA LEU B 280 -26.18 -37.17 34.51
C LEU B 280 -25.57 -38.54 34.74
N ASP B 281 -26.32 -39.58 34.41
CA ASP B 281 -25.83 -40.96 34.46
C ASP B 281 -26.27 -41.66 33.19
N VAL B 282 -25.87 -42.92 33.05
CA VAL B 282 -26.14 -43.69 31.84
C VAL B 282 -27.64 -43.88 31.70
N GLY B 283 -28.18 -43.51 30.55
CA GLY B 283 -29.60 -43.62 30.28
C GLY B 283 -30.36 -42.31 30.33
N ASP B 284 -29.76 -41.25 30.82
CA ASP B 284 -30.46 -39.97 30.97
C ASP B 284 -30.77 -39.37 29.61
N ASP B 285 -31.46 -38.25 29.60
CA ASP B 285 -31.98 -37.66 28.39
C ASP B 285 -31.15 -36.45 27.99
N TYR B 286 -31.20 -36.11 26.71
CA TYR B 286 -30.48 -34.97 26.19
C TYR B 286 -31.07 -33.66 26.71
N LEU B 287 -32.39 -33.60 26.90
CA LEU B 287 -33.03 -32.36 27.35
C LEU B 287 -32.83 -32.13 28.84
N LYS B 288 -32.66 -33.20 29.61
CA LYS B 288 -32.31 -33.04 31.02
C LYS B 288 -30.91 -32.47 31.14
N GLU B 289 -30.76 -31.45 31.99
CA GLU B 289 -29.47 -30.77 32.17
C GLU B 289 -28.91 -30.26 30.85
N TYR B 290 -29.80 -29.71 30.02
CA TYR B 290 -29.39 -29.27 28.68
C TYR B 290 -28.55 -27.99 28.74
N LYS B 291 -28.87 -27.07 29.63
CA LYS B 291 -28.17 -25.79 29.64
C LYS B 291 -26.73 -25.94 30.12
N LYS B 292 -26.47 -26.94 30.97
CA LYS B 292 -25.09 -27.19 31.39
C LYS B 292 -24.28 -27.77 30.24
N LEU B 293 -24.88 -28.66 29.46
CA LEU B 293 -24.19 -29.21 28.28
C LEU B 293 -23.92 -28.14 27.26
N LEU B 294 -24.88 -27.24 27.03
CA LEU B 294 -24.72 -26.19 26.05
C LEU B 294 -23.66 -25.18 26.48
N PHE B 295 -23.54 -24.92 27.78
CA PHE B 295 -22.59 -23.91 28.24
C PHE B 295 -21.17 -24.45 28.32
N TYR B 296 -21.01 -25.77 28.50
CA TYR B 296 -19.70 -26.34 28.79
C TYR B 296 -19.31 -27.49 27.87
N GLY B 297 -20.11 -27.81 26.86
CA GLY B 297 -19.89 -28.98 26.04
C GLY B 297 -19.43 -28.64 24.64
N VAL B 298 -18.62 -29.52 24.07
CA VAL B 298 -18.16 -29.42 22.68
C VAL B 298 -18.21 -30.82 22.09
N ILE B 299 -18.93 -30.98 20.99
CA ILE B 299 -19.06 -32.27 20.34
C ILE B 299 -17.86 -32.49 19.42
N THR B 300 -17.22 -33.64 19.57
CA THR B 300 -15.98 -33.96 18.85
C THR B 300 -16.22 -34.84 17.64
N ASP B 301 -17.34 -34.65 16.95
CA ASP B 301 -17.66 -35.33 15.71
C ASP B 301 -17.66 -34.33 14.57
N ALA B 302 -17.78 -34.86 13.35
CA ALA B 302 -17.88 -34.02 12.17
C ALA B 302 -19.31 -33.51 12.03
N ILE B 303 -19.47 -32.29 11.54
CA ILE B 303 -20.80 -31.75 11.31
C ILE B 303 -21.27 -32.23 9.94
N PRO B 304 -22.51 -32.70 9.82
CA PRO B 304 -23.49 -32.77 10.90
C PRO B 304 -23.34 -34.00 11.80
N SER B 305 -23.38 -33.80 13.10
CA SER B 305 -23.51 -34.92 14.03
C SER B 305 -25.00 -35.27 14.10
N GLY B 306 -25.33 -36.36 14.76
CA GLY B 306 -26.72 -36.78 14.77
C GLY B 306 -27.44 -36.49 16.06
N ILE B 307 -26.84 -35.63 16.89
CA ILE B 307 -27.41 -35.35 18.20
C ILE B 307 -28.79 -34.71 18.04
N SER B 308 -29.67 -34.97 18.98
CA SER B 308 -31.05 -34.52 18.89
C SER B 308 -31.69 -34.67 20.27
N ALA B 309 -32.92 -34.18 20.39
CA ALA B 309 -33.64 -34.25 21.66
C ALA B 309 -34.04 -35.67 22.03
N ARG B 310 -33.73 -36.66 21.19
CA ARG B 310 -34.04 -38.05 21.46
C ARG B 310 -32.82 -38.87 21.86
N SER B 311 -31.70 -38.22 22.12
CA SER B 311 -30.46 -38.93 22.43
C SER B 311 -30.42 -39.28 23.91
N THR B 312 -29.84 -40.43 24.23
CA THR B 312 -29.63 -40.85 25.60
C THR B 312 -28.15 -41.21 25.79
N ILE B 313 -27.74 -41.27 27.04
CA ILE B 313 -26.33 -41.49 27.35
C ILE B 313 -26.02 -42.97 27.35
N MET B 314 -24.95 -43.34 26.66
CA MET B 314 -24.48 -44.72 26.67
C MET B 314 -23.31 -44.92 27.63
N LYS B 315 -22.51 -43.89 27.86
CA LYS B 315 -21.31 -44.03 28.70
C LYS B 315 -20.82 -42.66 29.10
N ILE B 316 -20.44 -42.51 30.37
CA ILE B 316 -19.82 -41.30 30.89
C ILE B 316 -18.53 -41.69 31.59
N SER B 317 -17.49 -40.89 31.40
CA SER B 317 -16.21 -41.15 32.03
C SER B 317 -15.53 -39.85 32.38
N PRO B 318 -14.72 -39.82 33.43
CA PRO B 318 -13.84 -38.67 33.65
C PRO B 318 -12.87 -38.51 32.48
N HIS B 319 -12.60 -37.27 32.13
CA HIS B 319 -11.78 -36.96 30.97
C HIS B 319 -10.99 -35.70 31.25
N LYS B 320 -9.94 -35.47 30.48
CA LYS B 320 -9.15 -34.26 30.64
C LYS B 320 -9.96 -33.04 30.25
N MET B 321 -9.84 -31.99 31.05
CA MET B 321 -10.62 -30.79 30.84
C MET B 321 -10.04 -29.95 29.70
N MET B 322 -10.93 -29.40 28.87
CA MET B 322 -10.52 -28.72 27.65
C MET B 322 -9.90 -27.36 27.92
N ASN B 323 -8.97 -26.98 27.06
CA ASN B 323 -8.34 -25.67 27.06
C ASN B 323 -8.94 -24.78 26.00
N PRO B 324 -9.24 -23.52 26.31
CA PRO B 324 -9.78 -22.62 25.31
C PRO B 324 -8.73 -22.23 24.27
N SER B 325 -9.20 -21.96 23.07
CA SER B 325 -8.32 -21.59 21.97
C SER B 325 -7.67 -20.24 22.25
N GLY B 326 -6.52 -20.01 21.63
CA GLY B 326 -5.79 -18.78 21.83
C GLY B 326 -6.30 -17.67 20.95
N GLY B 327 -6.70 -18.00 19.71
CA GLY B 327 -7.29 -17.00 18.85
C GLY B 327 -8.66 -16.56 19.31
N ALA B 328 -9.35 -17.40 20.10
CA ALA B 328 -10.65 -17.02 20.64
C ALA B 328 -10.48 -16.06 21.80
N LEU B 329 -9.65 -16.41 22.78
CA LEU B 329 -9.45 -15.55 23.93
C LEU B 329 -8.84 -14.22 23.54
N ALA B 330 -8.18 -14.15 22.38
CA ALA B 330 -7.57 -12.90 21.94
C ALA B 330 -8.62 -11.95 21.38
N VAL B 331 -9.53 -12.48 20.56
CA VAL B 331 -10.57 -11.64 19.96
C VAL B 331 -11.63 -11.29 20.99
N LEU B 332 -11.84 -12.17 21.97
CA LEU B 332 -12.84 -11.89 22.99
C LEU B 332 -12.33 -10.88 24.01
N SER B 333 -11.03 -10.94 24.33
CA SER B 333 -10.45 -9.93 25.19
C SER B 333 -10.18 -8.63 24.44
N LYS B 334 -10.19 -8.66 23.12
CA LYS B 334 -10.17 -7.42 22.35
C LYS B 334 -11.49 -6.68 22.50
N PHE B 335 -12.56 -7.40 22.78
CA PHE B 335 -13.85 -6.78 23.04
C PHE B 335 -13.93 -6.26 24.46
N LEU B 336 -13.26 -6.92 25.40
CA LEU B 336 -13.30 -6.47 26.78
C LEU B 336 -12.48 -5.21 27.00
N GLU B 337 -11.52 -4.95 26.11
CA GLU B 337 -10.78 -3.70 26.17
C GLU B 337 -11.70 -2.51 25.91
N ALA B 338 -12.56 -2.62 24.89
CA ALA B 338 -13.47 -1.54 24.57
C ALA B 338 -14.51 -1.32 25.66
N VAL B 339 -14.97 -2.40 26.29
CA VAL B 339 -15.94 -2.28 27.38
C VAL B 339 -15.35 -1.47 28.52
N VAL B 340 -14.06 -1.67 28.80
CA VAL B 340 -13.44 -1.08 29.97
C VAL B 340 -12.91 0.32 29.68
N SER B 341 -12.47 0.56 28.44
CA SER B 341 -11.79 1.81 28.13
C SER B 341 -12.74 3.00 28.17
N THR B 342 -12.19 4.18 28.41
CA THR B 342 -12.93 5.43 28.38
C THR B 342 -12.71 6.20 27.10
N ASN B 343 -11.80 5.76 26.24
CA ASN B 343 -11.58 6.36 24.94
C ASN B 343 -12.50 5.81 23.87
N VAL B 344 -13.39 4.89 24.22
CA VAL B 344 -14.35 4.30 23.29
C VAL B 344 -15.74 4.67 23.76
N ILE B 345 -16.56 5.18 22.85
CA ILE B 345 -17.92 5.61 23.21
C ILE B 345 -18.88 4.43 23.14
N ASN B 346 -19.01 3.81 21.97
CA ASN B 346 -19.88 2.66 21.79
C ASN B 346 -19.03 1.42 21.59
N ALA B 347 -19.38 0.34 22.30
CA ALA B 347 -18.73 -0.95 22.14
C ALA B 347 -19.76 -1.96 21.64
N THR B 348 -19.36 -2.78 20.67
CA THR B 348 -20.29 -3.75 20.08
C THR B 348 -19.55 -5.03 19.71
N LEU B 349 -20.10 -6.15 20.14
CA LEU B 349 -19.64 -7.47 19.73
C LEU B 349 -20.69 -8.09 18.84
N VAL B 350 -20.31 -8.42 17.61
CA VAL B 350 -21.20 -9.07 16.66
C VAL B 350 -20.93 -10.57 16.73
N VAL B 351 -22.00 -11.35 16.85
CA VAL B 351 -21.90 -12.80 17.00
C VAL B 351 -22.70 -13.46 15.89
N TYR B 352 -22.03 -14.22 15.03
CA TYR B 352 -22.67 -14.97 13.97
C TYR B 352 -22.87 -16.41 14.41
N ALA B 353 -24.00 -16.99 14.02
CA ALA B 353 -24.26 -18.38 14.33
C ALA B 353 -25.27 -18.93 13.33
N GLU B 354 -25.33 -20.26 13.28
CA GLU B 354 -26.31 -20.92 12.44
C GLU B 354 -27.69 -20.86 13.09
N LYS B 355 -28.72 -20.85 12.24
CA LYS B 355 -30.10 -20.77 12.69
C LYS B 355 -30.46 -22.06 13.41
N GLY B 356 -30.72 -21.96 14.71
CA GLY B 356 -31.09 -23.13 15.49
C GLY B 356 -30.00 -23.62 16.42
N ALA B 357 -28.97 -22.81 16.61
CA ALA B 357 -27.85 -23.20 17.47
C ALA B 357 -28.15 -23.02 18.95
N GLY B 358 -29.15 -22.22 19.31
CA GLY B 358 -29.41 -21.94 20.70
C GLY B 358 -28.52 -20.83 21.21
N LYS B 359 -28.27 -19.84 20.37
CA LYS B 359 -27.43 -18.70 20.72
C LYS B 359 -28.16 -17.65 21.53
N THR B 360 -29.49 -17.54 21.38
CA THR B 360 -30.23 -16.56 22.17
C THR B 360 -30.29 -16.97 23.63
N SER B 361 -30.45 -18.27 23.89
CA SER B 361 -30.50 -18.75 25.26
C SER B 361 -29.16 -18.54 25.97
N PHE B 362 -28.06 -18.57 25.22
CA PHE B 362 -26.75 -18.40 25.83
C PHE B 362 -26.35 -16.94 25.93
N LEU B 363 -26.47 -16.19 24.83
CA LEU B 363 -26.00 -14.82 24.80
C LEU B 363 -26.79 -13.92 25.74
N SER B 364 -27.93 -14.38 26.25
CA SER B 364 -28.62 -13.63 27.30
C SER B 364 -27.98 -13.87 28.66
N THR B 365 -27.48 -15.08 28.89
CA THR B 365 -26.74 -15.35 30.12
C THR B 365 -25.35 -14.75 30.08
N TYR B 366 -24.72 -14.77 28.90
CA TYR B 366 -23.42 -14.12 28.76
C TYR B 366 -23.53 -12.63 29.02
N ALA B 367 -24.66 -12.03 28.68
CA ALA B 367 -24.83 -10.59 28.84
C ALA B 367 -25.04 -10.21 30.30
N GLU B 368 -25.64 -11.09 31.09
CA GLU B 368 -25.80 -10.81 32.52
C GLU B 368 -24.47 -10.96 33.24
N GLN B 369 -23.67 -11.95 32.86
CA GLN B 369 -22.39 -12.16 33.52
C GLN B 369 -21.39 -11.08 33.15
N LEU B 370 -21.58 -10.44 31.99
CA LEU B 370 -20.74 -9.31 31.62
C LEU B 370 -21.20 -8.04 32.31
N SER B 371 -22.51 -7.88 32.51
CA SER B 371 -23.03 -6.71 33.20
C SER B 371 -22.65 -6.73 34.68
N LEU B 372 -22.63 -7.91 35.29
CA LEU B 372 -22.28 -8.00 36.70
C LEU B 372 -20.81 -7.76 36.92
N ALA B 373 -19.96 -8.19 36.00
CA ALA B 373 -18.52 -8.04 36.17
C ALA B 373 -18.06 -6.64 35.83
N SER B 374 -18.55 -6.10 34.70
CA SER B 374 -18.17 -4.75 34.31
C SER B 374 -18.86 -3.69 35.16
N GLY B 375 -20.03 -4.00 35.69
CA GLY B 375 -20.79 -3.02 36.44
C GLY B 375 -21.62 -2.08 35.60
N GLN B 376 -21.74 -2.33 34.30
CA GLN B 376 -22.45 -1.46 33.38
C GLN B 376 -23.66 -2.19 32.79
N VAL B 377 -24.45 -1.46 32.03
CA VAL B 377 -25.64 -1.98 31.38
C VAL B 377 -25.24 -2.52 30.01
N VAL B 378 -25.74 -3.70 29.66
CA VAL B 378 -25.39 -4.36 28.41
C VAL B 378 -26.67 -4.63 27.64
N GLY B 379 -26.72 -4.16 26.40
CA GLY B 379 -27.85 -4.41 25.53
C GLY B 379 -27.61 -5.63 24.64
N HIS B 380 -28.70 -6.24 24.19
CA HIS B 380 -28.63 -7.50 23.46
C HIS B 380 -29.78 -7.57 22.46
N LEU B 381 -29.48 -7.31 21.20
CA LEU B 381 -30.45 -7.47 20.13
C LEU B 381 -30.34 -8.87 19.54
N SER B 382 -31.49 -9.52 19.36
CA SER B 382 -31.49 -10.84 18.74
C SER B 382 -31.14 -10.75 17.27
N SER B 383 -30.89 -11.91 16.66
CA SER B 383 -30.64 -11.97 15.23
C SER B 383 -31.89 -11.70 14.41
N ASP B 384 -33.07 -11.73 15.04
CA ASP B 384 -34.33 -11.49 14.37
C ASP B 384 -34.88 -10.09 14.69
N ALA B 385 -34.05 -9.24 15.27
CA ALA B 385 -34.53 -7.93 15.72
C ALA B 385 -35.02 -7.08 14.56
N TYR B 386 -34.23 -7.01 13.48
CA TYR B 386 -34.60 -6.15 12.36
C TYR B 386 -35.79 -6.69 11.59
N GLY B 387 -35.88 -8.01 11.43
CA GLY B 387 -36.96 -8.56 10.63
C GLY B 387 -38.31 -8.45 11.31
N ARG B 388 -38.33 -8.57 12.64
CA ARG B 388 -39.56 -8.38 13.39
C ARG B 388 -39.97 -6.92 13.47
N TRP B 389 -38.99 -6.01 13.46
CA TRP B 389 -39.31 -4.59 13.38
C TRP B 389 -39.80 -4.23 11.99
N LEU B 390 -39.16 -4.76 10.96
CA LEU B 390 -39.54 -4.45 9.60
C LEU B 390 -40.92 -5.02 9.26
N ALA B 391 -41.33 -6.10 9.91
CA ALA B 391 -42.66 -6.62 9.67
C ALA B 391 -43.75 -5.67 10.13
N LYS B 392 -43.47 -4.83 11.12
CA LYS B 392 -44.44 -3.91 11.68
C LYS B 392 -44.36 -2.52 11.05
N ASN B 393 -43.16 -2.07 10.71
CA ASN B 393 -42.93 -0.69 10.30
C ASN B 393 -42.49 -0.57 8.85
N LYS B 394 -42.85 -1.54 8.00
CA LYS B 394 -42.44 -1.45 6.60
C LYS B 394 -43.23 -0.41 5.83
N ASP B 395 -44.44 -0.08 6.29
CA ASP B 395 -45.27 0.92 5.63
C ASP B 395 -45.29 2.25 6.37
N VAL B 396 -44.95 2.25 7.66
CA VAL B 396 -44.87 3.49 8.44
C VAL B 396 -43.80 4.38 7.84
N GLU B 397 -44.12 5.66 7.66
CA GLU B 397 -43.19 6.57 7.00
C GLU B 397 -42.08 7.03 7.92
N GLU B 398 -42.40 7.26 9.20
CA GLU B 398 -41.42 7.70 10.20
C GLU B 398 -41.48 6.76 11.39
N PRO B 399 -40.91 5.58 11.27
CA PRO B 399 -40.97 4.59 12.35
C PRO B 399 -40.07 5.00 13.51
N SER B 400 -40.22 4.30 14.62
CA SER B 400 -39.48 4.58 15.83
C SER B 400 -38.29 3.64 15.95
N PHE B 401 -37.14 4.19 16.34
CA PHE B 401 -35.91 3.43 16.49
C PHE B 401 -35.46 3.38 17.95
N ALA B 402 -36.37 3.57 18.89
CA ALA B 402 -36.00 3.56 20.29
C ALA B 402 -35.67 2.15 20.75
N TYR B 403 -34.69 2.05 21.65
CA TYR B 403 -34.21 0.74 22.07
C TYR B 403 -35.29 -0.04 22.80
N ASP B 404 -36.12 0.65 23.58
CA ASP B 404 -37.17 -0.04 24.34
C ASP B 404 -38.32 -0.47 23.45
N TYR B 405 -38.51 0.21 22.31
CA TYR B 405 -39.53 -0.22 21.36
C TYR B 405 -39.05 -1.42 20.57
N VAL B 406 -37.80 -1.39 20.10
CA VAL B 406 -37.25 -2.51 19.36
C VAL B 406 -37.12 -3.74 20.25
N LEU B 407 -36.78 -3.53 21.53
CA LEU B 407 -36.61 -4.65 22.44
C LEU B 407 -37.93 -5.37 22.71
N SER B 408 -39.05 -4.66 22.63
CA SER B 408 -40.34 -5.27 22.92
C SER B 408 -40.87 -6.07 21.74
N LEU B 409 -40.39 -5.78 20.52
CA LEU B 409 -40.74 -6.57 19.36
C LEU B 409 -39.90 -7.82 19.20
N ASP B 410 -38.87 -7.98 20.02
CA ASP B 410 -37.90 -9.07 19.89
C ASP B 410 -38.35 -10.34 20.57
N THR B 411 -39.65 -10.53 20.74
CA THR B 411 -40.17 -11.75 21.34
C THR B 411 -40.46 -12.79 20.26
N ASP B 412 -40.60 -14.04 20.69
CA ASP B 412 -40.77 -15.15 19.77
C ASP B 412 -42.17 -15.21 19.16
N ASP B 413 -43.12 -14.45 19.68
CA ASP B 413 -44.47 -14.45 19.11
C ASP B 413 -44.62 -13.49 17.94
N ASN B 414 -43.63 -12.64 17.70
CA ASN B 414 -43.67 -11.74 16.55
C ASN B 414 -43.03 -12.42 15.35
N GLU B 415 -43.74 -12.40 14.22
CA GLU B 415 -43.23 -12.99 12.99
C GLU B 415 -42.25 -12.05 12.33
N SER B 416 -41.24 -12.63 11.68
CA SER B 416 -40.23 -11.85 11.00
C SER B 416 -40.67 -11.52 9.59
N TYR B 417 -40.05 -10.47 9.02
CA TYR B 417 -40.34 -10.11 7.65
C TYR B 417 -39.78 -11.14 6.68
N TYR B 418 -38.62 -11.71 7.01
CA TYR B 418 -37.98 -12.67 6.12
C TYR B 418 -38.70 -14.01 6.15
N GLU B 419 -39.43 -14.30 7.21
CA GLU B 419 -40.17 -15.56 7.28
C GLU B 419 -41.46 -15.46 6.49
N GLN B 420 -42.00 -14.26 6.32
CA GLN B 420 -43.22 -14.10 5.53
C GLN B 420 -42.93 -14.19 4.05
N LYS B 421 -41.74 -13.74 3.63
CA LYS B 421 -41.40 -13.79 2.21
C LYS B 421 -40.98 -15.19 1.79
N ALA B 422 -40.28 -15.91 2.67
CA ALA B 422 -39.87 -17.28 2.35
C ALA B 422 -41.05 -18.24 2.47
N SER B 423 -42.07 -17.87 3.23
CA SER B 423 -43.27 -18.70 3.30
C SER B 423 -44.05 -18.63 1.99
N GLU B 424 -44.25 -17.42 1.46
CA GLU B 424 -44.97 -17.28 0.20
C GLU B 424 -44.11 -17.70 -0.97
N LEU B 425 -42.78 -17.69 -0.79
CA LEU B 425 -41.90 -18.17 -1.84
C LEU B 425 -41.96 -19.69 -1.96
N LEU B 426 -41.99 -20.39 -0.83
CA LEU B 426 -42.07 -21.84 -0.87
C LEU B 426 -43.43 -22.32 -1.37
N ILE B 427 -44.45 -21.47 -1.29
CA ILE B 427 -45.76 -21.87 -1.80
C ILE B 427 -45.82 -21.71 -3.32
N SER B 428 -45.19 -20.68 -3.87
CA SER B 428 -45.18 -20.50 -5.31
C SER B 428 -44.52 -21.69 -6.01
N HIS B 429 -43.71 -22.45 -5.28
CA HIS B 429 -43.12 -23.67 -5.82
C HIS B 429 -43.85 -24.92 -5.37
N GLY B 430 -44.78 -24.81 -4.43
CA GLY B 430 -45.58 -25.94 -4.01
C GLY B 430 -45.11 -26.65 -2.77
N ILE B 431 -44.15 -26.08 -2.04
CA ILE B 431 -43.61 -26.72 -0.84
C ILE B 431 -44.41 -26.27 0.37
N SER B 432 -44.90 -27.24 1.14
CA SER B 432 -45.67 -26.95 2.34
C SER B 432 -45.26 -27.75 3.56
N GLU B 433 -44.51 -28.85 3.39
CA GLU B 433 -44.06 -29.67 4.49
C GLU B 433 -42.56 -29.92 4.33
N VAL B 434 -41.95 -30.42 5.41
CA VAL B 434 -40.53 -30.71 5.36
C VAL B 434 -40.25 -31.86 4.39
N ALA B 435 -41.17 -32.83 4.32
CA ALA B 435 -40.96 -33.98 3.46
C ALA B 435 -40.93 -33.63 1.98
N GLN B 436 -41.68 -32.62 1.56
CA GLN B 436 -41.59 -32.16 0.18
C GLN B 436 -40.29 -31.45 -0.11
N TYR B 437 -39.73 -30.76 0.87
CA TYR B 437 -38.48 -30.02 0.70
C TYR B 437 -37.27 -30.94 0.67
N GLU B 438 -37.23 -31.95 1.54
CA GLU B 438 -36.11 -32.87 1.57
C GLU B 438 -36.07 -33.78 0.34
N LEU B 439 -37.17 -33.86 -0.41
CA LEU B 439 -37.21 -34.66 -1.63
C LEU B 439 -36.58 -33.97 -2.81
N LEU B 440 -36.40 -32.65 -2.75
CA LEU B 440 -35.82 -31.91 -3.85
C LEU B 440 -34.34 -32.22 -3.98
N SER B 441 -33.82 -32.05 -5.19
CA SER B 441 -32.40 -32.23 -5.45
C SER B 441 -31.65 -30.97 -5.03
N VAL B 442 -30.32 -31.03 -5.06
CA VAL B 442 -29.52 -29.89 -4.63
C VAL B 442 -29.74 -28.71 -5.57
N ARG B 443 -29.80 -28.98 -6.88
CA ARG B 443 -29.93 -27.90 -7.84
C ARG B 443 -31.28 -27.20 -7.73
N LYS B 444 -32.34 -27.94 -7.38
CA LYS B 444 -33.63 -27.31 -7.20
C LYS B 444 -33.67 -26.46 -5.95
N LYS B 445 -33.01 -26.89 -4.87
CA LYS B 445 -32.94 -26.08 -3.66
C LYS B 445 -32.13 -24.81 -3.89
N ILE B 446 -30.95 -24.95 -4.48
CA ILE B 446 -30.07 -23.81 -4.72
C ILE B 446 -30.75 -22.80 -5.62
N LYS B 447 -31.58 -23.26 -6.54
CA LYS B 447 -32.29 -22.34 -7.43
C LYS B 447 -33.34 -21.52 -6.67
N MET B 448 -33.84 -22.02 -5.56
CA MET B 448 -34.77 -21.28 -4.72
C MET B 448 -34.07 -20.33 -3.77
N MET B 449 -32.90 -20.71 -3.27
CA MET B 449 -32.14 -19.82 -2.40
C MET B 449 -31.64 -18.60 -3.14
N ASP B 450 -31.46 -18.70 -4.46
CA ASP B 450 -31.05 -17.55 -5.24
C ASP B 450 -32.17 -16.51 -5.32
N GLU B 451 -33.43 -16.97 -5.26
CA GLU B 451 -34.54 -16.03 -5.22
C GLU B 451 -34.73 -15.43 -3.83
N MET B 452 -34.38 -16.19 -2.79
CA MET B 452 -34.38 -15.63 -1.45
C MET B 452 -33.23 -14.66 -1.25
N ASN B 453 -32.14 -14.83 -1.99
CA ASN B 453 -31.05 -13.87 -1.94
C ASN B 453 -31.43 -12.54 -2.55
N GLU B 454 -32.47 -12.52 -3.39
CA GLU B 454 -32.93 -11.26 -3.96
C GLU B 454 -33.76 -10.46 -2.95
N VAL B 455 -34.40 -11.15 -2.01
CA VAL B 455 -35.13 -10.47 -0.95
C VAL B 455 -34.19 -9.93 0.12
N LEU B 456 -33.04 -10.58 0.33
CA LEU B 456 -32.09 -10.11 1.33
C LEU B 456 -31.25 -8.96 0.82
N ILE B 457 -30.90 -8.96 -0.47
CA ILE B 457 -30.08 -7.89 -1.03
C ILE B 457 -30.84 -6.57 -1.04
N ALA B 458 -32.16 -6.60 -1.13
CA ALA B 458 -32.94 -5.37 -1.22
C ALA B 458 -32.98 -4.62 0.09
N GLN B 459 -32.63 -5.25 1.20
CA GLN B 459 -32.55 -4.58 2.49
C GLN B 459 -31.14 -4.22 2.91
N LEU B 460 -30.14 -4.59 2.11
CA LEU B 460 -28.75 -4.37 2.42
C LEU B 460 -28.05 -3.45 1.44
N GLU B 461 -28.73 -3.06 0.36
CA GLU B 461 -28.08 -2.44 -0.79
C GLU B 461 -27.89 -0.94 -0.63
N ASN B 462 -28.83 -0.28 0.03
CA ASN B 462 -28.79 1.16 0.23
C ASN B 462 -28.84 1.47 1.72
N ALA B 463 -28.88 2.75 2.04
CA ALA B 463 -29.12 3.23 3.40
C ALA B 463 -30.34 4.13 3.33
N ASP B 464 -31.52 3.51 3.37
CA ASP B 464 -32.79 4.21 3.32
C ASP B 464 -33.41 4.19 4.70
N THR B 465 -34.64 4.70 4.81
CA THR B 465 -35.27 4.73 6.12
C THR B 465 -35.47 3.34 6.69
N HIS B 466 -35.91 2.38 5.87
CA HIS B 466 -36.19 1.04 6.32
C HIS B 466 -35.09 0.06 6.01
N SER B 467 -33.93 0.54 5.59
CA SER B 467 -32.81 -0.33 5.33
C SER B 467 -32.28 -0.95 6.62
N GLU B 468 -31.48 -2.00 6.46
CA GLU B 468 -30.88 -2.64 7.62
C GLU B 468 -29.74 -1.81 8.19
N ARG B 469 -28.99 -1.11 7.35
CA ARG B 469 -27.89 -0.29 7.83
C ARG B 469 -28.40 0.89 8.65
N ASN B 470 -29.50 1.52 8.21
CA ASN B 470 -30.05 2.64 8.95
C ASN B 470 -30.69 2.19 10.25
N PHE B 471 -31.31 1.01 10.26
CA PHE B 471 -31.90 0.49 11.49
C PHE B 471 -30.84 0.37 12.58
N TYR B 472 -29.77 -0.37 12.31
CA TYR B 472 -28.74 -0.57 13.31
C TYR B 472 -27.98 0.72 13.62
N TYR B 473 -28.00 1.69 12.71
CA TYR B 473 -27.39 2.98 12.99
C TYR B 473 -28.25 3.79 13.96
N MET B 474 -29.55 3.85 13.69
CA MET B 474 -30.43 4.63 14.57
C MET B 474 -30.63 3.98 15.91
N VAL B 475 -30.35 2.68 16.04
CA VAL B 475 -30.50 2.00 17.32
C VAL B 475 -29.25 2.14 18.16
N SER B 476 -28.07 1.92 17.56
CA SER B 476 -26.83 1.98 18.33
C SER B 476 -26.50 3.41 18.74
N THR B 477 -26.78 4.39 17.88
CA THR B 477 -26.46 5.79 18.15
C THR B 477 -27.59 6.51 18.85
N GLY B 478 -28.53 5.78 19.42
CA GLY B 478 -29.62 6.41 20.15
C GLY B 478 -29.18 6.94 21.49
N LYS B 479 -29.98 7.87 22.02
CA LYS B 479 -29.63 8.52 23.27
C LYS B 479 -29.76 7.56 24.45
N THR B 480 -30.81 6.76 24.47
CA THR B 480 -31.10 5.87 25.59
C THR B 480 -30.67 4.43 25.34
N THR B 481 -29.90 4.18 24.29
CA THR B 481 -29.42 2.83 24.02
C THR B 481 -28.22 2.53 24.92
N PRO B 482 -28.13 1.32 25.46
CA PRO B 482 -26.97 0.96 26.28
C PRO B 482 -25.65 1.18 25.55
N ARG B 483 -24.62 1.44 26.35
CA ARG B 483 -23.31 1.71 25.78
C ARG B 483 -22.66 0.44 25.25
N THR B 484 -22.93 -0.68 25.91
CA THR B 484 -22.44 -1.99 25.47
C THR B 484 -23.57 -2.75 24.79
N LEU B 485 -23.32 -3.20 23.57
CA LEU B 485 -24.31 -3.94 22.80
C LEU B 485 -23.75 -5.27 22.36
N ILE B 486 -24.62 -6.26 22.24
CA ILE B 486 -24.27 -7.56 21.68
C ILE B 486 -25.32 -7.86 20.63
N VAL B 487 -24.92 -7.76 19.37
CA VAL B 487 -25.81 -7.98 18.24
C VAL B 487 -25.50 -9.34 17.62
N GLU B 488 -26.54 -10.08 17.29
CA GLU B 488 -26.41 -11.36 16.62
C GLU B 488 -26.70 -11.20 15.14
N GLY B 489 -26.04 -12.01 14.32
CA GLY B 489 -26.18 -11.93 12.89
C GLY B 489 -26.48 -13.29 12.29
N HIS B 490 -26.74 -13.28 11.00
CA HIS B 490 -27.11 -14.48 10.27
C HIS B 490 -26.12 -14.85 9.16
N PHE B 491 -25.60 -13.87 8.43
CA PHE B 491 -24.66 -14.19 7.36
C PHE B 491 -23.64 -13.07 7.27
N ASN B 492 -22.54 -13.38 6.59
CA ASN B 492 -21.38 -12.49 6.56
C ASN B 492 -21.64 -11.18 5.83
N ALA B 493 -22.65 -11.10 4.98
CA ALA B 493 -22.92 -9.85 4.28
C ALA B 493 -23.45 -8.77 5.20
N GLN B 494 -23.94 -9.13 6.38
CA GLN B 494 -24.37 -8.14 7.35
C GLN B 494 -23.21 -7.43 8.02
N ASP B 495 -22.00 -7.70 7.57
CA ASP B 495 -20.82 -7.04 8.09
C ASP B 495 -20.89 -5.55 7.77
N ALA B 496 -21.41 -5.22 6.59
CA ALA B 496 -21.48 -3.85 6.11
C ALA B 496 -22.63 -3.06 6.69
N THR B 497 -23.52 -3.70 7.44
CA THR B 497 -24.72 -3.04 7.95
C THR B 497 -24.77 -2.99 9.47
N ILE B 498 -24.46 -4.09 10.15
CA ILE B 498 -24.48 -4.10 11.61
C ILE B 498 -23.38 -3.16 12.11
N ALA B 499 -23.48 -2.79 13.39
CA ALA B 499 -22.73 -1.65 13.94
C ALA B 499 -21.25 -1.71 13.60
N ARG B 500 -20.65 -0.52 13.54
CA ARG B 500 -19.23 -0.38 13.28
C ARG B 500 -18.43 -0.91 14.47
N THR B 501 -17.78 -2.06 14.28
CA THR B 501 -17.08 -2.75 15.35
C THR B 501 -15.75 -3.27 14.84
N ASP B 502 -14.98 -3.85 15.76
CA ASP B 502 -13.69 -4.44 15.48
C ASP B 502 -13.61 -5.90 15.88
N THR B 503 -14.68 -6.45 16.44
CA THR B 503 -14.68 -7.81 16.98
C THR B 503 -15.93 -8.54 16.54
N THR B 504 -15.78 -9.44 15.56
CA THR B 504 -16.87 -10.31 15.15
C THR B 504 -16.42 -11.76 15.26
N VAL B 505 -17.27 -12.59 15.84
CA VAL B 505 -16.95 -13.99 16.10
C VAL B 505 -18.05 -14.85 15.49
N LEU B 506 -17.77 -16.14 15.36
CA LEU B 506 -18.74 -17.13 14.91
C LEU B 506 -18.90 -18.15 16.03
N LEU B 507 -20.14 -18.35 16.47
CA LEU B 507 -20.39 -19.22 17.62
C LEU B 507 -20.89 -20.59 17.18
N ARG B 508 -20.25 -21.63 17.70
CA ARG B 508 -20.67 -23.01 17.49
C ARG B 508 -21.16 -23.57 18.81
N THR B 509 -22.24 -24.35 18.76
CA THR B 509 -22.78 -25.01 19.93
C THR B 509 -22.78 -26.52 19.71
N ILE B 510 -23.28 -27.24 20.71
CA ILE B 510 -23.53 -28.67 20.57
C ILE B 510 -24.94 -28.85 20.02
N ASN B 511 -25.11 -28.67 18.73
CA ASN B 511 -26.45 -28.71 18.15
C ASN B 511 -26.33 -29.06 16.68
N ASP B 512 -27.06 -30.09 16.26
CA ASP B 512 -27.29 -30.29 14.85
C ASP B 512 -28.35 -29.28 14.44
N THR B 513 -27.94 -28.25 13.72
CA THR B 513 -28.84 -27.15 13.41
C THR B 513 -29.93 -27.57 12.45
N THR B 514 -29.63 -28.46 11.51
CA THR B 514 -30.67 -29.00 10.64
C THR B 514 -31.60 -29.95 11.36
N GLN B 515 -31.19 -30.50 12.50
CA GLN B 515 -32.02 -31.40 13.28
C GLN B 515 -32.92 -30.65 14.25
N ALA B 516 -32.43 -29.54 14.81
CA ALA B 516 -33.28 -28.70 15.63
C ALA B 516 -34.28 -27.92 14.80
N MET B 517 -34.11 -27.87 13.48
CA MET B 517 -35.02 -27.15 12.61
C MET B 517 -36.12 -28.03 12.05
N ARG B 518 -35.85 -29.31 11.84
CA ARG B 518 -36.87 -30.22 11.35
C ARG B 518 -37.60 -30.97 12.46
N ASP B 519 -37.09 -30.92 13.69
CA ASP B 519 -37.75 -31.50 14.85
C ASP B 519 -38.43 -30.45 15.71
N ARG B 520 -38.94 -29.38 15.10
CA ARG B 520 -39.60 -28.31 15.83
C ARG B 520 -41.00 -28.10 15.26
N GLN B 521 -41.71 -27.17 15.85
CA GLN B 521 -43.04 -26.76 15.41
C GLN B 521 -42.99 -25.29 15.00
N ARG B 522 -44.17 -24.72 14.75
CA ARG B 522 -44.31 -23.31 14.36
C ARG B 522 -43.59 -23.05 13.04
N GLY B 523 -44.05 -23.74 12.00
CA GLY B 523 -43.52 -23.56 10.66
C GLY B 523 -42.15 -24.18 10.47
N GLY B 524 -42.08 -25.51 10.53
CA GLY B 524 -40.79 -26.18 10.46
C GLY B 524 -40.16 -26.20 9.09
N VAL B 525 -40.91 -25.88 8.03
CA VAL B 525 -40.35 -25.96 6.68
C VAL B 525 -39.72 -24.64 6.29
N VAL B 526 -40.29 -23.52 6.73
CA VAL B 526 -39.67 -22.23 6.45
C VAL B 526 -38.41 -22.07 7.30
N GLN B 527 -38.44 -22.62 8.51
CA GLN B 527 -37.28 -22.53 9.39
C GLN B 527 -36.12 -23.35 8.85
N LEU B 528 -36.40 -24.50 8.24
CA LEU B 528 -35.34 -25.31 7.66
C LEU B 528 -34.86 -24.72 6.35
N PHE B 529 -35.74 -24.04 5.62
CA PHE B 529 -35.34 -23.43 4.36
C PHE B 529 -34.42 -22.24 4.60
N LEU B 530 -34.77 -21.39 5.58
CA LEU B 530 -33.93 -20.24 5.88
C LEU B 530 -32.61 -20.66 6.51
N ARG B 531 -32.58 -21.78 7.22
CA ARG B 531 -31.33 -22.28 7.75
C ARG B 531 -30.37 -22.66 6.64
N ASP B 532 -30.88 -23.26 5.56
CA ASP B 532 -30.02 -23.61 4.43
C ASP B 532 -29.64 -22.38 3.63
N THR B 533 -30.55 -21.41 3.51
CA THR B 533 -30.23 -20.18 2.78
C THR B 533 -29.15 -19.40 3.50
N TYR B 534 -29.27 -19.25 4.82
CA TYR B 534 -28.26 -18.51 5.57
C TYR B 534 -26.94 -19.27 5.62
N TYR B 535 -26.99 -20.59 5.76
CA TYR B 535 -25.76 -21.38 5.79
C TYR B 535 -24.94 -21.16 4.54
N ARG B 536 -25.60 -21.03 3.39
CA ARG B 536 -24.92 -20.85 2.13
C ARG B 536 -24.29 -19.47 2.02
N LEU B 537 -24.56 -18.58 2.97
CA LEU B 537 -24.00 -17.24 3.01
C LEU B 537 -23.08 -17.01 4.18
N LEU B 538 -22.81 -18.04 4.99
CA LEU B 538 -22.03 -17.89 6.21
C LEU B 538 -20.93 -18.95 6.26
N PRO B 539 -19.81 -18.72 5.62
CA PRO B 539 -18.62 -19.55 5.85
C PRO B 539 -18.00 -19.22 7.19
N ALA B 540 -17.01 -20.03 7.58
CA ALA B 540 -16.29 -19.81 8.83
C ALA B 540 -15.05 -18.98 8.56
N LEU B 541 -15.29 -17.73 8.18
CA LEU B 541 -14.22 -16.80 7.85
C LEU B 541 -13.91 -15.84 9.00
N HIS B 542 -14.68 -15.87 10.07
CA HIS B 542 -14.41 -15.14 11.29
C HIS B 542 -14.03 -16.13 12.39
N THR B 543 -13.42 -15.61 13.45
CA THR B 543 -12.88 -16.47 14.50
C THR B 543 -13.98 -17.27 15.17
N THR B 544 -13.74 -18.56 15.33
CA THR B 544 -14.72 -19.46 15.92
C THR B 544 -14.53 -19.54 17.43
N VAL B 545 -15.63 -19.45 18.17
CA VAL B 545 -15.62 -19.51 19.63
C VAL B 545 -16.66 -20.52 20.08
N TYR B 546 -16.54 -20.96 21.31
CA TYR B 546 -17.50 -21.83 21.96
C TYR B 546 -18.08 -21.15 23.18
N PRO B 547 -19.28 -21.54 23.62
CA PRO B 547 -19.84 -20.94 24.84
C PRO B 547 -18.94 -21.07 26.05
N PHE B 548 -18.17 -22.14 26.16
CA PHE B 548 -17.29 -22.27 27.32
C PHE B 548 -16.04 -21.41 27.19
N GLU B 549 -15.71 -20.95 25.98
CA GLU B 549 -14.61 -20.02 25.83
C GLU B 549 -15.06 -18.58 26.07
N MET B 550 -16.29 -18.27 25.69
CA MET B 550 -16.79 -16.91 25.88
C MET B 550 -17.05 -16.62 27.35
N LEU B 551 -17.37 -17.63 28.14
CA LEU B 551 -17.47 -17.43 29.58
C LEU B 551 -16.11 -17.40 30.24
N GLU B 552 -15.14 -18.13 29.69
CA GLU B 552 -13.81 -18.15 30.27
C GLU B 552 -13.09 -16.83 30.12
N SER B 553 -13.41 -16.06 29.08
CA SER B 553 -12.72 -14.78 28.88
C SER B 553 -13.11 -13.78 29.95
N ILE B 554 -14.36 -13.83 30.42
CA ILE B 554 -14.81 -12.92 31.46
C ILE B 554 -14.08 -13.20 32.77
N ARG B 555 -13.85 -14.48 33.07
CA ARG B 555 -13.17 -14.84 34.32
C ARG B 555 -11.68 -14.50 34.29
N ARG B 556 -11.04 -14.55 33.14
CA ARG B 556 -9.61 -14.28 33.06
C ARG B 556 -9.29 -12.80 33.01
N TRP B 557 -10.28 -11.97 32.73
CA TRP B 557 -10.08 -10.52 32.70
C TRP B 557 -10.02 -9.99 34.12
N LYS B 558 -9.15 -9.01 34.34
CA LYS B 558 -9.04 -8.40 35.66
C LYS B 558 -9.88 -7.13 35.70
N TRP B 559 -11.04 -7.23 36.36
CA TRP B 559 -11.96 -6.11 36.50
C TRP B 559 -11.52 -5.26 37.69
N VAL B 560 -11.10 -4.03 37.41
CA VAL B 560 -10.56 -3.12 38.42
C VAL B 560 -9.34 -3.73 39.11
#